data_2EQX
#
_entry.id   2EQX
#
_entity_poly.entity_id   1
_entity_poly.type   'polypeptide(L)'
_entity_poly.pdbx_seq_one_letter_code
;GSSGSSGVQVGNCLQVMWLADRHSDPELYTAAKHCAKTHLAQLQNTEEFLHLPHRLLTDIISDGVPCSQNPTEAIEAWIN
FNKEEREAFAESLRTSLKEIGENVH
;
_entity_poly.pdbx_strand_id   A
#
# COMPACT_ATOMS: atom_id res chain seq x y z
N GLY A 1 -10.68 -14.48 -28.85
CA GLY A 1 -11.60 -13.69 -28.05
C GLY A 1 -11.05 -13.37 -26.68
N SER A 2 -11.82 -12.61 -25.90
CA SER A 2 -11.40 -12.23 -24.56
C SER A 2 -10.89 -13.43 -23.78
N SER A 3 -9.57 -13.57 -23.72
CA SER A 3 -8.94 -14.68 -23.02
C SER A 3 -7.74 -14.21 -22.21
N GLY A 4 -7.58 -14.77 -21.01
CA GLY A 4 -6.48 -14.39 -20.16
C GLY A 4 -6.15 -15.46 -19.12
N SER A 5 -5.22 -15.14 -18.23
CA SER A 5 -4.82 -16.08 -17.19
C SER A 5 -4.90 -15.43 -15.80
N SER A 6 -4.76 -16.25 -14.77
CA SER A 6 -4.82 -15.75 -13.40
C SER A 6 -3.55 -14.98 -13.03
N GLY A 7 -3.72 -13.79 -12.50
CA GLY A 7 -2.57 -12.97 -12.12
C GLY A 7 -2.78 -12.28 -10.78
N VAL A 8 -2.84 -10.95 -10.81
CA VAL A 8 -3.03 -10.17 -9.60
C VAL A 8 -4.16 -9.16 -9.76
N GLN A 9 -4.83 -8.85 -8.66
CA GLN A 9 -5.94 -7.90 -8.68
C GLN A 9 -5.90 -6.98 -7.46
N VAL A 10 -6.10 -5.70 -7.69
CA VAL A 10 -6.09 -4.72 -6.60
C VAL A 10 -6.78 -5.27 -5.36
N GLY A 11 -7.77 -6.14 -5.57
CA GLY A 11 -8.49 -6.73 -4.46
C GLY A 11 -7.65 -7.73 -3.69
N ASN A 12 -6.96 -8.60 -4.42
CA ASN A 12 -6.12 -9.62 -3.81
C ASN A 12 -4.64 -9.31 -4.00
N CYS A 13 -4.34 -8.04 -4.24
CA CYS A 13 -2.96 -7.61 -4.46
C CYS A 13 -2.17 -7.64 -3.15
N LEU A 14 -2.79 -7.14 -2.09
CA LEU A 14 -2.15 -7.11 -0.78
C LEU A 14 -1.73 -8.51 -0.34
N GLN A 15 -2.70 -9.42 -0.26
CA GLN A 15 -2.42 -10.79 0.15
C GLN A 15 -1.28 -11.38 -0.68
N VAL A 16 -1.34 -11.18 -2.00
CA VAL A 16 -0.31 -11.70 -2.89
C VAL A 16 1.04 -11.08 -2.58
N MET A 17 1.17 -9.78 -2.79
CA MET A 17 2.42 -9.07 -2.51
C MET A 17 2.96 -9.42 -1.14
N TRP A 18 2.06 -9.54 -0.17
CA TRP A 18 2.45 -9.87 1.20
C TRP A 18 3.27 -11.16 1.23
N LEU A 19 2.63 -12.28 0.93
CA LEU A 19 3.29 -13.57 0.92
C LEU A 19 4.58 -13.51 0.10
N ALA A 20 4.49 -12.91 -1.08
CA ALA A 20 5.63 -12.78 -1.97
C ALA A 20 6.86 -12.25 -1.22
N ASP A 21 6.70 -11.10 -0.59
CA ASP A 21 7.79 -10.49 0.17
C ASP A 21 8.33 -11.45 1.21
N ARG A 22 7.43 -12.18 1.87
CA ARG A 22 7.82 -13.14 2.90
C ARG A 22 8.61 -14.29 2.29
N HIS A 23 8.40 -14.53 1.00
CA HIS A 23 9.08 -15.61 0.30
C HIS A 23 10.15 -15.05 -0.64
N SER A 24 10.65 -13.86 -0.33
CA SER A 24 11.67 -13.22 -1.15
C SER A 24 11.29 -13.29 -2.63
N ASP A 25 10.02 -13.02 -2.93
CA ASP A 25 9.54 -13.06 -4.30
C ASP A 25 9.39 -11.64 -4.87
N PRO A 26 10.42 -11.18 -5.60
CA PRO A 26 10.43 -9.85 -6.20
C PRO A 26 9.44 -9.73 -7.35
N GLU A 27 9.45 -10.71 -8.25
CA GLU A 27 8.55 -10.71 -9.39
C GLU A 27 7.12 -10.42 -8.95
N LEU A 28 6.60 -11.26 -8.06
CA LEU A 28 5.23 -11.10 -7.57
C LEU A 28 5.13 -9.86 -6.67
N TYR A 29 5.83 -9.90 -5.55
CA TYR A 29 5.82 -8.78 -4.60
C TYR A 29 5.79 -7.45 -5.34
N THR A 30 6.73 -7.27 -6.26
CA THR A 30 6.84 -6.04 -7.03
C THR A 30 5.54 -5.78 -7.80
N ALA A 31 5.09 -6.78 -8.55
CA ALA A 31 3.87 -6.66 -9.33
C ALA A 31 2.71 -6.17 -8.48
N ALA A 32 2.27 -7.01 -7.55
CA ALA A 32 1.17 -6.66 -6.66
C ALA A 32 1.43 -5.34 -5.95
N LYS A 33 2.63 -5.21 -5.38
CA LYS A 33 3.01 -4.01 -4.67
C LYS A 33 2.71 -2.76 -5.51
N HIS A 34 3.09 -2.81 -6.78
CA HIS A 34 2.86 -1.69 -7.69
C HIS A 34 1.37 -1.37 -7.81
N CYS A 35 0.60 -2.36 -8.25
CA CYS A 35 -0.84 -2.19 -8.40
C CYS A 35 -1.46 -1.61 -7.14
N ALA A 36 -0.79 -1.82 -6.01
CA ALA A 36 -1.28 -1.32 -4.73
C ALA A 36 -1.08 0.19 -4.63
N LYS A 37 0.14 0.64 -4.85
CA LYS A 37 0.47 2.07 -4.78
C LYS A 37 -0.45 2.87 -5.69
N THR A 38 -0.77 2.31 -6.85
CA THR A 38 -1.64 2.98 -7.82
C THR A 38 -3.09 2.96 -7.35
N HIS A 39 -3.49 1.85 -6.74
CA HIS A 39 -4.86 1.70 -6.24
C HIS A 39 -4.87 1.49 -4.73
N LEU A 40 -4.28 2.43 -3.99
CA LEU A 40 -4.22 2.34 -2.55
C LEU A 40 -5.61 2.53 -1.93
N ALA A 41 -6.35 3.49 -2.46
CA ALA A 41 -7.69 3.78 -1.96
C ALA A 41 -8.54 2.51 -1.89
N GLN A 42 -8.66 1.84 -3.03
CA GLN A 42 -9.45 0.60 -3.10
C GLN A 42 -9.08 -0.34 -1.96
N LEU A 43 -7.91 -0.11 -1.37
CA LEU A 43 -7.44 -0.95 -0.26
C LEU A 43 -7.58 -0.22 1.07
N GLN A 44 -7.49 1.11 1.02
CA GLN A 44 -7.61 1.93 2.22
C GLN A 44 -9.01 1.81 2.83
N ASN A 45 -9.99 1.51 1.97
CA ASN A 45 -11.36 1.37 2.42
C ASN A 45 -11.66 -0.07 2.84
N THR A 46 -10.62 -0.88 2.91
CA THR A 46 -10.75 -2.27 3.30
C THR A 46 -10.06 -2.55 4.62
N GLU A 47 -10.33 -3.71 5.21
CA GLU A 47 -9.74 -4.10 6.49
C GLU A 47 -8.31 -4.60 6.28
N GLU A 48 -8.16 -5.60 5.42
CA GLU A 48 -6.86 -6.18 5.14
C GLU A 48 -5.77 -5.11 5.18
N PHE A 49 -5.87 -4.14 4.29
CA PHE A 49 -4.90 -3.05 4.22
C PHE A 49 -4.55 -2.56 5.62
N LEU A 50 -5.56 -2.22 6.40
CA LEU A 50 -5.36 -1.74 7.76
C LEU A 50 -4.76 -2.82 8.65
N HIS A 51 -4.99 -4.08 8.27
CA HIS A 51 -4.47 -5.21 9.03
C HIS A 51 -3.01 -5.47 8.68
N LEU A 52 -2.55 -4.89 7.57
CA LEU A 52 -1.18 -5.07 7.11
C LEU A 52 -0.20 -4.43 8.09
N PRO A 53 1.03 -4.97 8.15
CA PRO A 53 2.08 -4.45 9.03
C PRO A 53 2.58 -3.08 8.60
N HIS A 54 3.73 -2.69 9.14
CA HIS A 54 4.32 -1.39 8.81
C HIS A 54 5.30 -1.52 7.65
N ARG A 55 6.02 -2.64 7.61
CA ARG A 55 6.99 -2.88 6.54
C ARG A 55 6.32 -2.87 5.18
N LEU A 56 5.20 -3.56 5.06
CA LEU A 56 4.46 -3.62 3.81
C LEU A 56 3.97 -2.24 3.40
N LEU A 57 3.16 -1.63 4.25
CA LEU A 57 2.63 -0.30 3.98
C LEU A 57 3.74 0.67 3.61
N THR A 58 4.77 0.73 4.43
CA THR A 58 5.91 1.61 4.18
C THR A 58 6.44 1.44 2.77
N ASP A 59 6.67 0.19 2.37
CA ASP A 59 7.18 -0.11 1.04
C ASP A 59 6.28 0.50 -0.03
N ILE A 60 4.99 0.24 0.07
CA ILE A 60 4.02 0.76 -0.89
C ILE A 60 4.18 2.27 -1.07
N ILE A 61 3.92 3.00 0.01
CA ILE A 61 4.03 4.46 -0.02
C ILE A 61 5.45 4.90 -0.36
N SER A 62 6.42 4.08 0.01
CA SER A 62 7.82 4.37 -0.24
C SER A 62 8.10 4.38 -1.75
N ASP A 63 7.34 3.58 -2.49
CA ASP A 63 7.50 3.51 -3.94
C ASP A 63 6.79 4.66 -4.63
N GLY A 64 6.37 5.65 -3.84
CA GLY A 64 5.68 6.80 -4.39
C GLY A 64 4.24 6.51 -4.74
N VAL A 65 3.34 7.41 -4.34
CA VAL A 65 1.92 7.24 -4.61
C VAL A 65 1.36 8.44 -5.37
N PRO A 66 0.49 8.16 -6.37
CA PRO A 66 -0.13 9.20 -7.19
C PRO A 66 -1.14 10.03 -6.41
N CYS A 67 -0.94 11.34 -6.40
CA CYS A 67 -1.84 12.25 -5.69
C CYS A 67 -3.29 11.82 -5.87
N SER A 68 -3.57 11.15 -6.98
CA SER A 68 -4.93 10.70 -7.27
C SER A 68 -5.50 9.90 -6.10
N GLN A 69 -4.80 8.84 -5.73
CA GLN A 69 -5.24 7.98 -4.62
C GLN A 69 -4.80 8.57 -3.28
N ASN A 70 -5.68 9.38 -2.69
CA ASN A 70 -5.38 10.01 -1.41
C ASN A 70 -4.53 9.09 -0.53
N PRO A 71 -3.21 9.31 -0.56
CA PRO A 71 -2.26 8.51 0.23
C PRO A 71 -2.38 8.78 1.73
N THR A 72 -2.36 10.06 2.09
CA THR A 72 -2.47 10.45 3.49
C THR A 72 -3.66 9.78 4.17
N GLU A 73 -4.83 9.88 3.53
CA GLU A 73 -6.05 9.28 4.07
C GLU A 73 -5.78 7.86 4.57
N ALA A 74 -5.16 7.05 3.71
CA ALA A 74 -4.85 5.67 4.07
C ALA A 74 -3.92 5.61 5.28
N ILE A 75 -2.95 6.51 5.32
CA ILE A 75 -1.99 6.56 6.42
C ILE A 75 -2.70 6.87 7.73
N GLU A 76 -3.57 7.87 7.72
CA GLU A 76 -4.30 8.27 8.91
C GLU A 76 -5.09 7.09 9.47
N ALA A 77 -5.79 6.37 8.59
CA ALA A 77 -6.58 5.22 8.99
C ALA A 77 -5.70 4.09 9.51
N TRP A 78 -4.88 3.53 8.63
CA TRP A 78 -3.98 2.44 9.01
C TRP A 78 -3.25 2.76 10.30
N ILE A 79 -3.11 4.05 10.60
CA ILE A 79 -2.44 4.48 11.82
C ILE A 79 -3.40 4.54 13.00
N ASN A 80 -4.55 5.18 12.78
CA ASN A 80 -5.56 5.31 13.83
C ASN A 80 -5.84 3.96 14.48
N PHE A 81 -5.73 2.90 13.70
CA PHE A 81 -5.97 1.55 14.20
C PHE A 81 -5.40 1.38 15.61
N ASN A 82 -4.09 1.58 15.73
CA ASN A 82 -3.42 1.45 17.02
C ASN A 82 -2.57 2.68 17.31
N LYS A 83 -3.07 3.85 16.94
CA LYS A 83 -2.37 5.10 17.17
C LYS A 83 -1.63 5.08 18.50
N GLU A 84 -2.22 4.38 19.47
CA GLU A 84 -1.62 4.28 20.80
C GLU A 84 -0.09 4.24 20.70
N GLU A 85 0.41 3.53 19.71
CA GLU A 85 1.86 3.41 19.52
C GLU A 85 2.24 3.75 18.08
N ARG A 86 1.43 3.28 17.13
CA ARG A 86 1.69 3.52 15.72
C ARG A 86 1.96 5.01 15.47
N GLU A 87 1.48 5.85 16.38
CA GLU A 87 1.68 7.29 16.25
C GLU A 87 3.05 7.61 15.66
N ALA A 88 4.09 7.10 16.31
CA ALA A 88 5.46 7.32 15.85
C ALA A 88 5.58 7.06 14.35
N PHE A 89 5.02 5.94 13.90
CA PHE A 89 5.08 5.58 12.49
C PHE A 89 4.29 6.57 11.64
N ALA A 90 3.23 7.12 12.22
CA ALA A 90 2.39 8.09 11.52
C ALA A 90 3.20 9.32 11.10
N GLU A 91 3.87 9.93 12.08
CA GLU A 91 4.68 11.12 11.81
C GLU A 91 5.80 10.81 10.82
N SER A 92 6.57 9.77 11.13
CA SER A 92 7.69 9.37 10.27
C SER A 92 7.19 9.03 8.86
N LEU A 93 6.05 8.35 8.79
CA LEU A 93 5.47 7.97 7.51
C LEU A 93 5.03 9.19 6.72
N ARG A 94 4.51 10.19 7.43
CA ARG A 94 4.05 11.42 6.80
C ARG A 94 5.20 12.13 6.09
N THR A 95 6.30 12.32 6.79
CA THR A 95 7.47 12.99 6.23
C THR A 95 8.07 12.17 5.08
N SER A 96 7.95 10.85 5.19
CA SER A 96 8.48 9.96 4.16
C SER A 96 7.56 9.92 2.95
N LEU A 97 6.26 10.05 3.20
CA LEU A 97 5.27 10.02 2.13
C LEU A 97 5.78 10.77 0.90
N LYS A 98 5.52 10.19 -0.27
CA LYS A 98 5.95 10.81 -1.53
C LYS A 98 4.79 10.90 -2.51
N GLU A 99 4.77 11.99 -3.29
CA GLU A 99 3.72 12.20 -4.27
C GLU A 99 4.30 12.30 -5.68
N ILE A 100 3.57 11.77 -6.66
CA ILE A 100 4.01 11.81 -8.05
C ILE A 100 2.96 12.45 -8.94
N GLY A 101 3.25 12.52 -10.24
CA GLY A 101 2.32 13.12 -11.18
C GLY A 101 2.48 14.62 -11.28
N GLU A 102 2.10 15.33 -10.22
CA GLU A 102 2.19 16.78 -10.20
C GLU A 102 3.64 17.23 -10.41
N ASN A 103 3.80 18.38 -11.06
CA ASN A 103 5.14 18.92 -11.32
C ASN A 103 5.65 19.71 -10.13
N VAL A 104 6.22 19.01 -9.16
CA VAL A 104 6.76 19.64 -7.96
C VAL A 104 8.06 18.99 -7.53
N HIS A 105 9.09 19.82 -7.34
CA HIS A 105 10.40 19.32 -6.94
C HIS A 105 10.60 19.49 -5.42
N GLY A 1 -12.18 -7.76 -22.12
CA GLY A 1 -11.16 -8.70 -21.67
C GLY A 1 -9.76 -8.16 -21.84
N SER A 2 -8.86 -8.55 -20.95
CA SER A 2 -7.48 -8.09 -21.00
C SER A 2 -6.61 -9.07 -21.79
N SER A 3 -5.34 -8.73 -21.97
CA SER A 3 -4.41 -9.58 -22.70
C SER A 3 -3.55 -10.39 -21.75
N GLY A 4 -3.60 -11.71 -21.89
CA GLY A 4 -2.82 -12.58 -21.04
C GLY A 4 -3.61 -13.08 -19.85
N SER A 5 -3.25 -14.26 -19.35
CA SER A 5 -3.94 -14.86 -18.21
C SER A 5 -3.83 -13.95 -16.99
N SER A 6 -4.91 -13.88 -16.22
CA SER A 6 -4.95 -13.05 -15.02
C SER A 6 -3.79 -13.38 -14.09
N GLY A 7 -3.38 -12.41 -13.29
CA GLY A 7 -2.28 -12.62 -12.37
C GLY A 7 -2.55 -12.01 -11.00
N VAL A 8 -2.73 -10.70 -10.97
CA VAL A 8 -2.99 -9.98 -9.72
C VAL A 8 -4.10 -8.96 -9.89
N GLN A 9 -4.75 -8.62 -8.78
CA GLN A 9 -5.84 -7.65 -8.81
C GLN A 9 -5.84 -6.79 -7.56
N VAL A 10 -5.96 -5.48 -7.74
CA VAL A 10 -5.97 -4.55 -6.62
C VAL A 10 -6.67 -5.15 -5.40
N GLY A 11 -7.78 -5.83 -5.65
CA GLY A 11 -8.53 -6.45 -4.57
C GLY A 11 -7.70 -7.44 -3.78
N ASN A 12 -7.01 -8.33 -4.50
CA ASN A 12 -6.17 -9.34 -3.86
C ASN A 12 -4.69 -9.03 -4.07
N CYS A 13 -4.37 -7.75 -4.16
CA CYS A 13 -2.98 -7.32 -4.36
C CYS A 13 -2.19 -7.43 -3.06
N LEU A 14 -2.77 -6.93 -1.98
CA LEU A 14 -2.10 -6.97 -0.68
C LEU A 14 -1.75 -8.40 -0.29
N GLN A 15 -2.76 -9.25 -0.17
CA GLN A 15 -2.56 -10.65 0.20
C GLN A 15 -1.42 -11.26 -0.63
N VAL A 16 -1.50 -11.09 -1.94
CA VAL A 16 -0.47 -11.62 -2.84
C VAL A 16 0.91 -11.09 -2.47
N MET A 17 1.13 -9.82 -2.75
CA MET A 17 2.42 -9.19 -2.46
C MET A 17 2.91 -9.58 -1.08
N TRP A 18 2.00 -9.63 -0.11
CA TRP A 18 2.34 -9.99 1.25
C TRP A 18 3.13 -11.30 1.28
N LEU A 19 2.47 -12.38 0.92
CA LEU A 19 3.12 -13.70 0.90
C LEU A 19 4.42 -13.66 0.10
N ALA A 20 4.33 -13.15 -1.13
CA ALA A 20 5.51 -13.06 -1.99
C ALA A 20 6.70 -12.51 -1.23
N ASP A 21 6.56 -11.31 -0.68
CA ASP A 21 7.62 -10.67 0.08
C ASP A 21 8.17 -11.61 1.14
N ARG A 22 7.26 -12.34 1.80
CA ARG A 22 7.65 -13.27 2.85
C ARG A 22 8.43 -14.44 2.28
N HIS A 23 8.14 -14.80 1.03
CA HIS A 23 8.80 -15.90 0.36
C HIS A 23 9.88 -15.39 -0.59
N SER A 24 10.41 -14.20 -0.29
CA SER A 24 11.45 -13.59 -1.12
C SER A 24 11.06 -13.63 -2.59
N ASP A 25 9.82 -13.24 -2.88
CA ASP A 25 9.31 -13.23 -4.24
C ASP A 25 9.26 -11.81 -4.79
N PRO A 26 10.33 -11.39 -5.48
CA PRO A 26 10.43 -10.05 -6.06
C PRO A 26 9.48 -9.86 -7.24
N GLU A 27 9.41 -10.87 -8.10
CA GLU A 27 8.54 -10.82 -9.27
C GLU A 27 7.11 -10.48 -8.86
N LEU A 28 6.50 -11.33 -8.06
CA LEU A 28 5.14 -11.14 -7.59
C LEU A 28 5.05 -9.92 -6.68
N TYR A 29 5.76 -9.98 -5.56
CA TYR A 29 5.76 -8.88 -4.60
C TYR A 29 5.78 -7.53 -5.31
N THR A 30 6.74 -7.36 -6.21
CA THR A 30 6.86 -6.11 -6.96
C THR A 30 5.59 -5.82 -7.75
N ALA A 31 5.07 -6.82 -8.44
CA ALA A 31 3.86 -6.67 -9.23
C ALA A 31 2.70 -6.17 -8.38
N ALA A 32 2.24 -7.03 -7.47
CA ALA A 32 1.13 -6.68 -6.59
C ALA A 32 1.40 -5.36 -5.88
N LYS A 33 2.66 -5.12 -5.53
CA LYS A 33 3.06 -3.89 -4.85
C LYS A 33 2.75 -2.67 -5.70
N HIS A 34 3.12 -2.74 -6.98
CA HIS A 34 2.89 -1.63 -7.90
C HIS A 34 1.40 -1.33 -8.01
N CYS A 35 0.59 -2.39 -8.11
CA CYS A 35 -0.86 -2.23 -8.23
C CYS A 35 -1.45 -1.68 -6.95
N ALA A 36 -0.77 -1.91 -5.83
CA ALA A 36 -1.22 -1.44 -4.53
C ALA A 36 -0.95 0.05 -4.37
N LYS A 37 0.27 0.46 -4.66
CA LYS A 37 0.66 1.87 -4.55
C LYS A 37 -0.22 2.74 -5.43
N THR A 38 -0.47 2.28 -6.65
CA THR A 38 -1.30 3.02 -7.60
C THR A 38 -2.77 3.03 -7.17
N HIS A 39 -3.22 1.90 -6.65
CA HIS A 39 -4.61 1.78 -6.19
C HIS A 39 -4.66 1.56 -4.68
N LEU A 40 -4.01 2.45 -3.94
CA LEU A 40 -3.98 2.36 -2.49
C LEU A 40 -5.39 2.52 -1.90
N ALA A 41 -6.09 3.55 -2.36
CA ALA A 41 -7.45 3.81 -1.90
C ALA A 41 -8.28 2.52 -1.87
N GLN A 42 -8.42 1.89 -3.02
CA GLN A 42 -9.19 0.65 -3.13
C GLN A 42 -8.82 -0.32 -2.00
N LEU A 43 -7.65 -0.10 -1.41
CA LEU A 43 -7.18 -0.96 -0.32
C LEU A 43 -7.38 -0.27 1.03
N GLN A 44 -7.28 1.06 1.04
CA GLN A 44 -7.44 1.82 2.26
C GLN A 44 -8.84 1.62 2.84
N ASN A 45 -9.80 1.30 1.97
CA ASN A 45 -11.17 1.08 2.40
C ASN A 45 -11.36 -0.35 2.89
N THR A 46 -10.40 -1.22 2.59
CA THR A 46 -10.46 -2.61 3.00
C THR A 46 -9.77 -2.82 4.34
N GLU A 47 -10.15 -3.88 5.04
CA GLU A 47 -9.57 -4.19 6.34
C GLU A 47 -8.13 -4.69 6.19
N GLU A 48 -7.92 -5.60 5.24
CA GLU A 48 -6.60 -6.15 4.99
C GLU A 48 -5.53 -5.07 5.07
N PHE A 49 -5.64 -4.08 4.18
CA PHE A 49 -4.68 -2.98 4.15
C PHE A 49 -4.36 -2.50 5.56
N LEU A 50 -5.39 -2.18 6.33
CA LEU A 50 -5.22 -1.70 7.70
C LEU A 50 -4.62 -2.80 8.58
N HIS A 51 -4.78 -4.04 8.15
CA HIS A 51 -4.26 -5.17 8.91
C HIS A 51 -2.79 -5.43 8.55
N LEU A 52 -2.33 -4.80 7.46
CA LEU A 52 -0.96 -4.96 7.01
C LEU A 52 0.02 -4.29 7.97
N PRO A 53 1.25 -4.81 8.01
CA PRO A 53 2.31 -4.27 8.89
C PRO A 53 2.79 -2.90 8.44
N HIS A 54 3.82 -2.38 9.10
CA HIS A 54 4.37 -1.07 8.77
C HIS A 54 5.42 -1.20 7.66
N ARG A 55 6.21 -2.25 7.73
CA ARG A 55 7.25 -2.48 6.73
C ARG A 55 6.66 -2.50 5.32
N LEU A 56 5.73 -3.41 5.09
CA LEU A 56 5.10 -3.53 3.78
C LEU A 56 4.45 -2.21 3.36
N LEU A 57 3.50 -1.74 4.17
CA LEU A 57 2.82 -0.49 3.88
C LEU A 57 3.80 0.61 3.49
N THR A 58 4.79 0.83 4.35
CA THR A 58 5.81 1.85 4.10
C THR A 58 6.39 1.70 2.69
N ASP A 59 6.86 0.50 2.37
CA ASP A 59 7.42 0.22 1.05
C ASP A 59 6.50 0.70 -0.06
N ILE A 60 5.27 0.20 -0.05
CA ILE A 60 4.28 0.58 -1.05
C ILE A 60 4.28 2.08 -1.29
N ILE A 61 4.01 2.83 -0.23
CA ILE A 61 3.98 4.29 -0.33
C ILE A 61 5.36 4.85 -0.66
N SER A 62 6.40 4.14 -0.25
CA SER A 62 7.77 4.56 -0.50
C SER A 62 8.08 4.53 -2.00
N ASP A 63 7.33 3.72 -2.73
CA ASP A 63 7.52 3.59 -4.17
C ASP A 63 6.76 4.68 -4.92
N GLY A 64 6.37 5.73 -4.19
CA GLY A 64 5.65 6.83 -4.79
C GLY A 64 4.18 6.52 -4.99
N VAL A 65 3.33 7.47 -4.61
CA VAL A 65 1.88 7.29 -4.74
C VAL A 65 1.25 8.46 -5.48
N PRO A 66 0.36 8.15 -6.43
CA PRO A 66 -0.34 9.16 -7.23
C PRO A 66 -1.34 9.96 -6.42
N CYS A 67 -1.13 11.28 -6.37
CA CYS A 67 -2.02 12.16 -5.62
C CYS A 67 -3.47 11.69 -5.71
N SER A 68 -3.89 11.33 -6.92
CA SER A 68 -5.24 10.88 -7.15
C SER A 68 -5.73 10.00 -6.00
N GLN A 69 -4.91 9.02 -5.62
CA GLN A 69 -5.26 8.12 -4.53
C GLN A 69 -4.83 8.71 -3.18
N ASN A 70 -5.71 9.48 -2.57
CA ASN A 70 -5.42 10.10 -1.28
C ASN A 70 -4.55 9.19 -0.42
N PRO A 71 -3.24 9.44 -0.43
CA PRO A 71 -2.28 8.64 0.35
C PRO A 71 -2.41 8.88 1.85
N THR A 72 -2.44 10.15 2.25
CA THR A 72 -2.56 10.51 3.65
C THR A 72 -3.75 9.80 4.30
N GLU A 73 -4.91 9.91 3.66
CA GLU A 73 -6.12 9.29 4.18
C GLU A 73 -5.84 7.87 4.67
N ALA A 74 -5.21 7.07 3.81
CA ALA A 74 -4.88 5.69 4.16
C ALA A 74 -3.96 5.63 5.38
N ILE A 75 -2.98 6.53 5.41
CA ILE A 75 -2.04 6.59 6.53
C ILE A 75 -2.75 6.87 7.83
N GLU A 76 -3.67 7.84 7.81
CA GLU A 76 -4.41 8.21 9.00
C GLU A 76 -5.17 7.01 9.56
N ALA A 77 -5.84 6.28 8.68
CA ALA A 77 -6.60 5.10 9.09
C ALA A 77 -5.68 3.99 9.58
N TRP A 78 -4.84 3.49 8.68
CA TRP A 78 -3.90 2.43 9.02
C TRP A 78 -3.23 2.70 10.37
N ILE A 79 -3.08 3.98 10.70
CA ILE A 79 -2.46 4.37 11.95
C ILE A 79 -3.47 4.40 13.09
N ASN A 80 -4.61 5.06 12.85
CA ASN A 80 -5.67 5.16 13.85
C ASN A 80 -5.90 3.82 14.53
N PHE A 81 -5.78 2.74 13.77
CA PHE A 81 -5.98 1.40 14.30
C PHE A 81 -5.38 1.28 15.70
N ASN A 82 -4.10 1.59 15.81
CA ASN A 82 -3.41 1.52 17.09
C ASN A 82 -2.59 2.78 17.35
N LYS A 83 -3.17 3.92 17.02
CA LYS A 83 -2.50 5.20 17.21
C LYS A 83 -1.80 5.26 18.57
N GLU A 84 -2.40 4.59 19.56
CA GLU A 84 -1.83 4.57 20.90
C GLU A 84 -0.30 4.57 20.85
N GLU A 85 0.25 3.76 19.95
CA GLU A 85 1.69 3.67 19.80
C GLU A 85 2.11 3.88 18.35
N ARG A 86 1.24 3.49 17.43
CA ARG A 86 1.51 3.64 16.01
C ARG A 86 1.87 5.08 15.66
N GLU A 87 1.48 6.00 16.53
CA GLU A 87 1.77 7.41 16.32
C GLU A 87 3.12 7.61 15.64
N ALA A 88 4.17 7.12 16.29
CA ALA A 88 5.52 7.24 15.74
C ALA A 88 5.54 6.91 14.25
N PHE A 89 4.98 5.75 13.90
CA PHE A 89 4.94 5.32 12.50
C PHE A 89 4.13 6.29 11.66
N ALA A 90 3.10 6.88 12.27
CA ALA A 90 2.24 7.83 11.57
C ALA A 90 3.05 9.01 11.05
N GLU A 91 3.56 9.83 11.96
CA GLU A 91 4.35 11.00 11.59
C GLU A 91 5.46 10.62 10.60
N SER A 92 6.28 9.65 10.99
CA SER A 92 7.37 9.19 10.14
C SER A 92 6.88 8.89 8.73
N LEU A 93 5.65 8.37 8.63
CA LEU A 93 5.06 8.03 7.35
C LEU A 93 4.69 9.28 6.57
N ARG A 94 4.33 10.34 7.29
CA ARG A 94 3.95 11.61 6.67
C ARG A 94 5.14 12.22 5.94
N THR A 95 6.26 12.34 6.64
CA THR A 95 7.48 12.92 6.06
C THR A 95 7.98 12.08 4.90
N SER A 96 8.06 10.76 5.11
CA SER A 96 8.54 9.85 4.08
C SER A 96 7.58 9.83 2.89
N LEU A 97 6.29 9.98 3.17
CA LEU A 97 5.28 9.99 2.11
C LEU A 97 5.79 10.72 0.87
N LYS A 98 5.55 10.12 -0.29
CA LYS A 98 5.97 10.71 -1.56
C LYS A 98 4.82 10.75 -2.56
N GLU A 99 4.59 11.93 -3.13
CA GLU A 99 3.51 12.10 -4.11
C GLU A 99 4.08 12.19 -5.52
N ILE A 100 3.29 11.76 -6.49
CA ILE A 100 3.70 11.80 -7.88
C ILE A 100 2.57 12.31 -8.78
N GLY A 101 2.95 13.03 -9.83
CA GLY A 101 1.96 13.56 -10.76
C GLY A 101 1.05 14.59 -10.10
N GLU A 102 0.88 15.73 -10.76
CA GLU A 102 0.03 16.79 -10.23
C GLU A 102 -1.17 17.03 -11.14
N ASN A 103 -2.33 17.25 -10.53
CA ASN A 103 -3.55 17.49 -11.28
C ASN A 103 -3.58 18.90 -11.84
N VAL A 104 -3.67 19.01 -13.16
CA VAL A 104 -3.70 20.31 -13.83
C VAL A 104 -5.13 20.87 -13.87
N HIS A 105 -5.24 22.18 -13.68
CA HIS A 105 -6.54 22.84 -13.69
C HIS A 105 -6.47 24.16 -14.44
N GLY A 1 -0.36 -27.19 -7.17
CA GLY A 1 -0.59 -25.76 -7.23
C GLY A 1 0.42 -25.05 -8.12
N SER A 2 0.28 -25.24 -9.43
CA SER A 2 1.19 -24.61 -10.39
C SER A 2 0.77 -23.18 -10.67
N SER A 3 1.38 -22.24 -9.95
CA SER A 3 1.06 -20.83 -10.13
C SER A 3 1.98 -20.18 -11.17
N GLY A 4 1.39 -19.68 -12.24
CA GLY A 4 2.18 -19.05 -13.29
C GLY A 4 1.39 -17.98 -14.03
N SER A 5 0.16 -18.30 -14.41
CA SER A 5 -0.69 -17.37 -15.13
C SER A 5 -0.85 -16.06 -14.35
N SER A 6 0.08 -15.13 -14.56
CA SER A 6 0.05 -13.85 -13.87
C SER A 6 -1.38 -13.32 -13.79
N GLY A 7 -1.77 -12.88 -12.59
CA GLY A 7 -3.12 -12.35 -12.40
C GLY A 7 -3.29 -11.69 -11.05
N VAL A 8 -2.86 -10.44 -10.94
CA VAL A 8 -2.96 -9.69 -9.69
C VAL A 8 -4.02 -8.60 -9.79
N GLN A 9 -4.82 -8.46 -8.74
CA GLN A 9 -5.86 -7.44 -8.71
C GLN A 9 -5.85 -6.68 -7.39
N VAL A 10 -6.00 -5.36 -7.46
CA VAL A 10 -6.01 -4.52 -6.27
C VAL A 10 -6.75 -5.20 -5.13
N GLY A 11 -7.85 -5.89 -5.46
CA GLY A 11 -8.63 -6.56 -4.44
C GLY A 11 -7.81 -7.57 -3.67
N ASN A 12 -7.09 -8.43 -4.39
CA ASN A 12 -6.27 -9.46 -3.76
C ASN A 12 -4.78 -9.20 -4.02
N CYS A 13 -4.43 -7.92 -4.20
CA CYS A 13 -3.05 -7.55 -4.45
C CYS A 13 -2.22 -7.59 -3.16
N LEU A 14 -2.84 -7.17 -2.07
CA LEU A 14 -2.15 -7.16 -0.78
C LEU A 14 -1.75 -8.57 -0.36
N GLN A 15 -2.74 -9.46 -0.26
CA GLN A 15 -2.48 -10.84 0.13
C GLN A 15 -1.32 -11.42 -0.66
N VAL A 16 -1.37 -11.27 -1.98
CA VAL A 16 -0.31 -11.79 -2.85
C VAL A 16 1.04 -11.19 -2.48
N MET A 17 1.23 -9.91 -2.80
CA MET A 17 2.47 -9.22 -2.50
C MET A 17 2.98 -9.59 -1.10
N TRP A 18 2.06 -9.66 -0.14
CA TRP A 18 2.41 -10.00 1.23
C TRP A 18 3.23 -11.28 1.28
N LEU A 19 2.62 -12.40 0.93
CA LEU A 19 3.29 -13.68 0.93
C LEU A 19 4.59 -13.62 0.14
N ALA A 20 4.53 -13.00 -1.04
CA ALA A 20 5.71 -12.87 -1.89
C ALA A 20 6.89 -12.28 -1.11
N ASP A 21 6.66 -11.10 -0.52
CA ASP A 21 7.71 -10.44 0.25
C ASP A 21 8.27 -11.36 1.33
N ARG A 22 7.39 -12.17 1.93
CA ARG A 22 7.78 -13.09 2.97
C ARG A 22 8.63 -14.23 2.40
N HIS A 23 8.38 -14.56 1.13
CA HIS A 23 9.11 -15.63 0.47
C HIS A 23 10.19 -15.07 -0.45
N SER A 24 10.67 -13.87 -0.13
CA SER A 24 11.70 -13.21 -0.92
C SER A 24 11.35 -13.27 -2.41
N ASP A 25 10.10 -12.98 -2.73
CA ASP A 25 9.63 -13.00 -4.12
C ASP A 25 9.49 -11.59 -4.66
N PRO A 26 10.55 -11.11 -5.33
CA PRO A 26 10.56 -9.75 -5.91
C PRO A 26 9.62 -9.63 -7.11
N GLU A 27 9.63 -10.66 -7.97
CA GLU A 27 8.78 -10.66 -9.15
C GLU A 27 7.33 -10.38 -8.78
N LEU A 28 6.75 -11.26 -7.97
CA LEU A 28 5.37 -11.11 -7.55
C LEU A 28 5.20 -9.88 -6.66
N TYR A 29 5.90 -9.89 -5.53
CA TYR A 29 5.84 -8.77 -4.59
C TYR A 29 5.80 -7.44 -5.31
N THR A 30 6.76 -7.23 -6.22
CA THR A 30 6.83 -6.00 -6.99
C THR A 30 5.55 -5.78 -7.79
N ALA A 31 5.11 -6.81 -8.49
CA ALA A 31 3.90 -6.73 -9.29
C ALA A 31 2.72 -6.26 -8.46
N ALA A 32 2.27 -7.12 -7.54
CA ALA A 32 1.15 -6.79 -6.67
C ALA A 32 1.35 -5.45 -5.99
N LYS A 33 2.56 -5.21 -5.50
CA LYS A 33 2.89 -3.97 -4.82
C LYS A 33 2.50 -2.77 -5.68
N HIS A 34 2.89 -2.80 -6.95
CA HIS A 34 2.58 -1.72 -7.87
C HIS A 34 1.07 -1.52 -7.99
N CYS A 35 0.35 -2.61 -8.22
CA CYS A 35 -1.09 -2.56 -8.36
C CYS A 35 -1.73 -1.92 -7.12
N ALA A 36 -1.07 -2.05 -5.98
CA ALA A 36 -1.56 -1.49 -4.74
C ALA A 36 -1.45 0.03 -4.73
N LYS A 37 -0.23 0.53 -4.87
CA LYS A 37 0.02 1.96 -4.88
C LYS A 37 -0.94 2.67 -5.83
N THR A 38 -1.21 2.04 -6.97
CA THR A 38 -2.12 2.61 -7.96
C THR A 38 -3.56 2.64 -7.44
N HIS A 39 -4.03 1.51 -6.94
CA HIS A 39 -5.38 1.41 -6.40
C HIS A 39 -5.37 1.39 -4.87
N LEU A 40 -4.56 2.26 -4.28
CA LEU A 40 -4.46 2.34 -2.83
C LEU A 40 -5.83 2.59 -2.20
N ALA A 41 -6.46 3.69 -2.58
CA ALA A 41 -7.77 4.04 -2.05
C ALA A 41 -8.63 2.80 -1.86
N GLN A 42 -8.62 1.91 -2.85
CA GLN A 42 -9.39 0.68 -2.78
C GLN A 42 -8.94 -0.19 -1.61
N LEU A 43 -7.63 -0.24 -1.39
CA LEU A 43 -7.06 -1.04 -0.31
C LEU A 43 -7.30 -0.36 1.04
N GLN A 44 -6.97 0.92 1.10
CA GLN A 44 -7.15 1.69 2.35
C GLN A 44 -8.59 1.64 2.81
N ASN A 45 -9.52 1.43 1.87
CA ASN A 45 -10.94 1.36 2.19
C ASN A 45 -11.32 -0.03 2.66
N THR A 46 -10.38 -0.97 2.55
CA THR A 46 -10.62 -2.35 2.97
C THR A 46 -10.00 -2.63 4.33
N GLU A 47 -10.26 -3.81 4.86
CA GLU A 47 -9.72 -4.20 6.16
C GLU A 47 -8.28 -4.68 6.03
N GLU A 48 -8.07 -5.67 5.17
CA GLU A 48 -6.73 -6.22 4.95
C GLU A 48 -5.67 -5.13 5.07
N PHE A 49 -5.74 -4.14 4.18
CA PHE A 49 -4.78 -3.05 4.17
C PHE A 49 -4.49 -2.57 5.60
N LEU A 50 -5.55 -2.13 6.29
CA LEU A 50 -5.41 -1.66 7.66
C LEU A 50 -4.82 -2.73 8.56
N HIS A 51 -4.96 -3.98 8.15
CA HIS A 51 -4.43 -5.11 8.91
C HIS A 51 -2.97 -5.38 8.55
N LEU A 52 -2.52 -4.77 7.46
CA LEU A 52 -1.15 -4.95 7.00
C LEU A 52 -0.16 -4.30 7.98
N PRO A 53 1.08 -4.81 7.98
CA PRO A 53 2.14 -4.30 8.87
C PRO A 53 2.61 -2.90 8.45
N HIS A 54 3.69 -2.45 9.07
CA HIS A 54 4.24 -1.13 8.77
C HIS A 54 5.34 -1.23 7.70
N ARG A 55 5.89 -2.43 7.54
CA ARG A 55 6.94 -2.66 6.56
C ARG A 55 6.38 -2.61 5.14
N LEU A 56 5.45 -3.50 4.84
CA LEU A 56 4.85 -3.56 3.51
C LEU A 56 4.19 -2.23 3.16
N LEU A 57 3.55 -1.61 4.15
CA LEU A 57 2.89 -0.33 3.94
C LEU A 57 3.89 0.75 3.52
N THR A 58 4.84 1.03 4.39
CA THR A 58 5.86 2.04 4.10
C THR A 58 6.53 1.78 2.77
N ASP A 59 6.57 0.51 2.36
CA ASP A 59 7.18 0.12 1.10
C ASP A 59 6.36 0.63 -0.08
N ILE A 60 5.06 0.32 -0.08
CA ILE A 60 4.17 0.76 -1.15
C ILE A 60 4.22 2.27 -1.33
N ILE A 61 4.14 3.00 -0.22
CA ILE A 61 4.18 4.45 -0.27
C ILE A 61 5.60 4.96 -0.54
N SER A 62 6.59 4.23 -0.04
CA SER A 62 7.99 4.60 -0.23
C SER A 62 8.32 4.70 -1.72
N ASP A 63 7.72 3.83 -2.51
CA ASP A 63 7.95 3.81 -3.95
C ASP A 63 7.22 4.95 -4.63
N GLY A 64 6.41 5.68 -3.86
CA GLY A 64 5.66 6.80 -4.40
C GLY A 64 4.19 6.48 -4.58
N VAL A 65 3.34 7.50 -4.41
CA VAL A 65 1.91 7.32 -4.55
C VAL A 65 1.30 8.43 -5.39
N PRO A 66 0.36 8.06 -6.27
CA PRO A 66 -0.33 9.03 -7.15
C PRO A 66 -1.27 9.94 -6.38
N CYS A 67 -1.00 11.24 -6.43
CA CYS A 67 -1.84 12.23 -5.75
C CYS A 67 -3.31 11.81 -5.78
N SER A 68 -3.76 11.34 -6.94
CA SER A 68 -5.14 10.93 -7.11
C SER A 68 -5.59 10.06 -5.95
N GLN A 69 -4.81 9.02 -5.64
CA GLN A 69 -5.13 8.11 -4.55
C GLN A 69 -4.75 8.72 -3.21
N ASN A 70 -5.69 9.46 -2.62
CA ASN A 70 -5.46 10.10 -1.33
C ASN A 70 -4.57 9.24 -0.45
N PRO A 71 -3.26 9.55 -0.42
CA PRO A 71 -2.28 8.80 0.38
C PRO A 71 -2.46 9.04 1.87
N THR A 72 -2.53 10.31 2.26
CA THR A 72 -2.70 10.67 3.66
C THR A 72 -3.86 9.90 4.30
N GLU A 73 -5.00 9.90 3.62
CA GLU A 73 -6.17 9.20 4.12
C GLU A 73 -5.82 7.79 4.59
N ALA A 74 -5.15 7.03 3.71
CA ALA A 74 -4.74 5.68 4.04
C ALA A 74 -3.83 5.65 5.27
N ILE A 75 -2.98 6.66 5.39
CA ILE A 75 -2.06 6.75 6.52
C ILE A 75 -2.81 7.00 7.82
N GLU A 76 -3.73 7.97 7.78
CA GLU A 76 -4.53 8.31 8.96
C GLU A 76 -5.27 7.08 9.48
N ALA A 77 -5.80 6.28 8.56
CA ALA A 77 -6.55 5.08 8.92
C ALA A 77 -5.61 4.00 9.46
N TRP A 78 -4.76 3.46 8.59
CA TRP A 78 -3.83 2.41 8.98
C TRP A 78 -3.15 2.76 10.30
N ILE A 79 -3.09 4.05 10.61
CA ILE A 79 -2.47 4.51 11.86
C ILE A 79 -3.49 4.56 12.98
N ASN A 80 -4.57 5.32 12.77
CA ASN A 80 -5.62 5.45 13.78
C ASN A 80 -5.91 4.12 14.44
N PHE A 81 -5.83 3.04 13.67
CA PHE A 81 -6.10 1.70 14.18
C PHE A 81 -5.50 1.53 15.57
N ASN A 82 -4.17 1.66 15.66
CA ASN A 82 -3.48 1.52 16.93
C ASN A 82 -2.66 2.77 17.24
N LYS A 83 -3.21 3.93 16.94
CA LYS A 83 -2.54 5.20 17.19
C LYS A 83 -1.76 5.14 18.49
N GLU A 84 -2.22 4.33 19.43
CA GLU A 84 -1.56 4.18 20.72
C GLU A 84 -0.04 4.31 20.58
N GLU A 85 0.57 3.33 19.92
CA GLU A 85 2.01 3.33 19.72
C GLU A 85 2.35 3.53 18.24
N ARG A 86 1.34 3.40 17.39
CA ARG A 86 1.52 3.56 15.95
C ARG A 86 1.77 5.03 15.60
N GLU A 87 1.65 5.89 16.60
CA GLU A 87 1.86 7.32 16.40
C GLU A 87 3.22 7.60 15.75
N ALA A 88 4.27 7.08 16.38
CA ALA A 88 5.63 7.27 15.87
C ALA A 88 5.70 6.95 14.38
N PHE A 89 5.09 5.83 13.99
CA PHE A 89 5.10 5.42 12.58
C PHE A 89 4.31 6.40 11.73
N ALA A 90 3.35 7.08 12.34
CA ALA A 90 2.52 8.05 11.64
C ALA A 90 3.34 9.25 11.19
N GLU A 91 4.02 9.89 12.14
CA GLU A 91 4.84 11.06 11.85
C GLU A 91 5.95 10.70 10.86
N SER A 92 6.56 9.54 11.06
CA SER A 92 7.64 9.08 10.20
C SER A 92 7.11 8.72 8.80
N LEU A 93 6.01 7.99 8.77
CA LEU A 93 5.40 7.59 7.50
C LEU A 93 5.00 8.81 6.68
N ARG A 94 4.35 9.77 7.34
CA ARG A 94 3.92 10.99 6.66
C ARG A 94 5.10 11.74 6.07
N THR A 95 6.16 11.86 6.85
CA THR A 95 7.36 12.55 6.40
C THR A 95 7.98 11.87 5.19
N SER A 96 7.94 10.54 5.19
CA SER A 96 8.50 9.75 4.09
C SER A 96 7.54 9.73 2.90
N LEU A 97 6.27 9.98 3.17
CA LEU A 97 5.25 9.98 2.12
C LEU A 97 5.78 10.65 0.85
N LYS A 98 5.56 10.00 -0.29
CA LYS A 98 6.01 10.54 -1.57
C LYS A 98 4.83 10.71 -2.53
N GLU A 99 4.85 11.80 -3.28
CA GLU A 99 3.79 12.09 -4.24
C GLU A 99 4.33 12.08 -5.67
N ILE A 100 3.55 11.52 -6.59
CA ILE A 100 3.96 11.45 -7.99
C ILE A 100 2.89 12.04 -8.89
N GLY A 101 1.65 12.06 -8.41
CA GLY A 101 0.54 12.60 -9.19
C GLY A 101 0.04 11.62 -10.24
N GLU A 102 -1.03 12.02 -10.93
CA GLU A 102 -1.63 11.16 -11.95
C GLU A 102 -1.11 11.53 -13.33
N ASN A 103 -1.00 12.84 -13.59
CA ASN A 103 -0.51 13.33 -14.87
C ASN A 103 0.80 14.08 -14.71
N VAL A 104 1.86 13.35 -14.41
CA VAL A 104 3.18 13.94 -14.23
C VAL A 104 3.07 15.36 -13.69
N HIS A 105 2.21 15.55 -12.70
CA HIS A 105 2.01 16.86 -12.09
C HIS A 105 2.23 16.80 -10.59
N GLY A 1 -16.63 -5.20 -9.44
CA GLY A 1 -15.92 -6.44 -9.69
C GLY A 1 -16.33 -7.09 -11.00
N SER A 2 -15.62 -8.14 -11.38
CA SER A 2 -15.91 -8.85 -12.63
C SER A 2 -15.55 -10.32 -12.51
N SER A 3 -16.10 -11.13 -13.41
CA SER A 3 -15.84 -12.57 -13.42
C SER A 3 -14.59 -12.90 -14.22
N GLY A 4 -13.69 -13.67 -13.62
CA GLY A 4 -12.46 -14.04 -14.30
C GLY A 4 -11.25 -13.34 -13.73
N SER A 5 -10.64 -13.95 -12.72
CA SER A 5 -9.46 -13.37 -12.09
C SER A 5 -8.20 -13.66 -12.90
N SER A 6 -7.88 -12.73 -13.82
CA SER A 6 -6.70 -12.89 -14.67
C SER A 6 -5.55 -12.03 -14.16
N GLY A 7 -4.63 -12.66 -13.43
CA GLY A 7 -3.48 -11.94 -12.89
C GLY A 7 -3.84 -11.10 -11.69
N VAL A 8 -2.84 -10.77 -10.88
CA VAL A 8 -3.05 -9.96 -9.69
C VAL A 8 -4.08 -8.87 -9.93
N GLN A 9 -4.75 -8.43 -8.87
CA GLN A 9 -5.76 -7.38 -8.97
C GLN A 9 -5.85 -6.58 -7.68
N VAL A 10 -6.00 -5.27 -7.81
CA VAL A 10 -6.12 -4.40 -6.65
C VAL A 10 -6.86 -5.09 -5.50
N GLY A 11 -7.92 -5.80 -5.85
CA GLY A 11 -8.70 -6.49 -4.84
C GLY A 11 -7.87 -7.48 -4.03
N ASN A 12 -7.11 -8.31 -4.73
CA ASN A 12 -6.25 -9.30 -4.07
C ASN A 12 -4.78 -8.97 -4.26
N CYS A 13 -4.49 -7.68 -4.42
CA CYS A 13 -3.11 -7.23 -4.62
C CYS A 13 -2.34 -7.28 -3.30
N LEU A 14 -3.01 -6.96 -2.21
CA LEU A 14 -2.39 -6.97 -0.89
C LEU A 14 -2.00 -8.38 -0.48
N GLN A 15 -2.98 -9.28 -0.49
CA GLN A 15 -2.73 -10.67 -0.13
C GLN A 15 -1.57 -11.25 -0.92
N VAL A 16 -1.62 -11.07 -2.24
CA VAL A 16 -0.57 -11.57 -3.12
C VAL A 16 0.80 -10.98 -2.75
N MET A 17 0.94 -9.68 -2.94
CA MET A 17 2.18 -8.99 -2.63
C MET A 17 2.68 -9.38 -1.24
N TRP A 18 1.79 -9.41 -0.28
CA TRP A 18 2.14 -9.78 1.10
C TRP A 18 2.95 -11.06 1.12
N LEU A 19 2.32 -12.16 0.72
CA LEU A 19 2.98 -13.45 0.70
C LEU A 19 4.37 -13.35 0.04
N ALA A 20 4.43 -12.60 -1.05
CA ALA A 20 5.67 -12.42 -1.78
C ALA A 20 6.76 -11.83 -0.87
N ASP A 21 6.56 -10.59 -0.45
CA ASP A 21 7.51 -9.91 0.42
C ASP A 21 7.77 -10.73 1.68
N ARG A 22 6.77 -11.50 2.09
CA ARG A 22 6.89 -12.34 3.29
C ARG A 22 7.55 -13.67 2.95
N HIS A 23 7.68 -13.96 1.66
CA HIS A 23 8.29 -15.21 1.21
C HIS A 23 9.56 -14.92 0.40
N SER A 24 10.08 -13.71 0.53
CA SER A 24 11.28 -13.31 -0.19
C SER A 24 11.07 -13.43 -1.70
N ASP A 25 10.00 -12.81 -2.18
CA ASP A 25 9.68 -12.85 -3.61
C ASP A 25 9.56 -11.42 -4.17
N PRO A 26 10.64 -10.93 -4.78
CA PRO A 26 10.68 -9.58 -5.35
C PRO A 26 9.81 -9.47 -6.60
N GLU A 27 9.95 -10.44 -7.51
CA GLU A 27 9.17 -10.44 -8.74
C GLU A 27 7.70 -10.18 -8.47
N LEU A 28 7.05 -11.11 -7.78
CA LEU A 28 5.63 -10.97 -7.45
C LEU A 28 5.39 -9.74 -6.58
N TYR A 29 6.01 -9.72 -5.41
CA TYR A 29 5.85 -8.59 -4.49
C TYR A 29 5.81 -7.27 -5.25
N THR A 30 6.81 -7.05 -6.10
CA THR A 30 6.89 -5.83 -6.89
C THR A 30 5.61 -5.62 -7.70
N ALA A 31 5.25 -6.62 -8.50
CA ALA A 31 4.05 -6.54 -9.32
C ALA A 31 2.84 -6.11 -8.49
N ALA A 32 2.40 -6.99 -7.61
CA ALA A 32 1.25 -6.70 -6.75
C ALA A 32 1.42 -5.37 -6.04
N LYS A 33 2.63 -5.11 -5.55
CA LYS A 33 2.93 -3.87 -4.84
C LYS A 33 2.58 -2.66 -5.70
N HIS A 34 3.02 -2.69 -6.96
CA HIS A 34 2.75 -1.59 -7.89
C HIS A 34 1.25 -1.35 -8.03
N CYS A 35 0.51 -2.42 -8.27
CA CYS A 35 -0.94 -2.33 -8.43
C CYS A 35 -1.58 -1.73 -7.19
N ALA A 36 -0.97 -1.98 -6.04
CA ALA A 36 -1.48 -1.47 -4.77
C ALA A 36 -1.32 0.05 -4.68
N LYS A 37 -0.09 0.51 -4.78
CA LYS A 37 0.21 1.94 -4.72
C LYS A 37 -0.68 2.72 -5.67
N THR A 38 -0.97 2.13 -6.83
CA THR A 38 -1.82 2.78 -7.83
C THR A 38 -3.26 2.88 -7.34
N HIS A 39 -3.77 1.78 -6.79
CA HIS A 39 -5.14 1.75 -6.29
C HIS A 39 -5.15 1.57 -4.77
N LEU A 40 -4.35 2.37 -4.08
CA LEU A 40 -4.27 2.30 -2.63
C LEU A 40 -5.65 2.47 -2.00
N ALA A 41 -6.39 3.47 -2.47
CA ALA A 41 -7.73 3.74 -1.97
C ALA A 41 -8.53 2.46 -1.82
N GLN A 42 -8.76 1.78 -2.94
CA GLN A 42 -9.51 0.53 -2.94
C GLN A 42 -9.04 -0.38 -1.82
N LEU A 43 -7.83 -0.14 -1.33
CA LEU A 43 -7.27 -0.95 -0.26
C LEU A 43 -7.37 -0.23 1.08
N GLN A 44 -7.36 1.09 1.04
CA GLN A 44 -7.46 1.90 2.25
C GLN A 44 -8.81 1.70 2.92
N ASN A 45 -9.82 1.35 2.13
CA ASN A 45 -11.16 1.13 2.65
C ASN A 45 -11.38 -0.35 2.98
N THR A 46 -10.30 -1.11 3.04
CA THR A 46 -10.38 -2.54 3.33
C THR A 46 -9.67 -2.86 4.64
N GLU A 47 -10.13 -3.93 5.29
CA GLU A 47 -9.54 -4.35 6.56
C GLU A 47 -8.11 -4.83 6.37
N GLU A 48 -7.93 -5.77 5.44
CA GLU A 48 -6.61 -6.32 5.16
C GLU A 48 -5.54 -5.23 5.27
N PHE A 49 -5.61 -4.25 4.38
CA PHE A 49 -4.66 -3.15 4.37
C PHE A 49 -4.31 -2.72 5.79
N LEU A 50 -5.33 -2.42 6.58
CA LEU A 50 -5.14 -1.99 7.96
C LEU A 50 -4.50 -3.10 8.78
N HIS A 51 -4.75 -4.34 8.39
CA HIS A 51 -4.19 -5.49 9.11
C HIS A 51 -2.72 -5.70 8.73
N LEU A 52 -2.31 -5.10 7.63
CA LEU A 52 -0.93 -5.21 7.16
C LEU A 52 0.02 -4.50 8.13
N PRO A 53 1.28 -4.99 8.17
CA PRO A 53 2.31 -4.42 9.04
C PRO A 53 2.76 -3.03 8.57
N HIS A 54 3.89 -2.58 9.11
CA HIS A 54 4.43 -1.27 8.75
C HIS A 54 5.40 -1.38 7.58
N ARG A 55 6.20 -2.45 7.57
CA ARG A 55 7.17 -2.67 6.51
C ARG A 55 6.50 -2.65 5.14
N LEU A 56 5.47 -3.48 4.99
CA LEU A 56 4.74 -3.56 3.73
C LEU A 56 4.08 -2.23 3.39
N LEU A 57 3.46 -1.62 4.40
CA LEU A 57 2.80 -0.32 4.20
C LEU A 57 3.78 0.74 3.73
N THR A 58 4.74 1.08 4.59
CA THR A 58 5.73 2.09 4.25
C THR A 58 6.32 1.83 2.88
N ASP A 59 6.46 0.56 2.51
CA ASP A 59 7.01 0.18 1.22
C ASP A 59 6.13 0.70 0.09
N ILE A 60 4.88 0.25 0.06
CA ILE A 60 3.94 0.67 -0.97
C ILE A 60 3.98 2.18 -1.18
N ILE A 61 3.89 2.92 -0.07
CA ILE A 61 3.92 4.37 -0.13
C ILE A 61 5.32 4.89 -0.45
N SER A 62 6.33 4.12 -0.05
CA SER A 62 7.72 4.48 -0.29
C SER A 62 8.02 4.52 -1.79
N ASP A 63 7.30 3.72 -2.55
CA ASP A 63 7.49 3.67 -4.00
C ASP A 63 6.72 4.79 -4.69
N GLY A 64 6.36 5.82 -3.92
CA GLY A 64 5.62 6.94 -4.47
C GLY A 64 4.17 6.59 -4.77
N VAL A 65 3.27 7.49 -4.40
CA VAL A 65 1.84 7.27 -4.62
C VAL A 65 1.24 8.40 -5.45
N PRO A 66 0.38 8.05 -6.41
CA PRO A 66 -0.28 9.01 -7.30
C PRO A 66 -1.32 9.85 -6.55
N CYS A 67 -1.10 11.16 -6.52
CA CYS A 67 -2.02 12.07 -5.84
C CYS A 67 -3.46 11.61 -5.99
N SER A 68 -3.79 11.08 -7.17
CA SER A 68 -5.13 10.60 -7.45
C SER A 68 -5.69 9.81 -6.27
N GLN A 69 -4.95 8.80 -5.84
CA GLN A 69 -5.36 7.95 -4.73
C GLN A 69 -4.90 8.56 -3.40
N ASN A 70 -5.78 9.33 -2.77
CA ASN A 70 -5.46 9.96 -1.49
C ASN A 70 -4.60 9.05 -0.63
N PRO A 71 -3.28 9.30 -0.64
CA PRO A 71 -2.32 8.51 0.14
C PRO A 71 -2.45 8.76 1.63
N THR A 72 -2.47 10.02 2.03
CA THR A 72 -2.60 10.39 3.43
C THR A 72 -3.78 9.69 4.09
N GLU A 73 -4.93 9.71 3.40
CA GLU A 73 -6.13 9.07 3.92
C GLU A 73 -5.83 7.67 4.45
N ALA A 74 -5.20 6.85 3.61
CA ALA A 74 -4.85 5.50 3.99
C ALA A 74 -3.93 5.49 5.20
N ILE A 75 -2.95 6.38 5.20
CA ILE A 75 -2.00 6.48 6.30
C ILE A 75 -2.70 6.79 7.62
N GLU A 76 -3.62 7.76 7.58
CA GLU A 76 -4.36 8.16 8.77
C GLU A 76 -5.13 6.97 9.35
N ALA A 77 -5.75 6.19 8.48
CA ALA A 77 -6.51 5.02 8.89
C ALA A 77 -5.58 3.93 9.43
N TRP A 78 -4.80 3.34 8.54
CA TRP A 78 -3.87 2.28 8.93
C TRP A 78 -3.15 2.63 10.23
N ILE A 79 -3.01 3.93 10.49
CA ILE A 79 -2.34 4.40 11.71
C ILE A 79 -3.32 4.46 12.88
N ASN A 80 -4.44 5.15 12.66
CA ASN A 80 -5.46 5.29 13.69
C ASN A 80 -5.78 3.95 14.34
N PHE A 81 -5.69 2.89 13.54
CA PHE A 81 -5.97 1.54 14.03
C PHE A 81 -5.43 1.35 15.44
N ASN A 82 -4.12 1.49 15.59
CA ASN A 82 -3.48 1.33 16.89
C ASN A 82 -2.57 2.52 17.20
N LYS A 83 -3.01 3.71 16.79
CA LYS A 83 -2.25 4.93 17.03
C LYS A 83 -1.51 4.86 18.36
N GLU A 84 -2.13 4.20 19.34
CA GLU A 84 -1.53 4.06 20.66
C GLU A 84 -0.01 3.96 20.57
N GLU A 85 0.47 3.32 19.50
CA GLU A 85 1.90 3.15 19.29
C GLU A 85 2.29 3.54 17.87
N ARG A 86 1.49 3.12 16.90
CA ARG A 86 1.75 3.41 15.50
C ARG A 86 2.11 4.89 15.31
N GLU A 87 1.69 5.71 16.27
CA GLU A 87 1.97 7.14 16.21
C GLU A 87 3.34 7.41 15.59
N ALA A 88 4.38 6.91 16.24
CA ALA A 88 5.74 7.09 15.75
C ALA A 88 5.83 6.80 14.25
N PHE A 89 5.24 5.69 13.84
CA PHE A 89 5.25 5.30 12.43
C PHE A 89 4.53 6.33 11.57
N ALA A 90 3.49 6.93 12.13
CA ALA A 90 2.71 7.95 11.43
C ALA A 90 3.58 9.15 11.06
N GLU A 91 4.35 9.63 12.04
CA GLU A 91 5.22 10.79 11.81
C GLU A 91 6.27 10.47 10.75
N SER A 92 6.96 9.36 10.91
CA SER A 92 7.99 8.95 9.97
C SER A 92 7.39 8.62 8.61
N LEU A 93 6.20 8.03 8.63
CA LEU A 93 5.51 7.66 7.40
C LEU A 93 5.05 8.90 6.64
N ARG A 94 4.58 9.90 7.38
CA ARG A 94 4.11 11.14 6.78
C ARG A 94 5.24 11.85 6.04
N THR A 95 6.32 12.14 6.75
CA THR A 95 7.47 12.82 6.17
C THR A 95 8.05 12.01 5.02
N SER A 96 8.00 10.69 5.14
CA SER A 96 8.52 9.80 4.11
C SER A 96 7.59 9.75 2.91
N LEU A 97 6.29 9.91 3.16
CA LEU A 97 5.30 9.88 2.09
C LEU A 97 5.74 10.73 0.91
N LYS A 98 5.64 10.16 -0.29
CA LYS A 98 6.03 10.86 -1.50
C LYS A 98 4.87 10.90 -2.50
N GLU A 99 4.75 12.02 -3.21
CA GLU A 99 3.69 12.19 -4.20
C GLU A 99 4.26 12.19 -5.62
N ILE A 100 3.45 11.72 -6.57
CA ILE A 100 3.87 11.67 -7.97
C ILE A 100 2.78 12.22 -8.88
N GLY A 101 3.21 12.76 -10.03
CA GLY A 101 2.26 13.31 -10.97
C GLY A 101 2.69 14.66 -11.52
N GLU A 102 1.93 15.19 -12.45
CA GLU A 102 2.24 16.49 -13.05
C GLU A 102 1.34 17.58 -12.50
N ASN A 103 1.92 18.74 -12.23
CA ASN A 103 1.17 19.87 -11.70
C ASN A 103 0.41 19.48 -10.44
N VAL A 104 1.08 18.73 -9.56
CA VAL A 104 0.46 18.28 -8.32
C VAL A 104 0.24 19.45 -7.37
N HIS A 105 -0.96 19.51 -6.78
CA HIS A 105 -1.30 20.57 -5.85
C HIS A 105 -0.55 20.40 -4.53
N GLY A 1 -18.53 -8.84 -21.87
CA GLY A 1 -18.63 -10.28 -22.01
C GLY A 1 -18.44 -11.00 -20.68
N SER A 2 -17.49 -11.93 -20.65
CA SER A 2 -17.21 -12.70 -19.44
C SER A 2 -16.01 -12.13 -18.70
N SER A 3 -16.22 -11.73 -17.45
CA SER A 3 -15.13 -11.17 -16.64
C SER A 3 -14.62 -12.20 -15.64
N GLY A 4 -13.32 -12.15 -15.38
CA GLY A 4 -12.72 -13.08 -14.44
C GLY A 4 -11.37 -12.62 -13.95
N SER A 5 -11.19 -12.59 -12.62
CA SER A 5 -9.94 -12.15 -12.03
C SER A 5 -8.78 -13.04 -12.48
N SER A 6 -7.71 -12.41 -12.97
CA SER A 6 -6.55 -13.13 -13.44
C SER A 6 -5.26 -12.52 -12.89
N GLY A 7 -4.24 -13.35 -12.71
CA GLY A 7 -2.97 -12.88 -12.20
C GLY A 7 -3.13 -12.16 -10.87
N VAL A 8 -2.82 -10.87 -10.85
CA VAL A 8 -2.92 -10.07 -9.63
C VAL A 8 -3.91 -8.93 -9.80
N GLN A 9 -4.80 -8.78 -8.83
CA GLN A 9 -5.81 -7.72 -8.87
C GLN A 9 -5.79 -6.89 -7.59
N VAL A 10 -5.96 -5.58 -7.74
CA VAL A 10 -5.97 -4.69 -6.58
C VAL A 10 -6.72 -5.30 -5.41
N GLY A 11 -7.77 -6.06 -5.71
CA GLY A 11 -8.55 -6.69 -4.67
C GLY A 11 -7.76 -7.72 -3.89
N ASN A 12 -6.94 -8.50 -4.60
CA ASN A 12 -6.13 -9.53 -3.96
C ASN A 12 -4.64 -9.21 -4.10
N CYS A 13 -4.34 -7.95 -4.42
CA CYS A 13 -2.97 -7.51 -4.57
C CYS A 13 -2.21 -7.57 -3.24
N LEU A 14 -2.89 -7.18 -2.18
CA LEU A 14 -2.29 -7.19 -0.84
C LEU A 14 -1.86 -8.59 -0.45
N GLN A 15 -2.82 -9.51 -0.40
CA GLN A 15 -2.54 -10.90 -0.03
C GLN A 15 -1.37 -11.43 -0.84
N VAL A 16 -1.42 -11.23 -2.15
CA VAL A 16 -0.36 -11.69 -3.04
C VAL A 16 0.99 -11.11 -2.65
N MET A 17 1.15 -9.80 -2.86
CA MET A 17 2.39 -9.12 -2.53
C MET A 17 2.89 -9.52 -1.15
N TRP A 18 1.97 -9.54 -0.19
CA TRP A 18 2.32 -9.92 1.19
C TRP A 18 3.14 -11.20 1.21
N LEU A 19 2.49 -12.32 0.87
CA LEU A 19 3.17 -13.60 0.86
C LEU A 19 4.48 -13.53 0.08
N ALA A 20 4.41 -12.95 -1.12
CA ALA A 20 5.60 -12.82 -1.96
C ALA A 20 6.78 -12.27 -1.16
N ASP A 21 6.58 -11.12 -0.53
CA ASP A 21 7.63 -10.50 0.26
C ASP A 21 8.14 -11.44 1.34
N ARG A 22 7.23 -12.24 1.89
CA ARG A 22 7.58 -13.20 2.94
C ARG A 22 8.27 -14.42 2.33
N HIS A 23 8.19 -14.56 1.01
CA HIS A 23 8.80 -15.69 0.32
C HIS A 23 9.91 -15.22 -0.61
N SER A 24 10.50 -14.07 -0.29
CA SER A 24 11.57 -13.51 -1.09
C SER A 24 11.19 -13.49 -2.57
N ASP A 25 9.95 -13.08 -2.84
CA ASP A 25 9.45 -13.01 -4.21
C ASP A 25 9.40 -11.57 -4.69
N PRO A 26 10.49 -11.14 -5.37
CA PRO A 26 10.59 -9.78 -5.90
C PRO A 26 9.65 -9.53 -7.07
N GLU A 27 9.65 -10.46 -8.02
CA GLU A 27 8.79 -10.35 -9.20
C GLU A 27 7.32 -10.17 -8.79
N LEU A 28 6.85 -11.05 -7.90
CA LEU A 28 5.47 -10.99 -7.43
C LEU A 28 5.27 -9.80 -6.49
N TYR A 29 5.99 -9.81 -5.38
CA TYR A 29 5.89 -8.73 -4.40
C TYR A 29 5.88 -7.37 -5.09
N THR A 30 6.86 -7.14 -5.95
CA THR A 30 6.97 -5.88 -6.67
C THR A 30 5.72 -5.61 -7.50
N ALA A 31 5.33 -6.58 -8.31
CA ALA A 31 4.15 -6.45 -9.16
C ALA A 31 2.94 -6.02 -8.34
N ALA A 32 2.45 -6.92 -7.49
CA ALA A 32 1.29 -6.64 -6.65
C ALA A 32 1.47 -5.31 -5.91
N LYS A 33 2.69 -5.06 -5.45
CA LYS A 33 2.99 -3.83 -4.73
C LYS A 33 2.68 -2.61 -5.58
N HIS A 34 3.13 -2.61 -6.82
CA HIS A 34 2.90 -1.50 -7.74
C HIS A 34 1.40 -1.27 -7.92
N CYS A 35 0.65 -2.36 -8.05
CA CYS A 35 -0.81 -2.26 -8.23
C CYS A 35 -1.47 -1.63 -7.01
N ALA A 36 -0.89 -1.88 -5.84
CA ALA A 36 -1.43 -1.34 -4.60
C ALA A 36 -1.13 0.15 -4.47
N LYS A 37 0.14 0.50 -4.58
CA LYS A 37 0.56 1.90 -4.48
C LYS A 37 -0.24 2.77 -5.42
N THR A 38 -0.55 2.24 -6.60
CA THR A 38 -1.32 2.98 -7.61
C THR A 38 -2.80 3.03 -7.23
N HIS A 39 -3.31 1.94 -6.67
CA HIS A 39 -4.70 1.87 -6.26
C HIS A 39 -4.82 1.65 -4.75
N LEU A 40 -4.04 2.41 -3.99
CA LEU A 40 -4.05 2.30 -2.53
C LEU A 40 -5.47 2.49 -1.99
N ALA A 41 -6.17 3.50 -2.50
CA ALA A 41 -7.53 3.79 -2.06
C ALA A 41 -8.36 2.51 -1.99
N GLN A 42 -8.49 1.83 -3.13
CA GLN A 42 -9.26 0.59 -3.21
C GLN A 42 -8.91 -0.33 -2.05
N LEU A 43 -7.75 -0.11 -1.44
CA LEU A 43 -7.29 -0.92 -0.33
C LEU A 43 -7.43 -0.17 0.99
N GLN A 44 -7.41 1.16 0.91
CA GLN A 44 -7.54 1.99 2.10
C GLN A 44 -8.93 1.87 2.70
N ASN A 45 -9.91 1.50 1.87
CA ASN A 45 -11.27 1.35 2.33
C ASN A 45 -11.56 -0.10 2.71
N THR A 46 -10.50 -0.91 2.82
CA THR A 46 -10.64 -2.31 3.18
C THR A 46 -9.93 -2.61 4.49
N GLU A 47 -10.38 -3.66 5.17
CA GLU A 47 -9.79 -4.06 6.44
C GLU A 47 -8.37 -4.58 6.25
N GLU A 48 -8.23 -5.55 5.36
CA GLU A 48 -6.92 -6.15 5.08
C GLU A 48 -5.82 -5.10 5.16
N PHE A 49 -5.88 -4.11 4.27
CA PHE A 49 -4.89 -3.04 4.23
C PHE A 49 -4.59 -2.55 5.64
N LEU A 50 -5.63 -2.19 6.38
CA LEU A 50 -5.48 -1.69 7.74
C LEU A 50 -4.86 -2.76 8.64
N HIS A 51 -5.03 -4.02 8.26
CA HIS A 51 -4.49 -5.13 9.03
C HIS A 51 -3.03 -5.39 8.66
N LEU A 52 -2.61 -4.84 7.53
CA LEU A 52 -1.24 -5.01 7.07
C LEU A 52 -0.25 -4.38 8.05
N PRO A 53 0.99 -4.88 8.04
CA PRO A 53 2.06 -4.38 8.93
C PRO A 53 2.52 -2.99 8.53
N HIS A 54 3.64 -2.55 9.11
CA HIS A 54 4.19 -1.24 8.82
C HIS A 54 5.25 -1.32 7.73
N ARG A 55 5.95 -2.45 7.67
CA ARG A 55 7.00 -2.65 6.68
C ARG A 55 6.42 -2.61 5.27
N LEU A 56 5.51 -3.53 4.98
CA LEU A 56 4.88 -3.59 3.65
C LEU A 56 4.24 -2.25 3.30
N LEU A 57 3.59 -1.63 4.27
CA LEU A 57 2.93 -0.34 4.06
C LEU A 57 3.94 0.73 3.68
N THR A 58 4.88 1.00 4.59
CA THR A 58 5.91 2.00 4.35
C THR A 58 6.58 1.79 3.00
N ASP A 59 6.59 0.56 2.53
CA ASP A 59 7.20 0.23 1.25
C ASP A 59 6.32 0.71 0.10
N ILE A 60 5.07 0.28 0.09
CA ILE A 60 4.14 0.66 -0.96
C ILE A 60 4.14 2.18 -1.17
N ILE A 61 4.28 2.91 -0.08
CA ILE A 61 4.31 4.37 -0.14
C ILE A 61 5.67 4.87 -0.58
N SER A 62 6.72 4.15 -0.20
CA SER A 62 8.09 4.53 -0.56
C SER A 62 8.30 4.43 -2.06
N ASP A 63 7.62 3.48 -2.69
CA ASP A 63 7.74 3.29 -4.13
C ASP A 63 7.03 4.41 -4.89
N GLY A 64 6.23 5.19 -4.18
CA GLY A 64 5.53 6.29 -4.80
C GLY A 64 4.02 6.11 -4.75
N VAL A 65 3.28 7.21 -4.78
CA VAL A 65 1.82 7.16 -4.75
C VAL A 65 1.22 8.34 -5.50
N PRO A 66 0.26 8.04 -6.40
CA PRO A 66 -0.42 9.06 -7.20
C PRO A 66 -1.34 9.93 -6.36
N CYS A 67 -1.05 11.23 -6.34
CA CYS A 67 -1.86 12.17 -5.57
C CYS A 67 -3.33 11.82 -5.64
N SER A 68 -3.80 11.50 -6.85
CA SER A 68 -5.20 11.13 -7.04
C SER A 68 -5.70 10.24 -5.92
N GLN A 69 -4.91 9.24 -5.56
CA GLN A 69 -5.27 8.32 -4.49
C GLN A 69 -4.88 8.88 -3.13
N ASN A 70 -5.76 9.67 -2.55
CA ASN A 70 -5.50 10.27 -1.24
C ASN A 70 -4.65 9.35 -0.37
N PRO A 71 -3.33 9.58 -0.38
CA PRO A 71 -2.39 8.78 0.41
C PRO A 71 -2.53 9.02 1.91
N THR A 72 -2.53 10.30 2.30
CA THR A 72 -2.66 10.65 3.71
C THR A 72 -3.83 9.93 4.36
N GLU A 73 -4.97 9.94 3.69
CA GLU A 73 -6.17 9.29 4.20
C GLU A 73 -5.85 7.89 4.72
N ALA A 74 -5.25 7.07 3.85
CA ALA A 74 -4.88 5.71 4.21
C ALA A 74 -3.96 5.70 5.44
N ILE A 75 -3.00 6.61 5.45
CA ILE A 75 -2.05 6.70 6.56
C ILE A 75 -2.78 6.94 7.88
N GLU A 76 -3.68 7.91 7.88
CA GLU A 76 -4.44 8.24 9.09
C GLU A 76 -5.20 7.02 9.60
N ALA A 77 -5.77 6.25 8.66
CA ALA A 77 -6.52 5.06 9.01
C ALA A 77 -5.61 3.97 9.55
N TRP A 78 -4.78 3.41 8.68
CA TRP A 78 -3.86 2.35 9.07
C TRP A 78 -3.19 2.67 10.41
N ILE A 79 -3.06 3.96 10.71
CA ILE A 79 -2.45 4.40 11.95
C ILE A 79 -3.48 4.45 13.08
N ASN A 80 -4.62 5.09 12.80
CA ASN A 80 -5.68 5.21 13.79
C ASN A 80 -5.94 3.87 14.48
N PHE A 81 -5.76 2.79 13.74
CA PHE A 81 -5.98 1.45 14.27
C PHE A 81 -5.36 1.30 15.65
N ASN A 82 -4.07 1.63 15.75
CA ASN A 82 -3.36 1.54 17.03
C ASN A 82 -2.52 2.79 17.26
N LYS A 83 -3.10 3.95 17.00
CA LYS A 83 -2.39 5.21 17.19
C LYS A 83 -1.65 5.23 18.52
N GLU A 84 -2.09 4.39 19.45
CA GLU A 84 -1.46 4.31 20.76
C GLU A 84 0.05 4.52 20.65
N GLU A 85 0.74 3.56 20.05
CA GLU A 85 2.18 3.64 19.89
C GLU A 85 2.55 3.81 18.42
N ARG A 86 1.65 3.39 17.54
CA ARG A 86 1.88 3.50 16.09
C ARG A 86 2.06 4.95 15.68
N GLU A 87 1.77 5.86 16.60
CA GLU A 87 1.91 7.29 16.33
C GLU A 87 3.23 7.58 15.62
N ALA A 88 4.31 7.03 16.15
CA ALA A 88 5.64 7.22 15.57
C ALA A 88 5.63 6.90 14.08
N PHE A 89 5.03 5.78 13.73
CA PHE A 89 4.96 5.36 12.33
C PHE A 89 4.19 6.37 11.49
N ALA A 90 3.20 7.03 12.12
CA ALA A 90 2.39 8.03 11.43
C ALA A 90 3.24 9.22 11.00
N GLU A 91 3.86 9.88 11.98
CA GLU A 91 4.70 11.04 11.70
C GLU A 91 5.79 10.70 10.68
N SER A 92 6.44 9.56 10.89
CA SER A 92 7.50 9.13 9.99
C SER A 92 6.95 8.78 8.61
N LEU A 93 5.81 8.10 8.60
CA LEU A 93 5.18 7.71 7.35
C LEU A 93 4.79 8.93 6.52
N ARG A 94 4.24 9.93 7.18
CA ARG A 94 3.83 11.16 6.51
C ARG A 94 5.03 11.86 5.89
N THR A 95 6.11 11.97 6.66
CA THR A 95 7.33 12.62 6.17
C THR A 95 7.93 11.86 5.01
N SER A 96 7.75 10.54 5.00
CA SER A 96 8.28 9.70 3.93
C SER A 96 7.33 9.68 2.73
N LEU A 97 6.05 9.84 3.00
CA LEU A 97 5.04 9.84 1.95
C LEU A 97 5.58 10.49 0.67
N LYS A 98 5.33 9.85 -0.46
CA LYS A 98 5.79 10.36 -1.74
C LYS A 98 4.62 10.60 -2.69
N GLU A 99 4.68 11.68 -3.46
CA GLU A 99 3.62 12.01 -4.40
C GLU A 99 4.15 11.97 -5.84
N ILE A 100 3.27 11.61 -6.76
CA ILE A 100 3.63 11.53 -8.18
C ILE A 100 2.49 12.01 -9.07
N GLY A 101 2.85 12.55 -10.23
CA GLY A 101 1.84 13.03 -11.16
C GLY A 101 1.60 14.52 -11.03
N GLU A 102 1.08 15.13 -12.08
CA GLU A 102 0.80 16.57 -12.08
C GLU A 102 -0.71 16.82 -12.00
N ASN A 103 -1.07 18.09 -11.84
CA ASN A 103 -2.48 18.48 -11.75
C ASN A 103 -2.71 19.84 -12.40
N VAL A 104 -3.35 19.83 -13.56
CA VAL A 104 -3.64 21.06 -14.29
C VAL A 104 -5.00 21.62 -13.89
N HIS A 105 -4.99 22.63 -13.01
CA HIS A 105 -6.22 23.25 -12.56
C HIS A 105 -7.08 23.70 -13.74
N GLY A 1 -16.83 -4.06 -19.64
CA GLY A 1 -15.71 -4.87 -20.06
C GLY A 1 -15.25 -5.83 -18.97
N SER A 2 -15.51 -7.12 -19.18
CA SER A 2 -15.14 -8.14 -18.21
C SER A 2 -13.91 -8.91 -18.68
N SER A 3 -13.12 -9.38 -17.73
CA SER A 3 -11.91 -10.13 -18.05
C SER A 3 -11.97 -11.54 -17.47
N GLY A 4 -11.63 -12.54 -18.28
CA GLY A 4 -11.66 -13.92 -17.83
C GLY A 4 -10.28 -14.55 -17.80
N SER A 5 -9.54 -14.31 -16.72
CA SER A 5 -8.19 -14.86 -16.59
C SER A 5 -7.68 -14.68 -15.16
N SER A 6 -6.51 -15.25 -14.88
CA SER A 6 -5.91 -15.15 -13.56
C SER A 6 -4.90 -14.02 -13.50
N GLY A 7 -4.42 -13.71 -12.30
CA GLY A 7 -3.45 -12.64 -12.13
C GLY A 7 -3.73 -11.80 -10.91
N VAL A 8 -2.82 -10.86 -10.62
CA VAL A 8 -2.98 -9.99 -9.46
C VAL A 8 -4.12 -9.00 -9.67
N GLN A 9 -4.85 -8.71 -8.60
CA GLN A 9 -5.96 -7.77 -8.67
C GLN A 9 -5.99 -6.87 -7.44
N VAL A 10 -6.23 -5.58 -7.66
CA VAL A 10 -6.29 -4.62 -6.56
C VAL A 10 -6.88 -5.25 -5.31
N GLY A 11 -7.98 -5.97 -5.48
CA GLY A 11 -8.62 -6.62 -4.34
C GLY A 11 -7.73 -7.63 -3.66
N ASN A 12 -7.04 -8.44 -4.45
CA ASN A 12 -6.15 -9.45 -3.91
C ASN A 12 -4.69 -9.10 -4.21
N CYS A 13 -4.38 -7.80 -4.17
CA CYS A 13 -3.02 -7.34 -4.43
C CYS A 13 -2.19 -7.35 -3.16
N LEU A 14 -2.80 -6.94 -2.05
CA LEU A 14 -2.11 -6.91 -0.76
C LEU A 14 -1.71 -8.31 -0.32
N GLN A 15 -2.70 -9.19 -0.19
CA GLN A 15 -2.46 -10.56 0.23
C GLN A 15 -1.32 -11.17 -0.59
N VAL A 16 -1.41 -11.06 -1.90
CA VAL A 16 -0.38 -11.61 -2.79
C VAL A 16 1.00 -11.02 -2.47
N MET A 17 1.18 -9.75 -2.81
CA MET A 17 2.45 -9.07 -2.55
C MET A 17 2.98 -9.42 -1.16
N TRP A 18 2.08 -9.41 -0.18
CA TRP A 18 2.46 -9.72 1.19
C TRP A 18 3.27 -11.01 1.26
N LEU A 19 2.63 -12.13 0.93
CA LEU A 19 3.29 -13.42 0.95
C LEU A 19 4.59 -13.38 0.15
N ALA A 20 4.52 -12.86 -1.07
CA ALA A 20 5.70 -12.76 -1.93
C ALA A 20 6.88 -12.19 -1.16
N ASP A 21 6.70 -11.02 -0.57
CA ASP A 21 7.76 -10.36 0.18
C ASP A 21 8.31 -11.29 1.26
N ARG A 22 7.41 -12.01 1.93
CA ARG A 22 7.81 -12.94 2.99
C ARG A 22 8.57 -14.13 2.41
N HIS A 23 8.31 -14.43 1.14
CA HIS A 23 8.96 -15.55 0.47
C HIS A 23 10.03 -15.05 -0.50
N SER A 24 10.57 -13.87 -0.21
CA SER A 24 11.60 -13.27 -1.06
C SER A 24 11.20 -13.36 -2.53
N ASP A 25 10.00 -12.92 -2.85
CA ASP A 25 9.50 -12.94 -4.21
C ASP A 25 9.43 -11.54 -4.80
N PRO A 26 10.50 -11.14 -5.50
CA PRO A 26 10.60 -9.81 -6.12
C PRO A 26 9.65 -9.66 -7.31
N GLU A 27 9.61 -10.67 -8.17
CA GLU A 27 8.74 -10.65 -9.34
C GLU A 27 7.30 -10.34 -8.94
N LEU A 28 6.72 -11.22 -8.12
CA LEU A 28 5.35 -11.04 -7.67
C LEU A 28 5.22 -9.81 -6.78
N TYR A 29 5.84 -9.86 -5.61
CA TYR A 29 5.80 -8.75 -4.67
C TYR A 29 5.80 -7.41 -5.41
N THR A 30 6.79 -7.23 -6.28
CA THR A 30 6.91 -6.00 -7.06
C THR A 30 5.63 -5.73 -7.86
N ALA A 31 5.16 -6.75 -8.56
CA ALA A 31 3.96 -6.62 -9.37
C ALA A 31 2.77 -6.16 -8.52
N ALA A 32 2.32 -7.03 -7.62
CA ALA A 32 1.20 -6.70 -6.76
C ALA A 32 1.42 -5.38 -6.04
N LYS A 33 2.64 -5.18 -5.54
CA LYS A 33 2.98 -3.95 -4.83
C LYS A 33 2.67 -2.72 -5.68
N HIS A 34 3.13 -2.75 -6.93
CA HIS A 34 2.90 -1.64 -7.85
C HIS A 34 1.41 -1.34 -7.98
N CYS A 35 0.62 -2.37 -8.26
CA CYS A 35 -0.82 -2.21 -8.42
C CYS A 35 -1.43 -1.61 -7.15
N ALA A 36 -0.80 -1.86 -6.01
CA ALA A 36 -1.28 -1.34 -4.74
C ALA A 36 -1.11 0.17 -4.66
N LYS A 37 0.12 0.63 -4.88
CA LYS A 37 0.41 2.07 -4.84
C LYS A 37 -0.50 2.84 -5.78
N THR A 38 -0.79 2.24 -6.94
CA THR A 38 -1.65 2.88 -7.92
C THR A 38 -3.10 2.91 -7.46
N HIS A 39 -3.53 1.82 -6.81
CA HIS A 39 -4.90 1.72 -6.31
C HIS A 39 -4.90 1.54 -4.79
N LEU A 40 -4.27 2.47 -4.09
CA LEU A 40 -4.20 2.41 -2.63
C LEU A 40 -5.58 2.59 -2.02
N ALA A 41 -6.33 3.55 -2.53
CA ALA A 41 -7.68 3.82 -2.04
C ALA A 41 -8.49 2.53 -1.92
N GLN A 42 -8.66 1.85 -3.04
CA GLN A 42 -9.41 0.59 -3.07
C GLN A 42 -8.99 -0.32 -1.92
N LEU A 43 -7.81 -0.07 -1.38
CA LEU A 43 -7.29 -0.87 -0.26
C LEU A 43 -7.42 -0.11 1.06
N GLN A 44 -7.39 1.22 0.97
CA GLN A 44 -7.50 2.05 2.17
C GLN A 44 -8.89 1.94 2.77
N ASN A 45 -9.86 1.52 1.97
CA ASN A 45 -11.23 1.38 2.43
C ASN A 45 -11.54 -0.08 2.76
N THR A 46 -10.49 -0.89 2.87
CA THR A 46 -10.65 -2.30 3.19
C THR A 46 -10.00 -2.64 4.52
N GLU A 47 -10.33 -3.80 5.07
CA GLU A 47 -9.79 -4.24 6.34
C GLU A 47 -8.34 -4.70 6.18
N GLU A 48 -8.12 -5.67 5.30
CA GLU A 48 -6.78 -6.19 5.06
C GLU A 48 -5.74 -5.08 5.17
N PHE A 49 -5.82 -4.11 4.26
CA PHE A 49 -4.88 -2.99 4.24
C PHE A 49 -4.57 -2.53 5.67
N LEU A 50 -5.62 -2.23 6.42
CA LEU A 50 -5.47 -1.77 7.80
C LEU A 50 -4.86 -2.86 8.68
N HIS A 51 -5.08 -4.12 8.28
CA HIS A 51 -4.54 -5.25 9.02
C HIS A 51 -3.08 -5.51 8.66
N LEU A 52 -2.62 -4.84 7.61
CA LEU A 52 -1.24 -5.00 7.16
C LEU A 52 -0.26 -4.36 8.14
N PRO A 53 0.97 -4.88 8.15
CA PRO A 53 2.03 -4.36 9.04
C PRO A 53 2.51 -2.97 8.63
N HIS A 54 3.61 -2.54 9.21
CA HIS A 54 4.19 -1.23 8.91
C HIS A 54 5.23 -1.35 7.79
N ARG A 55 5.94 -2.47 7.76
CA ARG A 55 6.97 -2.69 6.75
C ARG A 55 6.36 -2.68 5.35
N LEU A 56 5.40 -3.57 5.13
CA LEU A 56 4.74 -3.66 3.82
C LEU A 56 4.22 -2.30 3.38
N LEU A 57 3.27 -1.75 4.15
CA LEU A 57 2.70 -0.45 3.84
C LEU A 57 3.78 0.56 3.45
N THR A 58 4.70 0.82 4.38
CA THR A 58 5.78 1.75 4.13
C THR A 58 6.37 1.56 2.73
N ASP A 59 6.78 0.33 2.44
CA ASP A 59 7.36 0.01 1.14
C ASP A 59 6.49 0.56 0.01
N ILE A 60 5.20 0.21 0.04
CA ILE A 60 4.27 0.67 -0.98
C ILE A 60 4.37 2.17 -1.20
N ILE A 61 4.20 2.93 -0.13
CA ILE A 61 4.27 4.39 -0.19
C ILE A 61 5.68 4.84 -0.55
N SER A 62 6.68 4.04 -0.18
CA SER A 62 8.07 4.36 -0.46
C SER A 62 8.31 4.49 -1.97
N ASP A 63 7.70 3.59 -2.73
CA ASP A 63 7.84 3.59 -4.18
C ASP A 63 7.08 4.77 -4.80
N GLY A 64 6.37 5.52 -3.94
CA GLY A 64 5.62 6.66 -4.41
C GLY A 64 4.14 6.35 -4.57
N VAL A 65 3.31 7.38 -4.53
CA VAL A 65 1.87 7.21 -4.66
C VAL A 65 1.24 8.37 -5.42
N PRO A 66 0.40 8.06 -6.41
CA PRO A 66 -0.28 9.07 -7.23
C PRO A 66 -1.34 9.83 -6.45
N CYS A 67 -1.19 11.15 -6.39
CA CYS A 67 -2.12 12.00 -5.67
C CYS A 67 -3.55 11.47 -5.79
N SER A 68 -3.91 11.04 -7.00
CA SER A 68 -5.24 10.51 -7.27
C SER A 68 -5.74 9.69 -6.09
N GLN A 69 -4.92 8.73 -5.65
CA GLN A 69 -5.28 7.87 -4.53
C GLN A 69 -4.86 8.50 -3.21
N ASN A 70 -5.77 9.28 -2.62
CA ASN A 70 -5.50 9.94 -1.35
C ASN A 70 -4.62 9.08 -0.47
N PRO A 71 -3.31 9.36 -0.49
CA PRO A 71 -2.32 8.62 0.31
C PRO A 71 -2.45 8.89 1.80
N THR A 72 -2.52 10.17 2.16
CA THR A 72 -2.64 10.57 3.55
C THR A 72 -3.83 9.87 4.22
N GLU A 73 -4.96 9.84 3.52
CA GLU A 73 -6.16 9.20 4.05
C GLU A 73 -5.85 7.80 4.57
N ALA A 74 -5.16 7.01 3.76
CA ALA A 74 -4.80 5.65 4.14
C ALA A 74 -3.88 5.65 5.36
N ILE A 75 -2.95 6.60 5.40
CA ILE A 75 -2.00 6.71 6.51
C ILE A 75 -2.74 6.97 7.82
N GLU A 76 -3.54 8.03 7.84
CA GLU A 76 -4.31 8.39 9.03
C GLU A 76 -5.12 7.21 9.53
N ALA A 77 -5.73 6.48 8.62
CA ALA A 77 -6.54 5.32 8.96
C ALA A 77 -5.68 4.19 9.49
N TRP A 78 -4.84 3.63 8.63
CA TRP A 78 -3.96 2.53 9.01
C TRP A 78 -3.31 2.80 10.37
N ILE A 79 -2.97 4.06 10.61
CA ILE A 79 -2.35 4.46 11.87
C ILE A 79 -3.37 4.55 12.98
N ASN A 80 -4.47 5.24 12.71
CA ASN A 80 -5.54 5.40 13.70
C ASN A 80 -5.88 4.07 14.35
N PHE A 81 -5.74 2.99 13.60
CA PHE A 81 -6.04 1.66 14.10
C PHE A 81 -5.53 1.49 15.53
N ASN A 82 -4.23 1.68 15.71
CA ASN A 82 -3.61 1.55 17.03
C ASN A 82 -2.67 2.72 17.31
N LYS A 83 -3.03 3.90 16.81
CA LYS A 83 -2.21 5.09 17.01
C LYS A 83 -1.57 5.09 18.39
N GLU A 84 -2.25 4.47 19.35
CA GLU A 84 -1.74 4.40 20.71
C GLU A 84 -0.22 4.24 20.72
N GLU A 85 0.31 3.55 19.71
CA GLU A 85 1.74 3.34 19.61
C GLU A 85 2.24 3.63 18.19
N ARG A 86 1.45 3.23 17.20
CA ARG A 86 1.80 3.44 15.81
C ARG A 86 2.12 4.92 15.55
N GLU A 87 1.67 5.78 16.46
CA GLU A 87 1.90 7.21 16.33
C GLU A 87 3.27 7.49 15.69
N ALA A 88 4.31 6.95 16.30
CA ALA A 88 5.66 7.14 15.78
C ALA A 88 5.73 6.87 14.28
N PHE A 89 5.13 5.76 13.86
CA PHE A 89 5.12 5.37 12.46
C PHE A 89 4.34 6.39 11.62
N ALA A 90 3.33 6.98 12.23
CA ALA A 90 2.50 7.98 11.56
C ALA A 90 3.33 9.17 11.12
N GLU A 91 4.03 9.79 12.09
CA GLU A 91 4.86 10.95 11.81
C GLU A 91 5.93 10.62 10.77
N SER A 92 6.59 9.49 10.97
CA SER A 92 7.65 9.06 10.06
C SER A 92 7.08 8.69 8.69
N LEU A 93 5.86 8.14 8.71
CA LEU A 93 5.19 7.74 7.47
C LEU A 93 4.75 8.95 6.67
N ARG A 94 4.37 10.02 7.37
CA ARG A 94 3.92 11.25 6.72
C ARG A 94 5.09 11.96 6.06
N THR A 95 6.14 12.21 6.83
CA THR A 95 7.32 12.89 6.32
C THR A 95 7.94 12.13 5.15
N SER A 96 7.96 10.80 5.28
CA SER A 96 8.53 9.95 4.22
C SER A 96 7.56 9.83 3.05
N LEU A 97 6.27 10.01 3.32
CA LEU A 97 5.25 9.92 2.29
C LEU A 97 5.71 10.59 1.01
N LYS A 98 5.56 9.89 -0.12
CA LYS A 98 5.96 10.42 -1.41
C LYS A 98 4.78 10.45 -2.37
N GLU A 99 4.66 11.53 -3.13
CA GLU A 99 3.57 11.69 -4.10
C GLU A 99 4.12 11.90 -5.50
N ILE A 100 3.46 11.32 -6.49
CA ILE A 100 3.87 11.46 -7.88
C ILE A 100 2.78 12.11 -8.72
N GLY A 101 2.62 13.41 -8.56
CA GLY A 101 1.61 14.14 -9.32
C GLY A 101 2.03 15.57 -9.61
N GLU A 102 1.07 16.37 -10.09
CA GLU A 102 1.34 17.76 -10.41
C GLU A 102 0.96 18.67 -9.26
N ASN A 103 -0.22 18.46 -8.70
CA ASN A 103 -0.70 19.26 -7.58
C ASN A 103 -1.68 18.47 -6.73
N VAL A 104 -1.58 18.63 -5.41
CA VAL A 104 -2.45 17.93 -4.48
C VAL A 104 -3.92 18.26 -4.77
N HIS A 105 -4.69 17.23 -5.11
CA HIS A 105 -6.11 17.41 -5.40
C HIS A 105 -6.94 17.32 -4.13
N GLY A 1 -13.19 -5.08 -12.81
CA GLY A 1 -12.01 -5.93 -12.87
C GLY A 1 -12.13 -6.99 -13.94
N SER A 2 -12.14 -6.57 -15.20
CA SER A 2 -12.25 -7.50 -16.32
C SER A 2 -11.32 -8.70 -16.12
N SER A 3 -11.72 -9.84 -16.68
CA SER A 3 -10.94 -11.06 -16.56
C SER A 3 -10.41 -11.50 -17.92
N GLY A 4 -9.12 -11.82 -17.98
CA GLY A 4 -8.52 -12.25 -19.24
C GLY A 4 -7.17 -12.91 -19.03
N SER A 5 -6.26 -12.20 -18.37
CA SER A 5 -4.93 -12.73 -18.11
C SER A 5 -4.69 -12.90 -16.61
N SER A 6 -3.63 -13.61 -16.27
CA SER A 6 -3.29 -13.86 -14.88
C SER A 6 -2.30 -12.81 -14.36
N GLY A 7 -2.19 -12.71 -13.04
CA GLY A 7 -1.28 -11.75 -12.44
C GLY A 7 -1.71 -11.32 -11.06
N VAL A 8 -2.16 -10.08 -10.94
CA VAL A 8 -2.62 -9.55 -9.66
C VAL A 8 -3.83 -8.63 -9.84
N GLN A 9 -4.55 -8.39 -8.75
CA GLN A 9 -5.72 -7.53 -8.79
C GLN A 9 -5.81 -6.69 -7.53
N VAL A 10 -6.25 -5.43 -7.70
CA VAL A 10 -6.38 -4.52 -6.58
C VAL A 10 -7.07 -5.19 -5.39
N GLY A 11 -7.99 -6.10 -5.69
CA GLY A 11 -8.71 -6.80 -4.65
C GLY A 11 -7.85 -7.83 -3.95
N ASN A 12 -6.97 -8.48 -4.70
CA ASN A 12 -6.09 -9.50 -4.15
C ASN A 12 -4.63 -9.11 -4.32
N CYS A 13 -4.36 -7.82 -4.25
CA CYS A 13 -3.00 -7.30 -4.39
C CYS A 13 -2.25 -7.38 -3.06
N LEU A 14 -2.91 -6.95 -1.99
CA LEU A 14 -2.32 -6.96 -0.66
C LEU A 14 -1.92 -8.38 -0.25
N GLN A 15 -2.90 -9.26 -0.20
CA GLN A 15 -2.66 -10.65 0.18
C GLN A 15 -1.52 -11.24 -0.65
N VAL A 16 -1.59 -11.07 -1.96
CA VAL A 16 -0.56 -11.58 -2.85
C VAL A 16 0.81 -11.00 -2.52
N MET A 17 0.96 -9.69 -2.71
CA MET A 17 2.22 -9.02 -2.42
C MET A 17 2.74 -9.41 -1.04
N TRP A 18 1.83 -9.50 -0.07
CA TRP A 18 2.19 -9.86 1.29
C TRP A 18 3.02 -11.14 1.31
N LEU A 19 2.39 -12.25 0.92
CA LEU A 19 3.07 -13.54 0.90
C LEU A 19 4.40 -13.45 0.14
N ALA A 20 4.42 -12.65 -0.92
CA ALA A 20 5.62 -12.47 -1.72
C ALA A 20 6.74 -11.84 -0.90
N ASP A 21 6.51 -10.61 -0.45
CA ASP A 21 7.50 -9.89 0.36
C ASP A 21 7.83 -10.67 1.63
N ARG A 22 6.96 -11.61 1.98
CA ARG A 22 7.15 -12.42 3.18
C ARG A 22 7.82 -13.74 2.84
N HIS A 23 7.76 -14.12 1.56
CA HIS A 23 8.35 -15.37 1.10
C HIS A 23 9.54 -15.10 0.18
N SER A 24 10.15 -13.93 0.34
CA SER A 24 11.29 -13.54 -0.49
C SER A 24 10.95 -13.65 -1.97
N ASP A 25 9.81 -13.07 -2.35
CA ASP A 25 9.37 -13.10 -3.74
C ASP A 25 9.30 -11.69 -4.31
N PRO A 26 10.38 -11.25 -4.97
CA PRO A 26 10.46 -9.92 -5.56
C PRO A 26 9.54 -9.78 -6.78
N GLU A 27 9.55 -10.80 -7.63
CA GLU A 27 8.72 -10.78 -8.83
C GLU A 27 7.27 -10.50 -8.50
N LEU A 28 6.69 -11.34 -7.65
CA LEU A 28 5.30 -11.18 -7.24
C LEU A 28 5.11 -9.91 -6.42
N TYR A 29 5.88 -9.79 -5.34
CA TYR A 29 5.80 -8.63 -4.46
C TYR A 29 5.79 -7.34 -5.28
N THR A 30 6.79 -7.20 -6.16
CA THR A 30 6.89 -6.01 -7.00
C THR A 30 5.60 -5.77 -7.78
N ALA A 31 5.17 -6.78 -8.54
CA ALA A 31 3.96 -6.66 -9.33
C ALA A 31 2.81 -6.11 -8.50
N ALA A 32 2.33 -6.91 -7.55
CA ALA A 32 1.24 -6.50 -6.68
C ALA A 32 1.51 -5.13 -6.06
N LYS A 33 2.71 -4.96 -5.51
CA LYS A 33 3.11 -3.71 -4.89
C LYS A 33 2.76 -2.52 -5.80
N HIS A 34 3.13 -2.63 -7.07
CA HIS A 34 2.85 -1.57 -8.03
C HIS A 34 1.35 -1.34 -8.17
N CYS A 35 0.58 -2.42 -8.19
CA CYS A 35 -0.86 -2.33 -8.32
C CYS A 35 -1.48 -1.72 -7.07
N ALA A 36 -0.85 -1.95 -5.93
CA ALA A 36 -1.34 -1.41 -4.66
C ALA A 36 -1.12 0.10 -4.58
N LYS A 37 0.09 0.54 -4.92
CA LYS A 37 0.42 1.95 -4.89
C LYS A 37 -0.44 2.74 -5.88
N THR A 38 -0.73 2.13 -7.02
CA THR A 38 -1.55 2.77 -8.04
C THR A 38 -2.99 2.88 -7.60
N HIS A 39 -3.49 1.85 -6.93
CA HIS A 39 -4.87 1.83 -6.46
C HIS A 39 -4.92 1.56 -4.95
N LEU A 40 -4.23 2.39 -4.18
CA LEU A 40 -4.21 2.24 -2.73
C LEU A 40 -5.60 2.44 -2.13
N ALA A 41 -6.33 3.43 -2.64
CA ALA A 41 -7.66 3.72 -2.15
C ALA A 41 -8.49 2.43 -2.03
N GLN A 42 -8.68 1.74 -3.15
CA GLN A 42 -9.44 0.51 -3.17
C GLN A 42 -8.97 -0.44 -2.07
N LEU A 43 -7.77 -0.18 -1.55
CA LEU A 43 -7.20 -1.02 -0.50
C LEU A 43 -7.32 -0.33 0.86
N GLN A 44 -7.38 1.00 0.84
CA GLN A 44 -7.50 1.78 2.07
C GLN A 44 -8.87 1.58 2.71
N ASN A 45 -9.85 1.27 1.89
CA ASN A 45 -11.22 1.06 2.38
C ASN A 45 -11.43 -0.39 2.79
N THR A 46 -10.38 -1.20 2.66
CA THR A 46 -10.45 -2.61 3.02
C THR A 46 -9.77 -2.87 4.36
N GLU A 47 -10.19 -3.94 5.04
CA GLU A 47 -9.63 -4.29 6.33
C GLU A 47 -8.21 -4.81 6.19
N GLU A 48 -8.03 -5.80 5.33
CA GLU A 48 -6.71 -6.38 5.09
C GLU A 48 -5.63 -5.31 5.11
N PHE A 49 -5.76 -4.32 4.24
CA PHE A 49 -4.79 -3.23 4.16
C PHE A 49 -4.42 -2.73 5.56
N LEU A 50 -5.44 -2.39 6.35
CA LEU A 50 -5.24 -1.90 7.70
C LEU A 50 -4.58 -2.97 8.58
N HIS A 51 -4.78 -4.23 8.21
CA HIS A 51 -4.21 -5.34 8.96
C HIS A 51 -2.74 -5.54 8.60
N LEU A 52 -2.33 -4.97 7.48
CA LEU A 52 -0.95 -5.09 7.02
C LEU A 52 0.01 -4.39 7.98
N PRO A 53 1.25 -4.88 8.03
CA PRO A 53 2.29 -4.31 8.90
C PRO A 53 2.74 -2.93 8.44
N HIS A 54 3.87 -2.47 8.97
CA HIS A 54 4.41 -1.17 8.62
C HIS A 54 5.41 -1.28 7.48
N ARG A 55 6.07 -2.43 7.39
CA ARG A 55 7.05 -2.67 6.34
C ARG A 55 6.41 -2.64 4.96
N LEU A 56 5.29 -3.35 4.82
CA LEU A 56 4.57 -3.39 3.55
C LEU A 56 3.98 -2.03 3.21
N LEU A 57 3.31 -1.42 4.18
CA LEU A 57 2.70 -0.11 3.98
C LEU A 57 3.75 0.93 3.62
N THR A 58 4.68 1.17 4.55
CA THR A 58 5.73 2.15 4.33
C THR A 58 6.42 1.92 2.98
N ASP A 59 6.57 0.66 2.60
CA ASP A 59 7.21 0.30 1.35
C ASP A 59 6.41 0.86 0.16
N ILE A 60 5.14 0.49 0.08
CA ILE A 60 4.28 0.95 -1.00
C ILE A 60 4.40 2.46 -1.19
N ILE A 61 4.25 3.20 -0.10
CA ILE A 61 4.35 4.66 -0.15
C ILE A 61 5.76 5.10 -0.49
N SER A 62 6.74 4.29 -0.09
CA SER A 62 8.14 4.61 -0.35
C SER A 62 8.40 4.72 -1.85
N ASP A 63 7.81 3.82 -2.63
CA ASP A 63 7.98 3.82 -4.07
C ASP A 63 7.26 5.01 -4.69
N GLY A 64 6.30 5.56 -3.97
CA GLY A 64 5.54 6.70 -4.48
C GLY A 64 4.07 6.38 -4.66
N VAL A 65 3.23 7.41 -4.56
CA VAL A 65 1.79 7.23 -4.71
C VAL A 65 1.18 8.40 -5.48
N PRO A 66 0.24 8.09 -6.38
CA PRO A 66 -0.44 9.10 -7.20
C PRO A 66 -1.39 9.96 -6.38
N CYS A 67 -1.17 11.27 -6.40
CA CYS A 67 -2.01 12.20 -5.66
C CYS A 67 -3.47 11.77 -5.69
N SER A 68 -3.97 11.48 -6.89
CA SER A 68 -5.35 11.05 -7.06
C SER A 68 -5.78 10.11 -5.94
N GLN A 69 -4.92 9.14 -5.63
CA GLN A 69 -5.21 8.18 -4.58
C GLN A 69 -4.81 8.72 -3.21
N ASN A 70 -5.69 9.53 -2.63
CA ASN A 70 -5.44 10.12 -1.32
C ASN A 70 -4.60 9.18 -0.46
N PRO A 71 -3.28 9.40 -0.44
CA PRO A 71 -2.34 8.59 0.34
C PRO A 71 -2.49 8.82 1.84
N THR A 72 -2.48 10.08 2.25
CA THR A 72 -2.61 10.44 3.66
C THR A 72 -3.79 9.73 4.30
N GLU A 73 -4.93 9.74 3.60
CA GLU A 73 -6.14 9.09 4.11
C GLU A 73 -5.84 7.67 4.59
N ALA A 74 -5.17 6.90 3.75
CA ALA A 74 -4.82 5.52 4.10
C ALA A 74 -3.90 5.48 5.31
N ILE A 75 -2.97 6.43 5.37
CA ILE A 75 -2.03 6.51 6.48
C ILE A 75 -2.75 6.79 7.79
N GLU A 76 -3.68 7.73 7.75
CA GLU A 76 -4.45 8.11 8.93
C GLU A 76 -5.21 6.91 9.49
N ALA A 77 -5.84 6.15 8.60
CA ALA A 77 -6.60 4.97 9.00
C ALA A 77 -5.68 3.87 9.52
N TRP A 78 -4.83 3.36 8.64
CA TRP A 78 -3.90 2.30 9.01
C TRP A 78 -3.26 2.58 10.36
N ILE A 79 -3.05 3.87 10.65
CA ILE A 79 -2.45 4.28 11.90
C ILE A 79 -3.48 4.32 13.03
N ASN A 80 -4.57 5.05 12.80
CA ASN A 80 -5.63 5.16 13.79
C ASN A 80 -5.86 3.84 14.50
N PHE A 81 -5.81 2.75 13.74
CA PHE A 81 -6.01 1.41 14.29
C PHE A 81 -5.36 1.29 15.66
N ASN A 82 -4.05 1.51 15.71
CA ASN A 82 -3.30 1.41 16.96
C ASN A 82 -2.38 2.63 17.14
N LYS A 83 -2.92 3.80 16.82
CA LYS A 83 -2.16 5.05 16.95
C LYS A 83 -1.53 5.16 18.34
N GLU A 84 -2.06 4.39 19.29
CA GLU A 84 -1.55 4.40 20.65
C GLU A 84 -0.03 4.22 20.67
N GLU A 85 0.47 3.44 19.71
CA GLU A 85 1.90 3.18 19.62
C GLU A 85 2.42 3.46 18.21
N ARG A 86 1.62 3.07 17.21
CA ARG A 86 2.00 3.29 15.82
C ARG A 86 2.27 4.76 15.53
N GLU A 87 1.83 5.62 16.45
CA GLU A 87 2.02 7.06 16.30
C GLU A 87 3.37 7.36 15.64
N ALA A 88 4.44 6.85 16.24
CA ALA A 88 5.78 7.07 15.70
C ALA A 88 5.83 6.81 14.21
N PHE A 89 5.21 5.71 13.78
CA PHE A 89 5.18 5.36 12.36
C PHE A 89 4.39 6.38 11.56
N ALA A 90 3.35 6.94 12.19
CA ALA A 90 2.52 7.94 11.53
C ALA A 90 3.32 9.15 11.12
N GLU A 91 4.12 9.67 12.05
CA GLU A 91 4.94 10.84 11.79
C GLU A 91 5.99 10.55 10.71
N SER A 92 6.78 9.50 10.94
CA SER A 92 7.82 9.11 9.99
C SER A 92 7.22 8.77 8.63
N LEU A 93 6.05 8.14 8.64
CA LEU A 93 5.36 7.76 7.41
C LEU A 93 5.02 9.00 6.58
N ARG A 94 4.40 9.98 7.23
CA ARG A 94 4.02 11.22 6.56
C ARG A 94 5.23 11.90 5.93
N THR A 95 6.34 11.89 6.66
CA THR A 95 7.57 12.50 6.17
C THR A 95 8.12 11.76 4.95
N SER A 96 7.99 10.44 4.96
CA SER A 96 8.47 9.61 3.87
C SER A 96 7.49 9.62 2.70
N LEU A 97 6.21 9.83 3.02
CA LEU A 97 5.18 9.87 2.00
C LEU A 97 5.65 10.61 0.75
N LYS A 98 5.41 10.02 -0.41
CA LYS A 98 5.82 10.62 -1.67
C LYS A 98 4.61 10.81 -2.59
N GLU A 99 4.59 11.94 -3.29
CA GLU A 99 3.50 12.24 -4.21
C GLU A 99 3.99 12.28 -5.65
N ILE A 100 3.21 11.70 -6.55
CA ILE A 100 3.57 11.66 -7.97
C ILE A 100 2.39 12.10 -8.84
N GLY A 101 2.71 12.71 -9.98
CA GLY A 101 1.67 13.16 -10.88
C GLY A 101 1.09 14.51 -10.48
N GLU A 102 0.55 15.23 -11.46
CA GLU A 102 -0.03 16.55 -11.20
C GLU A 102 -1.39 16.67 -11.89
N ASN A 103 -2.34 17.30 -11.18
CA ASN A 103 -3.68 17.50 -11.72
C ASN A 103 -4.52 18.37 -10.78
N VAL A 104 -5.25 19.31 -11.36
CA VAL A 104 -6.09 20.21 -10.59
C VAL A 104 -7.56 19.84 -10.73
N HIS A 105 -8.06 19.03 -9.79
CA HIS A 105 -9.46 18.60 -9.81
C HIS A 105 -10.37 19.74 -10.26
N GLY A 1 -2.32 -20.86 -24.41
CA GLY A 1 -1.80 -19.51 -24.57
C GLY A 1 -2.49 -18.51 -23.67
N SER A 2 -2.27 -18.64 -22.36
CA SER A 2 -2.88 -17.76 -21.39
C SER A 2 -4.29 -17.35 -21.83
N SER A 3 -5.09 -18.33 -22.20
CA SER A 3 -6.45 -18.08 -22.65
C SER A 3 -7.35 -17.74 -21.47
N GLY A 4 -7.35 -16.47 -21.08
CA GLY A 4 -8.16 -16.03 -19.96
C GLY A 4 -7.59 -16.42 -18.62
N SER A 5 -6.28 -16.22 -18.46
CA SER A 5 -5.60 -16.56 -17.21
C SER A 5 -5.87 -15.53 -16.14
N SER A 6 -5.67 -15.92 -14.88
CA SER A 6 -5.90 -15.01 -13.75
C SER A 6 -4.58 -14.50 -13.20
N GLY A 7 -4.60 -13.26 -12.70
CA GLY A 7 -3.39 -12.68 -12.14
C GLY A 7 -3.65 -11.95 -10.84
N VAL A 8 -2.93 -10.86 -10.62
CA VAL A 8 -3.09 -10.06 -9.40
C VAL A 8 -4.18 -9.01 -9.58
N GLN A 9 -4.91 -8.74 -8.50
CA GLN A 9 -5.99 -7.76 -8.53
C GLN A 9 -5.93 -6.86 -7.30
N VAL A 10 -6.02 -5.55 -7.53
CA VAL A 10 -5.97 -4.58 -6.44
C VAL A 10 -6.68 -5.11 -5.21
N GLY A 11 -7.76 -5.86 -5.42
CA GLY A 11 -8.51 -6.42 -4.31
C GLY A 11 -7.71 -7.43 -3.52
N ASN A 12 -7.03 -8.33 -4.22
CA ASN A 12 -6.22 -9.35 -3.56
C ASN A 12 -4.74 -9.07 -3.76
N CYS A 13 -4.42 -7.88 -4.23
CA CYS A 13 -3.03 -7.49 -4.46
C CYS A 13 -2.23 -7.56 -3.17
N LEU A 14 -2.83 -7.12 -2.07
CA LEU A 14 -2.17 -7.14 -0.77
C LEU A 14 -1.78 -8.55 -0.38
N GLN A 15 -2.77 -9.44 -0.30
CA GLN A 15 -2.53 -10.83 0.07
C GLN A 15 -1.39 -11.42 -0.75
N VAL A 16 -1.43 -11.20 -2.06
CA VAL A 16 -0.40 -11.71 -2.96
C VAL A 16 0.97 -11.14 -2.59
N MET A 17 1.15 -9.84 -2.84
CA MET A 17 2.40 -9.17 -2.54
C MET A 17 2.92 -9.56 -1.16
N TRP A 18 2.00 -9.65 -0.20
CA TRP A 18 2.37 -10.02 1.17
C TRP A 18 3.17 -11.31 1.19
N LEU A 19 2.53 -12.41 0.80
CA LEU A 19 3.19 -13.72 0.77
C LEU A 19 4.48 -13.65 -0.02
N ALA A 20 4.44 -13.00 -1.18
CA ALA A 20 5.61 -12.86 -2.03
C ALA A 20 6.79 -12.29 -1.25
N ASP A 21 6.57 -11.14 -0.63
CA ASP A 21 7.62 -10.49 0.15
C ASP A 21 8.20 -11.45 1.19
N ARG A 22 7.34 -12.24 1.81
CA ARG A 22 7.78 -13.20 2.82
C ARG A 22 8.60 -14.32 2.19
N HIS A 23 8.15 -14.81 1.03
CA HIS A 23 8.86 -15.87 0.33
C HIS A 23 9.95 -15.30 -0.58
N SER A 24 10.46 -14.13 -0.20
CA SER A 24 11.49 -13.48 -0.98
C SER A 24 11.20 -13.57 -2.48
N ASP A 25 10.01 -13.14 -2.86
CA ASP A 25 9.60 -13.18 -4.27
C ASP A 25 9.47 -11.76 -4.83
N PRO A 26 10.50 -11.32 -5.57
CA PRO A 26 10.51 -9.99 -6.19
C PRO A 26 9.51 -9.86 -7.32
N GLU A 27 9.50 -10.84 -8.21
CA GLU A 27 8.58 -10.83 -9.35
C GLU A 27 7.16 -10.48 -8.90
N LEU A 28 6.58 -11.35 -8.07
CA LEU A 28 5.22 -11.13 -7.57
C LEU A 28 5.15 -9.86 -6.73
N TYR A 29 5.83 -9.88 -5.58
CA TYR A 29 5.84 -8.73 -4.68
C TYR A 29 5.83 -7.42 -5.48
N THR A 30 6.82 -7.26 -6.35
CA THR A 30 6.93 -6.06 -7.17
C THR A 30 5.63 -5.79 -7.92
N ALA A 31 5.14 -6.81 -8.62
CA ALA A 31 3.89 -6.68 -9.38
C ALA A 31 2.75 -6.21 -8.50
N ALA A 32 2.30 -7.07 -7.60
CA ALA A 32 1.21 -6.75 -6.70
C ALA A 32 1.46 -5.41 -6.01
N LYS A 33 2.72 -5.15 -5.65
CA LYS A 33 3.09 -3.91 -4.98
C LYS A 33 2.68 -2.70 -5.81
N HIS A 34 3.15 -2.66 -7.06
CA HIS A 34 2.83 -1.55 -7.96
C HIS A 34 1.31 -1.36 -8.06
N CYS A 35 0.59 -2.47 -8.11
CA CYS A 35 -0.87 -2.41 -8.21
C CYS A 35 -1.48 -1.81 -6.94
N ALA A 36 -0.79 -1.97 -5.82
CA ALA A 36 -1.26 -1.45 -4.55
C ALA A 36 -1.10 0.07 -4.49
N LYS A 37 0.14 0.53 -4.56
CA LYS A 37 0.43 1.96 -4.51
C LYS A 37 -0.47 2.73 -5.47
N THR A 38 -0.60 2.21 -6.70
CA THR A 38 -1.43 2.85 -7.71
C THR A 38 -2.90 2.86 -7.29
N HIS A 39 -3.37 1.74 -6.76
CA HIS A 39 -4.75 1.62 -6.32
C HIS A 39 -4.82 1.41 -4.81
N LEU A 40 -4.17 2.30 -4.06
CA LEU A 40 -4.16 2.22 -2.60
C LEU A 40 -5.57 2.43 -2.04
N ALA A 41 -6.27 3.41 -2.58
CA ALA A 41 -7.63 3.71 -2.13
C ALA A 41 -8.45 2.43 -1.98
N GLN A 42 -8.61 1.70 -3.07
CA GLN A 42 -9.38 0.46 -3.07
C GLN A 42 -8.98 -0.41 -1.89
N LEU A 43 -7.80 -0.16 -1.34
CA LEU A 43 -7.30 -0.92 -0.20
C LEU A 43 -7.45 -0.13 1.10
N GLN A 44 -7.41 1.20 0.98
CA GLN A 44 -7.55 2.07 2.14
C GLN A 44 -8.92 1.94 2.78
N ASN A 45 -9.90 1.53 1.97
CA ASN A 45 -11.27 1.36 2.45
C ASN A 45 -11.52 -0.09 2.87
N THR A 46 -10.46 -0.90 2.85
CA THR A 46 -10.57 -2.29 3.22
C THR A 46 -9.89 -2.57 4.56
N GLU A 47 -10.06 -3.78 5.07
CA GLU A 47 -9.47 -4.16 6.35
C GLU A 47 -8.02 -4.63 6.15
N GLU A 48 -7.83 -5.53 5.19
CA GLU A 48 -6.51 -6.05 4.90
C GLU A 48 -5.44 -4.97 5.05
N PHE A 49 -5.52 -3.95 4.22
CA PHE A 49 -4.57 -2.85 4.27
C PHE A 49 -4.27 -2.43 5.71
N LEU A 50 -5.32 -2.06 6.43
CA LEU A 50 -5.18 -1.65 7.83
C LEU A 50 -4.59 -2.77 8.67
N HIS A 51 -4.73 -4.00 8.19
CA HIS A 51 -4.22 -5.17 8.90
C HIS A 51 -2.77 -5.44 8.51
N LEU A 52 -2.31 -4.77 7.46
CA LEU A 52 -0.95 -4.94 6.98
C LEU A 52 0.06 -4.31 7.94
N PRO A 53 1.29 -4.83 7.94
CA PRO A 53 2.36 -4.34 8.80
C PRO A 53 2.85 -2.95 8.38
N HIS A 54 3.97 -2.52 8.95
CA HIS A 54 4.54 -1.22 8.63
C HIS A 54 5.53 -1.34 7.46
N ARG A 55 6.28 -2.44 7.44
CA ARG A 55 7.26 -2.67 6.38
C ARG A 55 6.60 -2.63 5.01
N LEU A 56 5.57 -3.45 4.83
CA LEU A 56 4.86 -3.51 3.55
C LEU A 56 4.21 -2.17 3.23
N LEU A 57 3.57 -1.56 4.22
CA LEU A 57 2.92 -0.27 4.05
C LEU A 57 3.92 0.79 3.62
N THR A 58 4.87 1.09 4.50
CA THR A 58 5.89 2.08 4.22
C THR A 58 6.50 1.88 2.83
N ASP A 59 6.61 0.61 2.42
CA ASP A 59 7.16 0.28 1.12
C ASP A 59 6.28 0.81 0.00
N ILE A 60 5.04 0.33 -0.06
CA ILE A 60 4.09 0.75 -1.08
C ILE A 60 4.11 2.26 -1.25
N ILE A 61 4.07 2.99 -0.12
CA ILE A 61 4.07 4.44 -0.15
C ILE A 61 5.46 4.97 -0.50
N SER A 62 6.49 4.26 -0.06
CA SER A 62 7.87 4.67 -0.33
C SER A 62 8.16 4.67 -1.83
N ASP A 63 7.43 3.83 -2.56
CA ASP A 63 7.61 3.73 -4.00
C ASP A 63 6.84 4.84 -4.72
N GLY A 64 6.42 5.85 -3.96
CA GLY A 64 5.68 6.96 -4.53
C GLY A 64 4.22 6.61 -4.79
N VAL A 65 3.33 7.53 -4.47
CA VAL A 65 1.90 7.32 -4.66
C VAL A 65 1.29 8.48 -5.44
N PRO A 66 0.43 8.14 -6.43
CA PRO A 66 -0.25 9.12 -7.26
C PRO A 66 -1.30 9.92 -6.50
N CYS A 67 -1.12 11.23 -6.43
CA CYS A 67 -2.05 12.09 -5.72
C CYS A 67 -3.48 11.62 -5.91
N SER A 68 -3.76 11.05 -7.08
CA SER A 68 -5.10 10.56 -7.39
C SER A 68 -5.66 9.73 -6.24
N GLN A 69 -4.85 8.80 -5.74
CA GLN A 69 -5.27 7.94 -4.63
C GLN A 69 -4.88 8.56 -3.30
N ASN A 70 -5.80 9.34 -2.73
CA ASN A 70 -5.56 10.00 -1.44
C ASN A 70 -4.67 9.13 -0.55
N PRO A 71 -3.37 9.41 -0.56
CA PRO A 71 -2.39 8.68 0.25
C PRO A 71 -2.53 8.95 1.74
N THR A 72 -2.61 10.23 2.08
CA THR A 72 -2.75 10.62 3.48
C THR A 72 -3.91 9.88 4.15
N GLU A 73 -5.07 9.90 3.51
CA GLU A 73 -6.25 9.22 4.04
C GLU A 73 -5.89 7.83 4.56
N ALA A 74 -5.26 7.04 3.70
CA ALA A 74 -4.86 5.68 4.07
C ALA A 74 -3.94 5.69 5.29
N ILE A 75 -3.02 6.65 5.33
CA ILE A 75 -2.08 6.77 6.43
C ILE A 75 -2.82 7.02 7.75
N GLU A 76 -3.78 7.93 7.71
CA GLU A 76 -4.56 8.26 8.90
C GLU A 76 -5.30 7.04 9.42
N ALA A 77 -5.83 6.24 8.51
CA ALA A 77 -6.56 5.03 8.87
C ALA A 77 -5.63 3.95 9.41
N TRP A 78 -4.77 3.43 8.54
CA TRP A 78 -3.82 2.39 8.93
C TRP A 78 -3.20 2.71 10.28
N ILE A 79 -3.00 3.99 10.55
CA ILE A 79 -2.42 4.42 11.82
C ILE A 79 -3.48 4.53 12.91
N ASN A 80 -4.58 5.21 12.59
CA ASN A 80 -5.66 5.38 13.55
C ASN A 80 -5.93 4.08 14.31
N PHE A 81 -5.76 2.95 13.62
CA PHE A 81 -5.99 1.65 14.23
C PHE A 81 -5.48 1.63 15.67
N ASN A 82 -4.19 1.86 15.84
CA ASN A 82 -3.59 1.88 17.17
C ASN A 82 -2.66 3.08 17.35
N LYS A 83 -3.14 4.25 16.93
CA LYS A 83 -2.36 5.48 17.04
C LYS A 83 -1.67 5.57 18.40
N GLU A 84 -2.37 5.13 19.44
CA GLU A 84 -1.82 5.16 20.78
C GLU A 84 -0.32 4.86 20.77
N GLU A 85 0.06 3.88 19.96
CA GLU A 85 1.47 3.48 19.85
C GLU A 85 1.99 3.71 18.43
N ARG A 86 1.20 3.28 17.45
CA ARG A 86 1.59 3.43 16.05
C ARG A 86 1.94 4.89 15.74
N GLU A 87 1.53 5.79 16.64
CA GLU A 87 1.80 7.22 16.45
C GLU A 87 3.15 7.44 15.79
N ALA A 88 4.20 6.93 16.43
CA ALA A 88 5.55 7.07 15.90
C ALA A 88 5.61 6.74 14.41
N PHE A 89 4.96 5.64 14.03
CA PHE A 89 4.93 5.22 12.64
C PHE A 89 4.16 6.22 11.78
N ALA A 90 3.26 6.96 12.41
CA ALA A 90 2.46 7.96 11.71
C ALA A 90 3.31 9.14 11.27
N GLU A 91 4.02 9.75 12.23
CA GLU A 91 4.87 10.89 11.93
C GLU A 91 5.95 10.52 10.93
N SER A 92 6.54 9.34 11.10
CA SER A 92 7.60 8.86 10.21
C SER A 92 7.03 8.52 8.83
N LEU A 93 5.84 7.92 8.82
CA LEU A 93 5.19 7.54 7.57
C LEU A 93 4.81 8.78 6.76
N ARG A 94 4.29 9.79 7.44
CA ARG A 94 3.90 11.03 6.78
C ARG A 94 5.10 11.72 6.14
N THR A 95 6.18 11.83 6.90
CA THR A 95 7.40 12.47 6.42
C THR A 95 7.94 11.76 5.19
N SER A 96 7.98 10.43 5.24
CA SER A 96 8.47 9.63 4.13
C SER A 96 7.52 9.70 2.95
N LEU A 97 6.21 9.73 3.23
CA LEU A 97 5.20 9.81 2.19
C LEU A 97 5.67 10.67 1.02
N LYS A 98 5.50 10.18 -0.19
CA LYS A 98 5.91 10.90 -1.39
C LYS A 98 4.77 10.97 -2.40
N GLU A 99 4.58 12.14 -2.99
CA GLU A 99 3.52 12.33 -3.98
C GLU A 99 4.10 12.38 -5.39
N ILE A 100 3.31 11.90 -6.35
CA ILE A 100 3.75 11.89 -7.74
C ILE A 100 2.62 12.34 -8.68
N GLY A 101 2.98 12.68 -9.91
CA GLY A 101 1.99 13.12 -10.87
C GLY A 101 2.08 14.59 -11.17
N GLU A 102 1.48 15.02 -12.28
CA GLU A 102 1.50 16.42 -12.67
C GLU A 102 0.83 17.29 -11.61
N ASN A 103 1.25 18.56 -11.54
CA ASN A 103 0.70 19.49 -10.57
C ASN A 103 -0.76 19.81 -10.90
N VAL A 104 -1.66 18.95 -10.42
CA VAL A 104 -3.09 19.15 -10.66
C VAL A 104 -3.34 19.77 -12.02
N HIS A 105 -2.60 19.32 -13.03
CA HIS A 105 -2.74 19.82 -14.38
C HIS A 105 -4.20 19.73 -14.85
N GLY A 1 -9.29 -29.40 -12.67
CA GLY A 1 -9.29 -28.21 -13.51
C GLY A 1 -7.89 -27.72 -13.83
N SER A 2 -7.45 -27.97 -15.06
CA SER A 2 -6.11 -27.55 -15.48
C SER A 2 -6.18 -26.25 -16.28
N SER A 3 -7.04 -25.34 -15.85
CA SER A 3 -7.20 -24.07 -16.54
C SER A 3 -7.27 -22.92 -15.53
N GLY A 4 -6.50 -21.87 -15.78
CA GLY A 4 -6.49 -20.71 -14.90
C GLY A 4 -5.29 -19.82 -15.12
N SER A 5 -5.54 -18.62 -15.64
CA SER A 5 -4.47 -17.66 -15.90
C SER A 5 -4.73 -16.34 -15.21
N SER A 6 -5.24 -16.42 -13.97
CA SER A 6 -5.55 -15.21 -13.21
C SER A 6 -4.27 -14.60 -12.64
N GLY A 7 -4.15 -13.28 -12.78
CA GLY A 7 -2.97 -12.59 -12.28
C GLY A 7 -3.26 -11.80 -11.02
N VAL A 8 -2.56 -10.69 -10.85
CA VAL A 8 -2.75 -9.84 -9.66
C VAL A 8 -3.85 -8.82 -9.90
N GLN A 9 -4.64 -8.55 -8.85
CA GLN A 9 -5.73 -7.60 -8.94
C GLN A 9 -5.83 -6.75 -7.68
N VAL A 10 -6.08 -5.46 -7.84
CA VAL A 10 -6.20 -4.55 -6.72
C VAL A 10 -6.86 -5.22 -5.53
N GLY A 11 -8.02 -5.82 -5.76
CA GLY A 11 -8.74 -6.49 -4.70
C GLY A 11 -7.90 -7.53 -4.00
N ASN A 12 -7.11 -8.27 -4.77
CA ASN A 12 -6.25 -9.31 -4.22
C ASN A 12 -4.78 -8.99 -4.46
N CYS A 13 -4.44 -7.71 -4.38
CA CYS A 13 -3.07 -7.26 -4.60
C CYS A 13 -2.26 -7.37 -3.31
N LEU A 14 -2.88 -7.04 -2.19
CA LEU A 14 -2.22 -7.09 -0.89
C LEU A 14 -1.85 -8.53 -0.53
N GLN A 15 -2.86 -9.40 -0.49
CA GLN A 15 -2.63 -10.81 -0.16
C GLN A 15 -1.46 -11.36 -0.95
N VAL A 16 -1.47 -11.15 -2.26
CA VAL A 16 -0.41 -11.64 -3.13
C VAL A 16 0.95 -11.09 -2.70
N MET A 17 1.17 -9.81 -2.93
CA MET A 17 2.43 -9.16 -2.57
C MET A 17 2.87 -9.60 -1.18
N TRP A 18 1.93 -9.64 -0.24
CA TRP A 18 2.23 -10.05 1.13
C TRP A 18 3.03 -11.35 1.15
N LEU A 19 2.40 -12.43 0.69
CA LEU A 19 3.05 -13.73 0.66
C LEU A 19 4.39 -13.66 -0.07
N ALA A 20 4.38 -13.07 -1.26
CA ALA A 20 5.58 -12.92 -2.06
C ALA A 20 6.73 -12.39 -1.22
N ASP A 21 6.54 -11.21 -0.63
CA ASP A 21 7.57 -10.59 0.21
C ASP A 21 8.06 -11.56 1.26
N ARG A 22 7.14 -12.34 1.82
CA ARG A 22 7.49 -13.31 2.86
C ARG A 22 8.35 -14.44 2.29
N HIS A 23 7.99 -14.89 1.10
CA HIS A 23 8.73 -15.96 0.43
C HIS A 23 9.84 -15.40 -0.45
N SER A 24 10.33 -14.22 -0.08
CA SER A 24 11.40 -13.56 -0.83
C SER A 24 11.11 -13.62 -2.33
N ASP A 25 9.93 -13.15 -2.71
CA ASP A 25 9.53 -13.13 -4.12
C ASP A 25 9.46 -11.71 -4.65
N PRO A 26 10.53 -11.28 -5.32
CA PRO A 26 10.62 -9.93 -5.90
C PRO A 26 9.67 -9.73 -7.08
N GLU A 27 9.71 -10.68 -8.01
CA GLU A 27 8.84 -10.62 -9.19
C GLU A 27 7.41 -10.28 -8.81
N LEU A 28 6.80 -11.16 -8.02
CA LEU A 28 5.43 -10.96 -7.58
C LEU A 28 5.31 -9.73 -6.68
N TYR A 29 5.92 -9.80 -5.50
CA TYR A 29 5.89 -8.69 -4.55
C TYR A 29 5.91 -7.36 -5.28
N THR A 30 6.92 -7.17 -6.13
CA THR A 30 7.06 -5.94 -6.90
C THR A 30 5.80 -5.64 -7.70
N ALA A 31 5.33 -6.63 -8.45
CA ALA A 31 4.13 -6.48 -9.26
C ALA A 31 2.95 -6.03 -8.41
N ALA A 32 2.46 -6.93 -7.56
CA ALA A 32 1.33 -6.62 -6.69
C ALA A 32 1.54 -5.31 -5.95
N LYS A 33 2.77 -5.09 -5.48
CA LYS A 33 3.09 -3.86 -4.76
C LYS A 33 2.77 -2.63 -5.59
N HIS A 34 3.20 -2.65 -6.85
CA HIS A 34 2.94 -1.53 -7.76
C HIS A 34 1.44 -1.28 -7.90
N CYS A 35 0.68 -2.36 -8.04
CA CYS A 35 -0.77 -2.25 -8.19
C CYS A 35 -1.41 -1.66 -6.94
N ALA A 36 -0.75 -1.86 -5.80
CA ALA A 36 -1.26 -1.35 -4.53
C ALA A 36 -1.03 0.15 -4.42
N LYS A 37 0.21 0.58 -4.62
CA LYS A 37 0.56 1.99 -4.53
C LYS A 37 -0.31 2.82 -5.49
N THR A 38 -0.59 2.26 -6.65
CA THR A 38 -1.41 2.94 -7.65
C THR A 38 -2.88 2.95 -7.24
N HIS A 39 -3.33 1.84 -6.64
CA HIS A 39 -4.72 1.72 -6.22
C HIS A 39 -4.79 1.50 -4.70
N LEU A 40 -4.15 2.39 -3.95
CA LEU A 40 -4.14 2.29 -2.50
C LEU A 40 -5.55 2.43 -1.93
N ALA A 41 -6.27 3.43 -2.42
CA ALA A 41 -7.64 3.69 -1.97
C ALA A 41 -8.45 2.39 -1.92
N GLN A 42 -8.56 1.72 -3.06
CA GLN A 42 -9.30 0.48 -3.13
C GLN A 42 -8.94 -0.45 -1.98
N LEU A 43 -7.78 -0.21 -1.38
CA LEU A 43 -7.31 -1.02 -0.26
C LEU A 43 -7.46 -0.27 1.06
N GLN A 44 -7.44 1.06 0.98
CA GLN A 44 -7.57 1.89 2.17
C GLN A 44 -8.96 1.75 2.78
N ASN A 45 -9.93 1.38 1.96
CA ASN A 45 -11.30 1.21 2.42
C ASN A 45 -11.56 -0.23 2.86
N THR A 46 -10.51 -1.05 2.81
CA THR A 46 -10.61 -2.45 3.18
C THR A 46 -9.92 -2.70 4.52
N GLU A 47 -10.31 -3.79 5.20
CA GLU A 47 -9.72 -4.14 6.48
C GLU A 47 -8.30 -4.64 6.30
N GLU A 48 -8.11 -5.59 5.39
CA GLU A 48 -6.79 -6.15 5.12
C GLU A 48 -5.71 -5.07 5.21
N PHE A 49 -5.80 -4.10 4.32
CA PHE A 49 -4.82 -3.00 4.29
C PHE A 49 -4.49 -2.53 5.71
N LEU A 50 -5.52 -2.09 6.42
CA LEU A 50 -5.35 -1.60 7.79
C LEU A 50 -4.75 -2.70 8.68
N HIS A 51 -4.93 -3.95 8.27
CA HIS A 51 -4.43 -5.09 9.03
C HIS A 51 -2.98 -5.40 8.63
N LEU A 52 -2.52 -4.78 7.55
CA LEU A 52 -1.16 -4.98 7.07
C LEU A 52 -0.15 -4.35 8.02
N PRO A 53 1.08 -4.90 8.03
CA PRO A 53 2.16 -4.40 8.89
C PRO A 53 2.67 -3.04 8.44
N HIS A 54 3.85 -2.67 8.93
CA HIS A 54 4.45 -1.38 8.58
C HIS A 54 5.43 -1.55 7.41
N ARG A 55 6.21 -2.62 7.44
CA ARG A 55 7.18 -2.89 6.40
C ARG A 55 6.53 -2.85 5.02
N LEU A 56 5.45 -3.60 4.86
CA LEU A 56 4.72 -3.64 3.59
C LEU A 56 4.10 -2.29 3.27
N LEU A 57 3.43 -1.70 4.26
CA LEU A 57 2.78 -0.41 4.09
C LEU A 57 3.79 0.65 3.65
N THR A 58 4.73 0.96 4.54
CA THR A 58 5.76 1.96 4.26
C THR A 58 6.38 1.72 2.89
N ASP A 59 6.59 0.45 2.56
CA ASP A 59 7.20 0.09 1.28
C ASP A 59 6.35 0.62 0.12
N ILE A 60 5.12 0.13 0.03
CA ILE A 60 4.21 0.56 -1.04
C ILE A 60 4.27 2.07 -1.24
N ILE A 61 4.11 2.81 -0.16
CA ILE A 61 4.14 4.26 -0.21
C ILE A 61 5.55 4.77 -0.53
N SER A 62 6.55 4.04 -0.05
CA SER A 62 7.95 4.41 -0.27
C SER A 62 8.26 4.46 -1.77
N ASP A 63 7.64 3.56 -2.53
CA ASP A 63 7.86 3.50 -3.96
C ASP A 63 7.16 4.66 -4.66
N GLY A 64 6.25 5.32 -3.95
CA GLY A 64 5.54 6.45 -4.52
C GLY A 64 4.05 6.19 -4.62
N VAL A 65 3.26 7.26 -4.55
CA VAL A 65 1.81 7.15 -4.63
C VAL A 65 1.20 8.35 -5.35
N PRO A 66 0.35 8.07 -6.35
CA PRO A 66 -0.31 9.11 -7.14
C PRO A 66 -1.36 9.88 -6.33
N CYS A 67 -1.21 11.20 -6.31
CA CYS A 67 -2.14 12.06 -5.56
C CYS A 67 -3.57 11.57 -5.74
N SER A 68 -3.90 11.11 -6.94
CA SER A 68 -5.25 10.63 -7.22
C SER A 68 -5.78 9.79 -6.07
N GLN A 69 -4.97 8.82 -5.63
CA GLN A 69 -5.37 7.94 -4.53
C GLN A 69 -4.99 8.56 -3.18
N ASN A 70 -5.94 9.26 -2.59
CA ASN A 70 -5.71 9.90 -1.29
C ASN A 70 -4.75 9.07 -0.44
N PRO A 71 -3.47 9.44 -0.48
CA PRO A 71 -2.42 8.74 0.29
C PRO A 71 -2.56 8.99 1.80
N THR A 72 -2.66 10.25 2.18
CA THR A 72 -2.80 10.61 3.59
C THR A 72 -3.95 9.86 4.24
N GLU A 73 -5.11 9.86 3.58
CA GLU A 73 -6.28 9.18 4.11
C GLU A 73 -5.92 7.79 4.63
N ALA A 74 -5.30 6.99 3.75
CA ALA A 74 -4.90 5.63 4.13
C ALA A 74 -3.97 5.64 5.33
N ILE A 75 -3.02 6.58 5.33
CA ILE A 75 -2.06 6.70 6.43
C ILE A 75 -2.78 6.96 7.75
N GLU A 76 -3.67 7.95 7.74
CA GLU A 76 -4.41 8.31 8.94
C GLU A 76 -5.15 7.10 9.51
N ALA A 77 -5.78 6.33 8.63
CA ALA A 77 -6.52 5.14 9.03
C ALA A 77 -5.58 4.06 9.54
N TRP A 78 -4.80 3.49 8.62
CA TRP A 78 -3.86 2.44 8.98
C TRP A 78 -3.18 2.74 10.31
N ILE A 79 -3.04 4.02 10.62
CA ILE A 79 -2.41 4.44 11.87
C ILE A 79 -3.42 4.49 13.01
N ASN A 80 -4.52 5.20 12.80
CA ASN A 80 -5.56 5.32 13.81
C ASN A 80 -5.79 3.98 14.51
N PHE A 81 -5.71 2.90 13.74
CA PHE A 81 -5.90 1.56 14.29
C PHE A 81 -5.23 1.42 15.66
N ASN A 82 -3.93 1.66 15.70
CA ASN A 82 -3.17 1.57 16.94
C ASN A 82 -2.31 2.82 17.15
N LYS A 83 -2.88 3.97 16.86
CA LYS A 83 -2.18 5.24 17.03
C LYS A 83 -1.53 5.32 18.39
N GLU A 84 -2.15 4.69 19.38
CA GLU A 84 -1.62 4.70 20.74
C GLU A 84 -0.10 4.70 20.74
N GLU A 85 0.49 3.80 19.96
CA GLU A 85 1.94 3.69 19.87
C GLU A 85 2.41 3.90 18.43
N ARG A 86 1.61 3.43 17.48
CA ARG A 86 1.94 3.57 16.07
C ARG A 86 2.19 5.03 15.70
N GLU A 87 1.77 5.94 16.58
CA GLU A 87 1.96 7.37 16.35
C GLU A 87 3.30 7.65 15.70
N ALA A 88 4.36 7.08 16.27
CA ALA A 88 5.70 7.27 15.73
C ALA A 88 5.75 6.99 14.24
N PHE A 89 5.07 5.93 13.81
CA PHE A 89 5.03 5.56 12.40
C PHE A 89 4.22 6.57 11.59
N ALA A 90 3.22 7.15 12.23
CA ALA A 90 2.36 8.14 11.57
C ALA A 90 3.18 9.35 11.12
N GLU A 91 3.86 10.00 12.06
CA GLU A 91 4.68 11.17 11.75
C GLU A 91 5.77 10.82 10.76
N SER A 92 6.53 9.76 11.07
CA SER A 92 7.61 9.32 10.21
C SER A 92 7.11 8.98 8.82
N LEU A 93 5.91 8.42 8.75
CA LEU A 93 5.31 8.05 7.48
C LEU A 93 4.87 9.28 6.70
N ARG A 94 4.34 10.27 7.42
CA ARG A 94 3.89 11.50 6.79
C ARG A 94 5.03 12.20 6.06
N THR A 95 6.18 12.27 6.71
CA THR A 95 7.36 12.92 6.13
C THR A 95 7.94 12.07 5.00
N SER A 96 7.88 10.76 5.16
CA SER A 96 8.41 9.84 4.16
C SER A 96 7.46 9.75 2.95
N LEU A 97 6.18 9.98 3.20
CA LEU A 97 5.17 9.93 2.15
C LEU A 97 5.69 10.58 0.87
N LYS A 98 5.45 9.92 -0.26
CA LYS A 98 5.89 10.44 -1.55
C LYS A 98 4.71 10.53 -2.53
N GLU A 99 4.57 11.69 -3.16
CA GLU A 99 3.49 11.91 -4.12
C GLU A 99 4.04 12.06 -5.53
N ILE A 100 3.31 11.54 -6.51
CA ILE A 100 3.73 11.63 -7.90
C ILE A 100 2.61 12.19 -8.77
N GLY A 101 2.95 12.49 -10.03
CA GLY A 101 1.96 13.03 -10.95
C GLY A 101 2.12 14.52 -11.15
N GLU A 102 1.00 15.21 -11.35
CA GLU A 102 1.02 16.66 -11.56
C GLU A 102 1.84 17.36 -10.48
N ASN A 103 2.13 18.62 -10.70
CA ASN A 103 2.91 19.41 -9.75
C ASN A 103 2.04 20.45 -9.05
N VAL A 104 0.84 20.03 -8.65
CA VAL A 104 -0.08 20.92 -7.97
C VAL A 104 -0.76 20.21 -6.80
N HIS A 105 -0.93 20.93 -5.69
CA HIS A 105 -1.57 20.37 -4.50
C HIS A 105 -2.87 21.09 -4.20
N GLY A 1 8.84 -23.11 -9.62
CA GLY A 1 7.90 -24.03 -9.03
C GLY A 1 6.58 -24.09 -9.79
N SER A 2 5.86 -25.19 -9.62
CA SER A 2 4.58 -25.37 -10.30
C SER A 2 3.61 -24.23 -9.96
N SER A 3 2.70 -23.94 -10.88
CA SER A 3 1.73 -22.87 -10.68
C SER A 3 0.38 -23.45 -10.26
N GLY A 4 -0.52 -22.57 -9.83
CA GLY A 4 -1.83 -23.01 -9.40
C GLY A 4 -2.93 -22.09 -9.88
N SER A 5 -2.75 -20.79 -9.68
CA SER A 5 -3.74 -19.80 -10.10
C SER A 5 -3.10 -18.42 -10.24
N SER A 6 -3.31 -17.80 -11.39
CA SER A 6 -2.75 -16.49 -11.67
C SER A 6 -3.82 -15.40 -11.52
N GLY A 7 -3.38 -14.14 -11.56
CA GLY A 7 -4.33 -13.04 -11.43
C GLY A 7 -4.18 -12.31 -10.10
N VAL A 8 -3.78 -11.05 -10.16
CA VAL A 8 -3.60 -10.24 -8.96
C VAL A 8 -4.64 -9.13 -8.89
N GLN A 9 -5.79 -9.42 -8.31
CA GLN A 9 -6.86 -8.44 -8.17
C GLN A 9 -6.44 -7.28 -7.27
N VAL A 10 -7.13 -6.16 -7.38
CA VAL A 10 -6.84 -4.99 -6.57
C VAL A 10 -7.08 -5.26 -5.09
N GLY A 11 -7.95 -6.24 -4.81
CA GLY A 11 -8.26 -6.57 -3.44
C GLY A 11 -7.35 -7.67 -2.89
N ASN A 12 -6.89 -8.55 -3.78
CA ASN A 12 -6.02 -9.65 -3.38
C ASN A 12 -4.55 -9.25 -3.50
N CYS A 13 -4.30 -8.22 -4.30
CA CYS A 13 -2.93 -7.73 -4.51
C CYS A 13 -2.16 -7.71 -3.19
N LEU A 14 -2.80 -7.20 -2.15
CA LEU A 14 -2.17 -7.13 -0.83
C LEU A 14 -1.70 -8.51 -0.37
N GLN A 15 -2.64 -9.44 -0.29
CA GLN A 15 -2.32 -10.80 0.14
C GLN A 15 -1.17 -11.37 -0.68
N VAL A 16 -1.25 -11.22 -2.00
CA VAL A 16 -0.20 -11.71 -2.89
C VAL A 16 1.14 -11.07 -2.58
N MET A 17 1.24 -9.76 -2.82
CA MET A 17 2.47 -9.03 -2.56
C MET A 17 3.03 -9.37 -1.18
N TRP A 18 2.14 -9.41 -0.19
CA TRP A 18 2.54 -9.72 1.18
C TRP A 18 3.40 -10.98 1.22
N LEU A 19 2.78 -12.12 0.91
CA LEU A 19 3.47 -13.40 0.92
C LEU A 19 4.76 -13.32 0.12
N ALA A 20 4.69 -12.71 -1.06
CA ALA A 20 5.86 -12.55 -1.92
C ALA A 20 7.03 -11.96 -1.16
N ASP A 21 6.81 -10.81 -0.53
CA ASP A 21 7.85 -10.13 0.24
C ASP A 21 8.43 -11.06 1.29
N ARG A 22 7.57 -11.85 1.92
CA ARG A 22 8.00 -12.78 2.95
C ARG A 22 8.85 -13.91 2.35
N HIS A 23 8.61 -14.21 1.08
CA HIS A 23 9.35 -15.25 0.38
C HIS A 23 10.41 -14.66 -0.53
N SER A 24 10.88 -13.46 -0.18
CA SER A 24 11.90 -12.78 -0.98
C SER A 24 11.57 -12.86 -2.46
N ASP A 25 10.31 -12.66 -2.80
CA ASP A 25 9.85 -12.70 -4.18
C ASP A 25 9.64 -11.29 -4.73
N PRO A 26 10.66 -10.76 -5.43
CA PRO A 26 10.60 -9.42 -6.00
C PRO A 26 9.64 -9.35 -7.19
N GLU A 27 9.73 -10.32 -8.09
CA GLU A 27 8.87 -10.36 -9.26
C GLU A 27 7.41 -10.16 -8.86
N LEU A 28 6.90 -11.05 -8.03
CA LEU A 28 5.51 -10.98 -7.58
C LEU A 28 5.30 -9.77 -6.67
N TYR A 29 5.99 -9.75 -5.54
CA TYR A 29 5.88 -8.65 -4.60
C TYR A 29 5.77 -7.31 -5.32
N THR A 30 6.70 -7.07 -6.25
CA THR A 30 6.72 -5.84 -7.01
C THR A 30 5.42 -5.65 -7.80
N ALA A 31 5.05 -6.67 -8.56
CA ALA A 31 3.82 -6.62 -9.35
C ALA A 31 2.64 -6.18 -8.49
N ALA A 32 2.22 -7.05 -7.58
CA ALA A 32 1.09 -6.75 -6.70
C ALA A 32 1.28 -5.41 -6.01
N LYS A 33 2.51 -5.15 -5.57
CA LYS A 33 2.83 -3.90 -4.88
C LYS A 33 2.46 -2.70 -5.74
N HIS A 34 2.85 -2.75 -7.02
CA HIS A 34 2.57 -1.66 -7.94
C HIS A 34 1.06 -1.43 -8.05
N CYS A 35 0.31 -2.51 -8.24
CA CYS A 35 -1.14 -2.41 -8.37
C CYS A 35 -1.75 -1.80 -7.12
N ALA A 36 -1.10 -1.99 -5.99
CA ALA A 36 -1.58 -1.45 -4.71
C ALA A 36 -1.40 0.05 -4.67
N LYS A 37 -0.17 0.51 -4.85
CA LYS A 37 0.14 1.93 -4.81
C LYS A 37 -0.77 2.70 -5.77
N THR A 38 -1.12 2.08 -6.89
CA THR A 38 -1.98 2.70 -7.89
C THR A 38 -3.41 2.80 -7.38
N HIS A 39 -3.90 1.72 -6.79
CA HIS A 39 -5.25 1.68 -6.25
C HIS A 39 -5.25 1.65 -4.73
N LEU A 40 -4.34 2.40 -4.13
CA LEU A 40 -4.22 2.44 -2.68
C LEU A 40 -5.58 2.67 -2.03
N ALA A 41 -6.29 3.70 -2.49
CA ALA A 41 -7.61 4.02 -1.97
C ALA A 41 -8.47 2.77 -1.85
N GLN A 42 -8.66 2.08 -2.97
CA GLN A 42 -9.48 0.87 -2.99
C GLN A 42 -9.11 -0.05 -1.82
N LEU A 43 -7.91 0.14 -1.28
CA LEU A 43 -7.44 -0.66 -0.16
C LEU A 43 -7.60 0.08 1.16
N GLN A 44 -7.35 1.38 1.13
CA GLN A 44 -7.48 2.21 2.32
C GLN A 44 -8.86 2.09 2.93
N ASN A 45 -9.84 1.75 2.10
CA ASN A 45 -11.22 1.60 2.55
C ASN A 45 -11.49 0.18 3.03
N THR A 46 -10.56 -0.73 2.73
CA THR A 46 -10.69 -2.12 3.13
C THR A 46 -10.00 -2.38 4.47
N GLU A 47 -10.34 -3.50 5.09
CA GLU A 47 -9.74 -3.86 6.37
C GLU A 47 -8.32 -4.40 6.19
N GLU A 48 -8.19 -5.42 5.35
CA GLU A 48 -6.89 -6.02 5.08
C GLU A 48 -5.78 -4.97 5.11
N PHE A 49 -5.86 -4.01 4.20
CA PHE A 49 -4.87 -2.95 4.12
C PHE A 49 -4.50 -2.44 5.51
N LEU A 50 -5.52 -2.04 6.27
CA LEU A 50 -5.30 -1.54 7.63
C LEU A 50 -4.73 -2.62 8.52
N HIS A 51 -4.96 -3.88 8.16
CA HIS A 51 -4.45 -5.01 8.93
C HIS A 51 -3.00 -5.30 8.59
N LEU A 52 -2.53 -4.73 7.49
CA LEU A 52 -1.15 -4.92 7.05
C LEU A 52 -0.17 -4.24 8.00
N PRO A 53 1.06 -4.77 8.06
CA PRO A 53 2.11 -4.23 8.93
C PRO A 53 2.60 -2.86 8.45
N HIS A 54 3.73 -2.42 9.02
CA HIS A 54 4.31 -1.14 8.64
C HIS A 54 5.34 -1.30 7.53
N ARG A 55 6.04 -2.43 7.56
CA ARG A 55 7.06 -2.72 6.56
C ARG A 55 6.47 -2.70 5.15
N LEU A 56 5.39 -3.45 4.96
CA LEU A 56 4.72 -3.52 3.67
C LEU A 56 4.20 -2.15 3.25
N LEU A 57 3.31 -1.58 4.05
CA LEU A 57 2.75 -0.27 3.77
C LEU A 57 3.85 0.73 3.41
N THR A 58 4.85 0.83 4.27
CA THR A 58 5.97 1.75 4.04
C THR A 58 6.53 1.58 2.64
N ASP A 59 6.84 0.35 2.27
CA ASP A 59 7.40 0.06 0.94
C ASP A 59 6.51 0.64 -0.15
N ILE A 60 5.25 0.21 -0.19
CA ILE A 60 4.31 0.69 -1.18
C ILE A 60 4.42 2.20 -1.37
N ILE A 61 4.26 2.95 -0.29
CA ILE A 61 4.35 4.39 -0.33
C ILE A 61 5.76 4.85 -0.68
N SER A 62 6.75 4.05 -0.28
CA SER A 62 8.15 4.36 -0.55
C SER A 62 8.42 4.34 -2.05
N ASP A 63 7.63 3.58 -2.78
CA ASP A 63 7.79 3.47 -4.23
C ASP A 63 7.10 4.62 -4.95
N GLY A 64 6.35 5.42 -4.18
CA GLY A 64 5.64 6.55 -4.77
C GLY A 64 4.15 6.30 -4.90
N VAL A 65 3.35 7.30 -4.57
CA VAL A 65 1.90 7.18 -4.67
C VAL A 65 1.30 8.32 -5.49
N PRO A 66 0.46 7.96 -6.47
CA PRO A 66 -0.19 8.93 -7.34
C PRO A 66 -1.24 9.77 -6.62
N CYS A 67 -1.05 11.08 -6.62
CA CYS A 67 -1.98 11.98 -5.95
C CYS A 67 -3.41 11.47 -6.04
N SER A 68 -3.75 10.89 -7.19
CA SER A 68 -5.09 10.36 -7.41
C SER A 68 -5.58 9.60 -6.19
N GLN A 69 -4.74 8.70 -5.69
CA GLN A 69 -5.09 7.89 -4.52
C GLN A 69 -4.63 8.58 -3.24
N ASN A 70 -5.52 9.32 -2.60
CA ASN A 70 -5.19 10.02 -1.37
C ASN A 70 -4.33 9.15 -0.46
N PRO A 71 -3.01 9.43 -0.46
CA PRO A 71 -2.05 8.69 0.36
C PRO A 71 -2.21 8.97 1.84
N THR A 72 -2.25 10.26 2.20
CA THR A 72 -2.39 10.66 3.59
C THR A 72 -3.60 9.98 4.23
N GLU A 73 -4.75 10.06 3.57
CA GLU A 73 -5.97 9.46 4.08
C GLU A 73 -5.71 8.04 4.60
N ALA A 74 -5.08 7.22 3.75
CA ALA A 74 -4.77 5.85 4.12
C ALA A 74 -3.87 5.80 5.35
N ILE A 75 -2.91 6.72 5.42
CA ILE A 75 -1.99 6.78 6.54
C ILE A 75 -2.73 7.01 7.85
N GLU A 76 -3.56 8.05 7.87
CA GLU A 76 -4.34 8.38 9.06
C GLU A 76 -5.14 7.18 9.54
N ALA A 77 -5.78 6.49 8.61
CA ALA A 77 -6.58 5.32 8.93
C ALA A 77 -5.71 4.18 9.44
N TRP A 78 -4.89 3.62 8.55
CA TRP A 78 -4.01 2.52 8.92
C TRP A 78 -3.39 2.75 10.29
N ILE A 79 -3.16 4.02 10.63
CA ILE A 79 -2.56 4.37 11.91
C ILE A 79 -3.62 4.42 13.01
N ASN A 80 -4.75 5.08 12.71
CA ASN A 80 -5.83 5.20 13.67
C ASN A 80 -6.14 3.85 14.32
N PHE A 81 -6.03 2.79 13.53
CA PHE A 81 -6.29 1.44 14.03
C PHE A 81 -5.75 1.27 15.45
N ASN A 82 -4.44 1.44 15.61
CA ASN A 82 -3.81 1.30 16.91
C ASN A 82 -2.88 2.48 17.19
N LYS A 83 -3.25 3.65 16.70
CA LYS A 83 -2.46 4.86 16.89
C LYS A 83 -1.78 4.84 18.26
N GLU A 84 -2.43 4.24 19.24
CA GLU A 84 -1.89 4.16 20.59
C GLU A 84 -0.38 4.00 20.56
N GLU A 85 0.12 3.25 19.58
CA GLU A 85 1.55 3.03 19.43
C GLU A 85 2.02 3.37 18.02
N ARG A 86 1.23 2.99 17.03
CA ARG A 86 1.56 3.25 15.64
C ARG A 86 1.90 4.73 15.43
N GLU A 87 1.48 5.56 16.38
CA GLU A 87 1.73 6.99 16.30
C GLU A 87 3.09 7.27 15.67
N ALA A 88 4.13 6.66 16.22
CA ALA A 88 5.48 6.84 15.71
C ALA A 88 5.54 6.61 14.21
N PHE A 89 4.88 5.55 13.75
CA PHE A 89 4.87 5.22 12.33
C PHE A 89 4.10 6.27 11.54
N ALA A 90 3.13 6.90 12.18
CA ALA A 90 2.33 7.93 11.53
C ALA A 90 3.19 9.14 11.15
N GLU A 91 3.89 9.69 12.14
CA GLU A 91 4.75 10.85 11.89
C GLU A 91 5.84 10.51 10.88
N SER A 92 6.44 9.33 11.03
CA SER A 92 7.50 8.89 10.12
C SER A 92 6.94 8.58 8.74
N LEU A 93 5.72 8.07 8.70
CA LEU A 93 5.07 7.73 7.44
C LEU A 93 4.69 8.99 6.66
N ARG A 94 4.41 10.06 7.40
CA ARG A 94 4.03 11.33 6.78
C ARG A 94 5.24 12.02 6.16
N THR A 95 6.31 12.13 6.94
CA THR A 95 7.54 12.76 6.46
C THR A 95 8.19 11.94 5.36
N SER A 96 7.97 10.63 5.40
CA SER A 96 8.54 9.73 4.41
C SER A 96 7.70 9.71 3.14
N LEU A 97 6.40 9.88 3.31
CA LEU A 97 5.47 9.88 2.18
C LEU A 97 6.12 10.49 0.94
N LYS A 98 5.88 9.88 -0.21
CA LYS A 98 6.44 10.36 -1.47
C LYS A 98 5.37 10.41 -2.55
N GLU A 99 4.89 11.61 -2.86
CA GLU A 99 3.87 11.80 -3.89
C GLU A 99 4.51 12.02 -5.25
N ILE A 100 4.05 11.26 -6.24
CA ILE A 100 4.57 11.38 -7.59
C ILE A 100 3.73 12.34 -8.43
N GLY A 101 2.46 12.49 -8.05
CA GLY A 101 1.57 13.39 -8.76
C GLY A 101 1.87 13.42 -10.25
N GLU A 102 1.72 12.27 -10.90
CA GLU A 102 1.97 12.16 -12.34
C GLU A 102 0.79 12.71 -13.14
N ASN A 103 0.99 12.88 -14.44
CA ASN A 103 -0.06 13.40 -15.31
C ASN A 103 -0.59 12.31 -16.23
N VAL A 104 -1.77 11.79 -15.88
CA VAL A 104 -2.39 10.73 -16.67
C VAL A 104 -3.85 11.07 -16.97
N HIS A 105 -4.25 10.91 -18.23
CA HIS A 105 -5.61 11.19 -18.65
C HIS A 105 -6.62 10.60 -17.68
N GLY A 1 8.89 -1.05 -21.37
CA GLY A 1 8.09 -1.80 -22.32
C GLY A 1 7.40 -2.98 -21.68
N SER A 2 8.18 -3.89 -21.10
CA SER A 2 7.62 -5.07 -20.45
C SER A 2 6.31 -4.75 -19.75
N SER A 3 5.29 -5.55 -20.02
CA SER A 3 3.98 -5.35 -19.41
C SER A 3 3.14 -6.62 -19.48
N GLY A 4 2.40 -6.91 -18.42
CA GLY A 4 1.56 -8.09 -18.39
C GLY A 4 0.49 -8.01 -17.32
N SER A 5 -0.45 -7.10 -17.49
CA SER A 5 -1.53 -6.92 -16.52
C SER A 5 -2.43 -8.15 -16.49
N SER A 6 -2.02 -9.15 -15.72
CA SER A 6 -2.80 -10.39 -15.60
C SER A 6 -2.31 -11.22 -14.42
N GLY A 7 -3.23 -11.59 -13.54
CA GLY A 7 -2.88 -12.38 -12.37
C GLY A 7 -3.14 -11.64 -11.08
N VAL A 8 -2.52 -10.47 -10.94
CA VAL A 8 -2.68 -9.66 -9.74
C VAL A 8 -3.78 -8.62 -9.91
N GLN A 9 -4.65 -8.51 -8.90
CA GLN A 9 -5.76 -7.56 -8.95
C GLN A 9 -5.78 -6.70 -7.69
N VAL A 10 -6.04 -5.41 -7.85
CA VAL A 10 -6.09 -4.49 -6.74
C VAL A 10 -6.85 -5.09 -5.56
N GLY A 11 -7.83 -5.94 -5.87
CA GLY A 11 -8.62 -6.57 -4.83
C GLY A 11 -7.83 -7.61 -4.06
N ASN A 12 -7.01 -8.36 -4.77
CA ASN A 12 -6.18 -9.40 -4.14
C ASN A 12 -4.70 -9.09 -4.29
N CYS A 13 -4.38 -7.82 -4.49
CA CYS A 13 -3.00 -7.39 -4.65
C CYS A 13 -2.25 -7.48 -3.33
N LEU A 14 -2.90 -7.03 -2.25
CA LEU A 14 -2.29 -7.05 -0.93
C LEU A 14 -1.91 -8.48 -0.53
N GLN A 15 -2.89 -9.37 -0.56
CA GLN A 15 -2.66 -10.77 -0.20
C GLN A 15 -1.48 -11.34 -0.97
N VAL A 16 -1.46 -11.09 -2.28
CA VAL A 16 -0.38 -11.59 -3.13
C VAL A 16 0.96 -11.00 -2.71
N MET A 17 1.11 -9.69 -2.85
CA MET A 17 2.34 -9.01 -2.48
C MET A 17 2.80 -9.43 -1.09
N TRP A 18 1.85 -9.52 -0.17
CA TRP A 18 2.16 -9.92 1.21
C TRP A 18 2.96 -11.22 1.23
N LEU A 19 2.34 -12.30 0.79
CA LEU A 19 3.00 -13.60 0.76
C LEU A 19 4.34 -13.52 0.05
N ALA A 20 4.36 -12.85 -1.10
CA ALA A 20 5.59 -12.70 -1.87
C ALA A 20 6.71 -12.13 -1.01
N ASP A 21 6.43 -11.03 -0.32
CA ASP A 21 7.42 -10.39 0.54
C ASP A 21 7.97 -11.38 1.57
N ARG A 22 7.08 -12.20 2.13
CA ARG A 22 7.47 -13.20 3.11
C ARG A 22 8.36 -14.27 2.49
N HIS A 23 8.11 -14.57 1.22
CA HIS A 23 8.89 -15.57 0.51
C HIS A 23 10.03 -14.93 -0.28
N SER A 24 10.47 -13.77 0.19
CA SER A 24 11.55 -13.05 -0.47
C SER A 24 11.39 -13.08 -1.99
N ASP A 25 10.15 -12.92 -2.43
CA ASP A 25 9.83 -12.91 -3.86
C ASP A 25 9.66 -11.49 -4.38
N PRO A 26 10.72 -10.96 -5.02
CA PRO A 26 10.71 -9.61 -5.57
C PRO A 26 9.79 -9.48 -6.78
N GLU A 27 9.87 -10.45 -7.68
CA GLU A 27 9.05 -10.45 -8.88
C GLU A 27 7.58 -10.16 -8.54
N LEU A 28 6.98 -11.03 -7.75
CA LEU A 28 5.58 -10.86 -7.34
C LEU A 28 5.42 -9.62 -6.47
N TYR A 29 6.04 -9.66 -5.29
CA TYR A 29 5.96 -8.54 -4.35
C TYR A 29 5.94 -7.20 -5.11
N THR A 30 6.94 -6.99 -5.95
CA THR A 30 7.03 -5.76 -6.73
C THR A 30 5.77 -5.53 -7.56
N ALA A 31 5.37 -6.54 -8.32
CA ALA A 31 4.18 -6.45 -9.16
C ALA A 31 2.98 -6.01 -8.34
N ALA A 32 2.49 -6.87 -7.46
CA ALA A 32 1.35 -6.56 -6.61
C ALA A 32 1.55 -5.23 -5.88
N LYS A 33 2.77 -5.02 -5.41
CA LYS A 33 3.10 -3.79 -4.68
C LYS A 33 2.74 -2.56 -5.52
N HIS A 34 3.25 -2.52 -6.75
CA HIS A 34 3.00 -1.40 -7.64
C HIS A 34 1.50 -1.19 -7.84
N CYS A 35 0.76 -2.29 -7.99
CA CYS A 35 -0.67 -2.22 -8.18
C CYS A 35 -1.36 -1.63 -6.96
N ALA A 36 -0.78 -1.86 -5.79
CA ALA A 36 -1.34 -1.34 -4.55
C ALA A 36 -1.22 0.17 -4.48
N LYS A 37 0.00 0.67 -4.67
CA LYS A 37 0.24 2.11 -4.63
C LYS A 37 -0.67 2.85 -5.61
N THR A 38 -0.84 2.28 -6.79
CA THR A 38 -1.68 2.88 -7.82
C THR A 38 -3.13 2.95 -7.37
N HIS A 39 -3.61 1.88 -6.75
CA HIS A 39 -4.97 1.82 -6.26
C HIS A 39 -5.01 1.58 -4.75
N LEU A 40 -4.29 2.42 -4.01
CA LEU A 40 -4.23 2.31 -2.56
C LEU A 40 -5.63 2.48 -1.95
N ALA A 41 -6.33 3.52 -2.39
CA ALA A 41 -7.67 3.80 -1.89
C ALA A 41 -8.51 2.53 -1.83
N GLN A 42 -8.68 1.89 -2.99
CA GLN A 42 -9.47 0.66 -3.07
C GLN A 42 -9.10 -0.30 -1.96
N LEU A 43 -7.91 -0.11 -1.39
CA LEU A 43 -7.44 -0.96 -0.31
C LEU A 43 -7.53 -0.24 1.04
N GLN A 44 -7.45 1.09 1.00
CA GLN A 44 -7.52 1.89 2.21
C GLN A 44 -8.90 1.77 2.86
N ASN A 45 -9.91 1.43 2.06
CA ASN A 45 -11.26 1.28 2.56
C ASN A 45 -11.57 -0.19 2.87
N THR A 46 -10.52 -1.00 2.94
CA THR A 46 -10.67 -2.42 3.24
C THR A 46 -9.99 -2.79 4.54
N GLU A 47 -10.41 -3.90 5.14
CA GLU A 47 -9.83 -4.36 6.40
C GLU A 47 -8.39 -4.81 6.20
N GLU A 48 -8.19 -5.77 5.30
CA GLU A 48 -6.87 -6.29 5.02
C GLU A 48 -5.81 -5.19 5.14
N PHE A 49 -5.90 -4.20 4.26
CA PHE A 49 -4.95 -3.09 4.26
C PHE A 49 -4.60 -2.68 5.68
N LEU A 50 -5.61 -2.34 6.47
CA LEU A 50 -5.42 -1.92 7.86
C LEU A 50 -4.80 -3.05 8.67
N HIS A 51 -5.05 -4.29 8.26
CA HIS A 51 -4.51 -5.46 8.95
C HIS A 51 -3.06 -5.70 8.55
N LEU A 52 -2.62 -5.00 7.52
CA LEU A 52 -1.25 -5.14 7.03
C LEU A 52 -0.26 -4.48 7.98
N PRO A 53 0.98 -5.00 7.99
CA PRO A 53 2.05 -4.47 8.85
C PRO A 53 2.52 -3.09 8.41
N HIS A 54 3.66 -2.66 8.94
CA HIS A 54 4.21 -1.35 8.59
C HIS A 54 5.20 -1.47 7.43
N ARG A 55 6.05 -2.49 7.49
CA ARG A 55 7.04 -2.71 6.44
C ARG A 55 6.39 -2.68 5.06
N LEU A 56 5.35 -3.50 4.89
CA LEU A 56 4.63 -3.58 3.62
C LEU A 56 4.00 -2.24 3.27
N LEU A 57 3.35 -1.62 4.25
CA LEU A 57 2.70 -0.33 4.05
C LEU A 57 3.71 0.72 3.59
N THR A 58 4.64 1.06 4.48
CA THR A 58 5.66 2.06 4.16
C THR A 58 6.29 1.78 2.80
N ASP A 59 6.40 0.51 2.46
CA ASP A 59 6.99 0.11 1.18
C ASP A 59 6.13 0.59 0.02
N ILE A 60 4.83 0.26 0.06
CA ILE A 60 3.92 0.65 -0.99
C ILE A 60 3.96 2.16 -1.23
N ILE A 61 3.93 2.93 -0.15
CA ILE A 61 3.97 4.37 -0.24
C ILE A 61 5.39 4.87 -0.55
N SER A 62 6.38 4.09 -0.11
CA SER A 62 7.78 4.45 -0.33
C SER A 62 8.14 4.37 -1.80
N ASP A 63 7.39 3.56 -2.55
CA ASP A 63 7.62 3.40 -3.98
C ASP A 63 6.85 4.46 -4.77
N GLY A 64 6.42 5.51 -4.09
CA GLY A 64 5.69 6.57 -4.75
C GLY A 64 4.20 6.29 -4.80
N VAL A 65 3.40 7.35 -4.73
CA VAL A 65 1.95 7.23 -4.77
C VAL A 65 1.30 8.40 -5.50
N PRO A 66 0.40 8.10 -6.44
CA PRO A 66 -0.30 9.11 -7.23
C PRO A 66 -1.30 9.90 -6.40
N CYS A 67 -1.08 11.21 -6.30
CA CYS A 67 -1.96 12.09 -5.53
C CYS A 67 -3.40 11.62 -5.63
N SER A 68 -3.82 11.24 -6.84
CA SER A 68 -5.18 10.78 -7.07
C SER A 68 -5.68 9.94 -5.89
N GLN A 69 -4.99 8.84 -5.62
CA GLN A 69 -5.35 7.96 -4.52
C GLN A 69 -4.94 8.55 -3.18
N ASN A 70 -5.80 9.38 -2.60
CA ASN A 70 -5.51 10.01 -1.32
C ASN A 70 -4.67 9.09 -0.44
N PRO A 71 -3.34 9.31 -0.47
CA PRO A 71 -2.39 8.50 0.32
C PRO A 71 -2.51 8.79 1.82
N THR A 72 -2.51 10.06 2.18
CA THR A 72 -2.61 10.46 3.58
C THR A 72 -3.78 9.77 4.26
N GLU A 73 -4.93 9.79 3.61
CA GLU A 73 -6.14 9.17 4.15
C GLU A 73 -5.84 7.76 4.66
N ALA A 74 -5.26 6.93 3.80
CA ALA A 74 -4.91 5.56 4.15
C ALA A 74 -3.96 5.53 5.35
N ILE A 75 -3.04 6.49 5.38
CA ILE A 75 -2.07 6.58 6.47
C ILE A 75 -2.74 6.87 7.80
N GLU A 76 -3.66 7.84 7.79
CA GLU A 76 -4.39 8.21 9.00
C GLU A 76 -5.15 7.03 9.56
N ALA A 77 -5.79 6.26 8.68
CA ALA A 77 -6.56 5.10 9.10
C ALA A 77 -5.65 4.00 9.63
N TRP A 78 -4.85 3.42 8.74
CA TRP A 78 -3.92 2.35 9.12
C TRP A 78 -3.28 2.64 10.46
N ILE A 79 -3.02 3.93 10.73
CA ILE A 79 -2.40 4.34 11.98
C ILE A 79 -3.44 4.43 13.10
N ASN A 80 -4.54 5.12 12.83
CA ASN A 80 -5.60 5.28 13.80
C ASN A 80 -5.87 3.97 14.54
N PHE A 81 -5.74 2.86 13.83
CA PHE A 81 -5.97 1.55 14.41
C PHE A 81 -5.34 1.46 15.80
N ASN A 82 -4.03 1.69 15.87
CA ASN A 82 -3.31 1.64 17.14
C ASN A 82 -2.42 2.86 17.31
N LYS A 83 -2.90 4.00 16.82
CA LYS A 83 -2.15 5.25 16.92
C LYS A 83 -1.55 5.41 18.32
N GLU A 84 -2.21 4.83 19.32
CA GLU A 84 -1.74 4.91 20.69
C GLU A 84 -0.23 4.81 20.76
N GLU A 85 0.34 3.95 19.91
CA GLU A 85 1.78 3.76 19.87
C GLU A 85 2.31 3.85 18.44
N ARG A 86 1.49 3.42 17.49
CA ARG A 86 1.88 3.45 16.08
C ARG A 86 2.13 4.88 15.61
N GLU A 87 1.75 5.85 16.46
CA GLU A 87 1.94 7.25 16.13
C GLU A 87 3.31 7.49 15.51
N ALA A 88 4.34 6.90 16.12
CA ALA A 88 5.71 7.04 15.64
C ALA A 88 5.80 6.74 14.14
N PHE A 89 5.18 5.63 13.74
CA PHE A 89 5.19 5.22 12.34
C PHE A 89 4.49 6.26 11.47
N ALA A 90 3.47 6.89 12.02
CA ALA A 90 2.71 7.90 11.28
C ALA A 90 3.60 9.09 10.92
N GLU A 91 4.33 9.60 11.90
CA GLU A 91 5.22 10.73 11.68
C GLU A 91 6.27 10.40 10.63
N SER A 92 6.98 9.30 10.83
CA SER A 92 8.02 8.87 9.90
C SER A 92 7.42 8.53 8.54
N LEU A 93 6.25 7.90 8.56
CA LEU A 93 5.57 7.53 7.32
C LEU A 93 5.19 8.76 6.51
N ARG A 94 4.55 9.72 7.16
CA ARG A 94 4.14 10.95 6.50
C ARG A 94 5.33 11.64 5.84
N THR A 95 6.44 11.71 6.58
CA THR A 95 7.64 12.36 6.08
C THR A 95 8.15 11.67 4.81
N SER A 96 8.13 10.35 4.81
CA SER A 96 8.59 9.57 3.67
C SER A 96 7.58 9.64 2.52
N LEU A 97 6.30 9.68 2.88
CA LEU A 97 5.23 9.75 1.89
C LEU A 97 5.66 10.61 0.69
N LYS A 98 5.40 10.12 -0.51
CA LYS A 98 5.75 10.84 -1.73
C LYS A 98 4.55 10.93 -2.67
N GLU A 99 4.46 12.04 -3.39
CA GLU A 99 3.36 12.25 -4.34
C GLU A 99 3.88 12.33 -5.77
N ILE A 100 3.15 11.71 -6.68
CA ILE A 100 3.53 11.72 -8.09
C ILE A 100 2.36 12.14 -8.98
N GLY A 101 2.61 12.21 -10.29
CA GLY A 101 1.57 12.60 -11.22
C GLY A 101 1.24 14.08 -11.13
N GLU A 102 0.16 14.48 -11.79
CA GLU A 102 -0.27 15.88 -11.78
C GLU A 102 -0.59 16.34 -10.37
N ASN A 103 -0.15 17.55 -10.03
CA ASN A 103 -0.40 18.10 -8.70
C ASN A 103 -1.40 19.26 -8.78
N VAL A 104 -2.58 19.05 -8.18
CA VAL A 104 -3.62 20.06 -8.18
C VAL A 104 -3.82 20.64 -6.78
N HIS A 105 -4.06 21.95 -6.71
CA HIS A 105 -4.26 22.62 -5.44
C HIS A 105 -5.71 23.12 -5.32
N GLY A 1 -11.08 -26.84 -15.00
CA GLY A 1 -9.77 -27.38 -15.30
C GLY A 1 -8.67 -26.74 -14.49
N SER A 2 -7.44 -27.19 -14.71
CA SER A 2 -6.28 -26.65 -13.98
C SER A 2 -5.28 -26.04 -14.95
N SER A 3 -5.78 -25.30 -15.93
CA SER A 3 -4.92 -24.66 -16.91
C SER A 3 -5.25 -23.16 -17.03
N GLY A 4 -4.20 -22.34 -17.07
CA GLY A 4 -4.40 -20.90 -17.18
C GLY A 4 -4.59 -20.24 -15.83
N SER A 5 -3.51 -19.71 -15.27
CA SER A 5 -3.58 -19.05 -13.97
C SER A 5 -4.18 -17.65 -14.09
N SER A 6 -4.45 -17.03 -12.95
CA SER A 6 -5.04 -15.69 -12.93
C SER A 6 -3.99 -14.64 -12.54
N GLY A 7 -4.25 -13.40 -12.92
CA GLY A 7 -3.33 -12.32 -12.60
C GLY A 7 -3.67 -11.64 -11.29
N VAL A 8 -2.90 -10.60 -10.95
CA VAL A 8 -3.13 -9.86 -9.72
C VAL A 8 -4.21 -8.81 -9.90
N GLN A 9 -4.87 -8.45 -8.80
CA GLN A 9 -5.94 -7.45 -8.84
C GLN A 9 -5.94 -6.61 -7.58
N VAL A 10 -6.21 -5.31 -7.73
CA VAL A 10 -6.23 -4.39 -6.60
C VAL A 10 -6.90 -5.04 -5.39
N GLY A 11 -8.00 -5.74 -5.62
CA GLY A 11 -8.71 -6.39 -4.53
C GLY A 11 -7.88 -7.48 -3.87
N ASN A 12 -7.17 -8.26 -4.69
CA ASN A 12 -6.33 -9.34 -4.18
C ASN A 12 -4.85 -9.03 -4.42
N CYS A 13 -4.50 -7.76 -4.38
CA CYS A 13 -3.12 -7.34 -4.60
C CYS A 13 -2.33 -7.40 -3.30
N LEU A 14 -2.97 -7.03 -2.20
CA LEU A 14 -2.33 -7.04 -0.89
C LEU A 14 -1.93 -8.45 -0.49
N GLN A 15 -2.91 -9.36 -0.50
CA GLN A 15 -2.66 -10.76 -0.15
C GLN A 15 -1.44 -11.30 -0.87
N VAL A 16 -1.45 -11.21 -2.20
CA VAL A 16 -0.35 -11.69 -3.03
C VAL A 16 0.96 -11.02 -2.62
N MET A 17 1.08 -9.73 -2.93
CA MET A 17 2.28 -8.97 -2.61
C MET A 17 2.79 -9.33 -1.22
N TRP A 18 1.88 -9.46 -0.26
CA TRP A 18 2.23 -9.81 1.10
C TRP A 18 3.09 -11.07 1.14
N LEU A 19 2.47 -12.21 0.82
CA LEU A 19 3.17 -13.48 0.82
C LEU A 19 4.52 -13.35 0.13
N ALA A 20 4.55 -12.62 -0.98
CA ALA A 20 5.78 -12.43 -1.73
C ALA A 20 6.86 -11.80 -0.86
N ASP A 21 6.63 -10.57 -0.43
CA ASP A 21 7.59 -9.86 0.42
C ASP A 21 7.92 -10.68 1.67
N ARG A 22 7.08 -11.67 1.94
CA ARG A 22 7.27 -12.52 3.12
C ARG A 22 8.20 -13.69 2.79
N HIS A 23 8.01 -14.29 1.63
CA HIS A 23 8.82 -15.42 1.20
C HIS A 23 9.99 -14.95 0.34
N SER A 24 10.37 -13.69 0.51
CA SER A 24 11.47 -13.12 -0.25
C SER A 24 11.23 -13.25 -1.75
N ASP A 25 10.07 -12.74 -2.19
CA ASP A 25 9.71 -12.80 -3.61
C ASP A 25 9.56 -11.39 -4.19
N PRO A 26 10.64 -10.90 -4.83
CA PRO A 26 10.66 -9.57 -5.43
C PRO A 26 9.76 -9.48 -6.67
N GLU A 27 9.90 -10.46 -7.55
CA GLU A 27 9.09 -10.49 -8.78
C GLU A 27 7.63 -10.20 -8.48
N LEU A 28 6.99 -11.11 -7.74
CA LEU A 28 5.58 -10.95 -7.39
C LEU A 28 5.37 -9.68 -6.57
N TYR A 29 5.97 -9.65 -5.38
CA TYR A 29 5.85 -8.49 -4.49
C TYR A 29 5.80 -7.20 -5.29
N THR A 30 6.80 -7.01 -6.15
CA THR A 30 6.88 -5.81 -6.98
C THR A 30 5.61 -5.61 -7.79
N ALA A 31 5.20 -6.65 -8.52
CA ALA A 31 4.00 -6.58 -9.33
C ALA A 31 2.79 -6.14 -8.50
N ALA A 32 2.35 -7.01 -7.60
CA ALA A 32 1.21 -6.71 -6.74
C ALA A 32 1.39 -5.36 -6.04
N LYS A 33 2.61 -5.09 -5.61
CA LYS A 33 2.92 -3.84 -4.91
C LYS A 33 2.58 -2.63 -5.80
N HIS A 34 3.02 -2.69 -7.06
CA HIS A 34 2.76 -1.60 -8.00
C HIS A 34 1.26 -1.35 -8.13
N CYS A 35 0.50 -2.43 -8.27
CA CYS A 35 -0.95 -2.33 -8.42
C CYS A 35 -1.58 -1.73 -7.17
N ALA A 36 -0.93 -1.94 -6.03
CA ALA A 36 -1.43 -1.42 -4.76
C ALA A 36 -1.21 0.09 -4.66
N LYS A 37 0.04 0.51 -4.84
CA LYS A 37 0.38 1.93 -4.78
C LYS A 37 -0.50 2.75 -5.72
N THR A 38 -0.80 2.18 -6.88
CA THR A 38 -1.64 2.86 -7.87
C THR A 38 -3.09 2.88 -7.44
N HIS A 39 -3.55 1.79 -6.83
CA HIS A 39 -4.92 1.69 -6.36
C HIS A 39 -4.97 1.45 -4.86
N LEU A 40 -4.17 2.22 -4.11
CA LEU A 40 -4.13 2.10 -2.67
C LEU A 40 -5.50 2.37 -2.05
N ALA A 41 -6.17 3.40 -2.55
CA ALA A 41 -7.49 3.76 -2.05
C ALA A 41 -8.36 2.51 -1.86
N GLN A 42 -8.66 1.84 -2.96
CA GLN A 42 -9.49 0.63 -2.92
C GLN A 42 -9.02 -0.29 -1.80
N LEU A 43 -7.79 -0.12 -1.35
CA LEU A 43 -7.23 -0.94 -0.28
C LEU A 43 -7.42 -0.27 1.08
N GLN A 44 -7.25 1.06 1.09
CA GLN A 44 -7.40 1.82 2.33
C GLN A 44 -8.81 1.67 2.89
N ASN A 45 -9.76 1.35 2.03
CA ASN A 45 -11.15 1.19 2.45
C ASN A 45 -11.40 -0.24 2.92
N THR A 46 -10.46 -1.13 2.62
CA THR A 46 -10.59 -2.54 3.02
C THR A 46 -9.92 -2.79 4.37
N GLU A 47 -10.19 -3.95 4.94
CA GLU A 47 -9.61 -4.31 6.24
C GLU A 47 -8.18 -4.78 6.08
N GLU A 48 -7.98 -5.80 5.25
CA GLU A 48 -6.66 -6.36 5.02
C GLU A 48 -5.60 -5.26 5.05
N PHE A 49 -5.74 -4.27 4.18
CA PHE A 49 -4.81 -3.16 4.11
C PHE A 49 -4.46 -2.65 5.51
N LEU A 50 -5.50 -2.37 6.30
CA LEU A 50 -5.31 -1.88 7.66
C LEU A 50 -4.70 -2.95 8.55
N HIS A 51 -4.89 -4.21 8.16
CA HIS A 51 -4.36 -5.33 8.93
C HIS A 51 -2.90 -5.58 8.59
N LEU A 52 -2.44 -4.99 7.49
CA LEU A 52 -1.06 -5.14 7.06
C LEU A 52 -0.10 -4.44 8.02
N PRO A 53 1.14 -4.95 8.09
CA PRO A 53 2.17 -4.39 8.97
C PRO A 53 2.65 -3.02 8.51
N HIS A 54 3.72 -2.53 9.12
CA HIS A 54 4.28 -1.23 8.76
C HIS A 54 5.29 -1.36 7.64
N ARG A 55 6.04 -2.47 7.65
CA ARG A 55 7.04 -2.72 6.63
C ARG A 55 6.43 -2.67 5.23
N LEU A 56 5.42 -3.50 5.00
CA LEU A 56 4.75 -3.55 3.70
C LEU A 56 4.06 -2.24 3.40
N LEU A 57 3.43 -1.65 4.42
CA LEU A 57 2.73 -0.38 4.26
C LEU A 57 3.67 0.71 3.77
N THR A 58 4.66 1.05 4.59
CA THR A 58 5.63 2.06 4.25
C THR A 58 6.24 1.81 2.87
N ASP A 59 6.45 0.53 2.55
CA ASP A 59 7.02 0.14 1.26
C ASP A 59 6.12 0.59 0.11
N ILE A 60 4.87 0.13 0.14
CA ILE A 60 3.91 0.49 -0.91
C ILE A 60 3.91 1.99 -1.17
N ILE A 61 3.83 2.77 -0.10
CA ILE A 61 3.82 4.22 -0.21
C ILE A 61 5.21 4.75 -0.58
N SER A 62 6.24 4.08 -0.11
CA SER A 62 7.62 4.48 -0.40
C SER A 62 7.91 4.37 -1.89
N ASP A 63 7.16 3.52 -2.57
CA ASP A 63 7.34 3.32 -4.01
C ASP A 63 6.62 4.41 -4.79
N GLY A 64 6.27 5.49 -4.12
CA GLY A 64 5.58 6.60 -4.77
C GLY A 64 4.10 6.34 -4.93
N VAL A 65 3.28 7.33 -4.59
CA VAL A 65 1.84 7.21 -4.70
C VAL A 65 1.24 8.40 -5.44
N PRO A 66 0.35 8.11 -6.40
CA PRO A 66 -0.31 9.14 -7.21
C PRO A 66 -1.32 9.94 -6.40
N CYS A 67 -1.10 11.25 -6.33
CA CYS A 67 -2.00 12.14 -5.59
C CYS A 67 -3.43 11.65 -5.67
N SER A 68 -3.87 11.29 -6.88
CA SER A 68 -5.23 10.81 -7.09
C SER A 68 -5.69 9.94 -5.92
N GLN A 69 -4.89 8.94 -5.57
CA GLN A 69 -5.22 8.05 -4.48
C GLN A 69 -4.80 8.65 -3.14
N ASN A 70 -5.72 9.36 -2.50
CA ASN A 70 -5.45 9.99 -1.22
C ASN A 70 -4.51 9.13 -0.38
N PRO A 71 -3.22 9.47 -0.41
CA PRO A 71 -2.19 8.74 0.34
C PRO A 71 -2.31 8.95 1.85
N THR A 72 -2.40 10.22 2.25
CA THR A 72 -2.52 10.56 3.66
C THR A 72 -3.71 9.85 4.30
N GLU A 73 -4.86 9.91 3.63
CA GLU A 73 -6.07 9.27 4.14
C GLU A 73 -5.78 7.85 4.60
N ALA A 74 -5.19 7.06 3.72
CA ALA A 74 -4.85 5.68 4.03
C ALA A 74 -3.93 5.60 5.24
N ILE A 75 -2.97 6.51 5.31
CA ILE A 75 -2.02 6.54 6.41
C ILE A 75 -2.73 6.80 7.73
N GLU A 76 -3.59 7.81 7.76
CA GLU A 76 -4.33 8.15 8.96
C GLU A 76 -5.12 6.95 9.48
N ALA A 77 -5.73 6.21 8.57
CA ALA A 77 -6.50 5.04 8.93
C ALA A 77 -5.61 3.93 9.46
N TRP A 78 -4.81 3.34 8.57
CA TRP A 78 -3.91 2.27 8.95
C TRP A 78 -3.29 2.53 10.31
N ILE A 79 -3.01 3.79 10.60
CA ILE A 79 -2.41 4.18 11.87
C ILE A 79 -3.46 4.26 12.97
N ASN A 80 -4.55 4.99 12.70
CA ASN A 80 -5.62 5.13 13.67
C ASN A 80 -5.88 3.82 14.40
N PHE A 81 -5.83 2.72 13.66
CA PHE A 81 -6.07 1.39 14.23
C PHE A 81 -5.38 1.25 15.58
N ASN A 82 -4.08 1.53 15.61
CA ASN A 82 -3.30 1.44 16.84
C ASN A 82 -2.39 2.65 17.00
N LYS A 83 -2.90 3.82 16.62
CA LYS A 83 -2.14 5.06 16.73
C LYS A 83 -1.59 5.25 18.14
N GLU A 84 -2.31 4.72 19.13
CA GLU A 84 -1.90 4.83 20.52
C GLU A 84 -0.38 4.76 20.64
N GLU A 85 0.23 3.85 19.90
CA GLU A 85 1.68 3.69 19.92
C GLU A 85 2.27 3.80 18.52
N ARG A 86 1.53 3.31 17.53
CA ARG A 86 1.97 3.35 16.15
C ARG A 86 2.27 4.78 15.72
N GLU A 87 1.82 5.74 16.51
CA GLU A 87 2.04 7.15 16.20
C GLU A 87 3.41 7.36 15.57
N ALA A 88 4.43 6.77 16.17
CA ALA A 88 5.79 6.89 15.65
C ALA A 88 5.84 6.64 14.15
N PHE A 89 5.18 5.56 13.73
CA PHE A 89 5.15 5.20 12.30
C PHE A 89 4.45 6.28 11.49
N ALA A 90 3.48 6.94 12.10
CA ALA A 90 2.73 8.01 11.44
C ALA A 90 3.65 9.16 11.05
N GLU A 91 4.40 9.67 12.02
CA GLU A 91 5.31 10.77 11.78
C GLU A 91 6.33 10.41 10.70
N SER A 92 6.97 9.26 10.87
CA SER A 92 7.97 8.79 9.91
C SER A 92 7.34 8.50 8.56
N LEU A 93 6.13 7.96 8.58
CA LEU A 93 5.42 7.62 7.35
C LEU A 93 5.04 8.88 6.59
N ARG A 94 4.62 9.92 7.31
CA ARG A 94 4.24 11.19 6.69
C ARG A 94 5.43 11.83 5.98
N THR A 95 6.56 11.89 6.66
CA THR A 95 7.76 12.47 6.10
C THR A 95 8.25 11.67 4.90
N SER A 96 8.10 10.36 4.98
CA SER A 96 8.52 9.47 3.90
C SER A 96 7.57 9.56 2.71
N LEU A 97 6.29 9.71 3.00
CA LEU A 97 5.27 9.82 1.96
C LEU A 97 5.82 10.55 0.73
N LYS A 98 5.36 10.14 -0.45
CA LYS A 98 5.80 10.77 -1.69
C LYS A 98 4.64 10.87 -2.69
N GLU A 99 4.47 12.06 -3.24
CA GLU A 99 3.39 12.30 -4.20
C GLU A 99 3.94 12.30 -5.63
N ILE A 100 3.15 11.79 -6.57
CA ILE A 100 3.55 11.74 -7.96
C ILE A 100 2.40 12.14 -8.88
N GLY A 101 2.74 12.70 -10.03
CA GLY A 101 1.72 13.12 -10.98
C GLY A 101 2.06 14.45 -11.64
N GLU A 102 1.03 15.22 -11.97
CA GLU A 102 1.22 16.52 -12.61
C GLU A 102 1.46 17.61 -11.57
N ASN A 103 2.28 18.59 -11.93
CA ASN A 103 2.59 19.69 -11.02
C ASN A 103 1.51 20.77 -11.10
N VAL A 104 0.56 20.71 -10.17
CA VAL A 104 -0.53 21.68 -10.13
C VAL A 104 0.01 23.11 -10.13
N HIS A 105 -0.52 23.93 -11.03
CA HIS A 105 -0.10 25.33 -11.13
C HIS A 105 -0.20 26.03 -9.79
N GLY A 1 -1.42 -31.14 -12.28
CA GLY A 1 -2.12 -31.09 -13.54
C GLY A 1 -2.76 -29.73 -13.78
N SER A 2 -3.38 -29.18 -12.74
CA SER A 2 -4.04 -27.89 -12.85
C SER A 2 -3.02 -26.77 -13.14
N SER A 3 -3.13 -26.18 -14.32
CA SER A 3 -2.23 -25.11 -14.72
C SER A 3 -2.18 -24.02 -13.67
N GLY A 4 -0.97 -23.55 -13.35
CA GLY A 4 -0.81 -22.51 -12.36
C GLY A 4 -1.58 -21.25 -12.71
N SER A 5 -2.37 -20.76 -11.76
CA SER A 5 -3.17 -19.56 -11.98
C SER A 5 -2.49 -18.33 -11.39
N SER A 6 -1.89 -17.53 -12.25
CA SER A 6 -1.19 -16.32 -11.82
C SER A 6 -1.98 -15.07 -12.19
N GLY A 7 -2.38 -14.30 -11.18
CA GLY A 7 -3.14 -13.08 -11.43
C GLY A 7 -3.27 -12.23 -10.19
N VAL A 8 -3.04 -10.93 -10.33
CA VAL A 8 -3.14 -10.00 -9.22
C VAL A 8 -4.25 -8.97 -9.44
N GLN A 9 -4.91 -8.57 -8.37
CA GLN A 9 -5.99 -7.60 -8.45
C GLN A 9 -5.99 -6.68 -7.23
N VAL A 10 -6.24 -5.39 -7.46
CA VAL A 10 -6.27 -4.42 -6.38
C VAL A 10 -6.88 -5.03 -5.11
N GLY A 11 -7.89 -5.87 -5.30
CA GLY A 11 -8.54 -6.50 -4.16
C GLY A 11 -7.67 -7.54 -3.50
N ASN A 12 -7.00 -8.36 -4.31
CA ASN A 12 -6.12 -9.41 -3.78
C ASN A 12 -4.67 -9.10 -4.08
N CYS A 13 -4.35 -7.81 -4.21
CA CYS A 13 -3.00 -7.38 -4.49
C CYS A 13 -2.14 -7.39 -3.23
N LEU A 14 -2.74 -7.03 -2.11
CA LEU A 14 -2.05 -7.00 -0.83
C LEU A 14 -1.66 -8.41 -0.39
N GLN A 15 -2.65 -9.28 -0.27
CA GLN A 15 -2.40 -10.66 0.14
C GLN A 15 -1.26 -11.27 -0.67
N VAL A 16 -1.33 -11.13 -1.99
CA VAL A 16 -0.30 -11.67 -2.88
C VAL A 16 1.06 -11.09 -2.54
N MET A 17 1.26 -9.81 -2.85
CA MET A 17 2.52 -9.13 -2.58
C MET A 17 3.03 -9.48 -1.19
N TRP A 18 2.13 -9.49 -0.21
CA TRP A 18 2.49 -9.81 1.16
C TRP A 18 3.31 -11.10 1.23
N LEU A 19 2.70 -12.21 0.84
CA LEU A 19 3.36 -13.51 0.85
C LEU A 19 4.66 -13.46 0.05
N ALA A 20 4.56 -12.98 -1.19
CA ALA A 20 5.74 -12.88 -2.05
C ALA A 20 6.93 -12.32 -1.30
N ASP A 21 6.77 -11.12 -0.74
CA ASP A 21 7.84 -10.48 0.02
C ASP A 21 8.38 -11.42 1.10
N ARG A 22 7.48 -12.09 1.80
CA ARG A 22 7.87 -13.01 2.87
C ARG A 22 8.70 -14.17 2.31
N HIS A 23 8.40 -14.55 1.06
CA HIS A 23 9.12 -15.64 0.41
C HIS A 23 10.17 -15.10 -0.55
N SER A 24 10.63 -13.88 -0.29
CA SER A 24 11.63 -13.26 -1.13
C SER A 24 11.25 -13.37 -2.62
N ASP A 25 10.02 -12.96 -2.93
CA ASP A 25 9.54 -13.03 -4.31
C ASP A 25 9.45 -11.63 -4.92
N PRO A 26 10.49 -11.23 -5.65
CA PRO A 26 10.56 -9.91 -6.29
C PRO A 26 9.57 -9.80 -7.45
N GLU A 27 9.54 -10.81 -8.31
CA GLU A 27 8.64 -10.81 -9.46
C GLU A 27 7.22 -10.48 -9.04
N LEU A 28 6.64 -11.31 -8.19
CA LEU A 28 5.28 -11.10 -7.71
C LEU A 28 5.20 -9.87 -6.83
N TYR A 29 5.84 -9.93 -5.67
CA TYR A 29 5.85 -8.82 -4.73
C TYR A 29 5.85 -7.48 -5.47
N THR A 30 6.83 -7.31 -6.37
CA THR A 30 6.93 -6.08 -7.14
C THR A 30 5.66 -5.81 -7.94
N ALA A 31 5.19 -6.82 -8.65
CA ALA A 31 3.97 -6.70 -9.45
C ALA A 31 2.80 -6.24 -8.59
N ALA A 32 2.36 -7.12 -7.69
CA ALA A 32 1.24 -6.81 -6.81
C ALA A 32 1.46 -5.48 -6.08
N LYS A 33 2.65 -5.32 -5.52
CA LYS A 33 2.99 -4.10 -4.79
C LYS A 33 2.64 -2.86 -5.63
N HIS A 34 3.14 -2.83 -6.86
CA HIS A 34 2.90 -1.71 -7.76
C HIS A 34 1.40 -1.45 -7.89
N CYS A 35 0.63 -2.51 -8.11
CA CYS A 35 -0.81 -2.39 -8.27
C CYS A 35 -1.44 -1.77 -7.02
N ALA A 36 -0.80 -1.98 -5.88
CA ALA A 36 -1.29 -1.45 -4.62
C ALA A 36 -1.14 0.07 -4.57
N LYS A 37 0.09 0.55 -4.72
CA LYS A 37 0.37 1.97 -4.69
C LYS A 37 -0.54 2.72 -5.67
N THR A 38 -0.80 2.11 -6.81
CA THR A 38 -1.65 2.71 -7.83
C THR A 38 -3.08 2.86 -7.34
N HIS A 39 -3.63 1.78 -6.78
CA HIS A 39 -5.00 1.80 -6.27
C HIS A 39 -5.00 1.64 -4.75
N LEU A 40 -4.13 2.39 -4.08
CA LEU A 40 -4.04 2.34 -2.63
C LEU A 40 -5.40 2.54 -1.98
N ALA A 41 -6.10 3.58 -2.41
CA ALA A 41 -7.43 3.88 -1.88
C ALA A 41 -8.29 2.62 -1.79
N GLN A 42 -8.51 1.99 -2.93
CA GLN A 42 -9.32 0.76 -2.98
C GLN A 42 -8.90 -0.20 -1.87
N LEU A 43 -7.68 -0.04 -1.37
CA LEU A 43 -7.17 -0.90 -0.30
C LEU A 43 -7.41 -0.26 1.06
N GLN A 44 -7.12 1.04 1.16
CA GLN A 44 -7.29 1.76 2.42
C GLN A 44 -8.72 1.60 2.94
N ASN A 45 -9.64 1.31 2.03
CA ASN A 45 -11.05 1.13 2.40
C ASN A 45 -11.31 -0.28 2.91
N THR A 46 -10.40 -1.20 2.56
CA THR A 46 -10.52 -2.59 2.98
C THR A 46 -9.85 -2.82 4.33
N GLU A 47 -10.27 -3.89 5.01
CA GLU A 47 -9.71 -4.21 6.32
C GLU A 47 -8.27 -4.71 6.18
N GLU A 48 -8.08 -5.74 5.36
CA GLU A 48 -6.76 -6.31 5.14
C GLU A 48 -5.68 -5.23 5.19
N PHE A 49 -5.77 -4.28 4.26
CA PHE A 49 -4.81 -3.19 4.18
C PHE A 49 -4.48 -2.66 5.58
N LEU A 50 -5.52 -2.28 6.32
CA LEU A 50 -5.34 -1.76 7.66
C LEU A 50 -4.71 -2.80 8.58
N HIS A 51 -4.95 -4.07 8.26
CA HIS A 51 -4.42 -5.18 9.05
C HIS A 51 -2.96 -5.44 8.69
N LEU A 52 -2.51 -4.87 7.58
CA LEU A 52 -1.14 -5.05 7.13
C LEU A 52 -0.17 -4.36 8.08
N PRO A 53 1.07 -4.88 8.15
CA PRO A 53 2.12 -4.32 9.01
C PRO A 53 2.61 -2.96 8.52
N HIS A 54 3.68 -2.46 9.14
CA HIS A 54 4.24 -1.18 8.77
C HIS A 54 5.19 -1.32 7.58
N ARG A 55 6.02 -2.36 7.62
CA ARG A 55 6.98 -2.62 6.55
C ARG A 55 6.29 -2.65 5.19
N LEU A 56 5.23 -3.44 5.09
CA LEU A 56 4.48 -3.55 3.84
C LEU A 56 3.98 -2.19 3.39
N LEU A 57 3.10 -1.59 4.19
CA LEU A 57 2.54 -0.28 3.87
C LEU A 57 3.64 0.69 3.45
N THR A 58 4.67 0.81 4.28
CA THR A 58 5.78 1.71 4.00
C THR A 58 6.36 1.46 2.62
N ASP A 59 6.85 0.24 2.39
CA ASP A 59 7.43 -0.13 1.11
C ASP A 59 6.59 0.44 -0.04
N ILE A 60 5.28 0.23 0.03
CA ILE A 60 4.37 0.72 -1.00
C ILE A 60 4.55 2.21 -1.22
N ILE A 61 4.19 3.01 -0.21
CA ILE A 61 4.30 4.46 -0.29
C ILE A 61 5.72 4.87 -0.70
N SER A 62 6.70 4.07 -0.29
CA SER A 62 8.10 4.35 -0.61
C SER A 62 8.33 4.31 -2.11
N ASP A 63 7.69 3.38 -2.79
CA ASP A 63 7.82 3.24 -4.23
C ASP A 63 7.15 4.40 -4.96
N GLY A 64 6.17 5.02 -4.30
CA GLY A 64 5.46 6.14 -4.89
C GLY A 64 3.97 6.02 -4.74
N VAL A 65 3.26 7.14 -4.86
CA VAL A 65 1.81 7.16 -4.74
C VAL A 65 1.22 8.35 -5.49
N PRO A 66 0.27 8.06 -6.39
CA PRO A 66 -0.41 9.09 -7.19
C PRO A 66 -1.33 9.96 -6.34
N CYS A 67 -1.06 11.26 -6.32
CA CYS A 67 -1.86 12.20 -5.55
C CYS A 67 -3.34 11.83 -5.62
N SER A 68 -3.84 11.60 -6.83
CA SER A 68 -5.23 11.23 -7.04
C SER A 68 -5.73 10.34 -5.91
N GLN A 69 -4.91 9.37 -5.53
CA GLN A 69 -5.28 8.44 -4.46
C GLN A 69 -4.87 8.99 -3.10
N ASN A 70 -5.79 9.71 -2.46
CA ASN A 70 -5.54 10.30 -1.16
C ASN A 70 -4.61 9.39 -0.33
N PRO A 71 -3.32 9.71 -0.34
CA PRO A 71 -2.30 8.95 0.40
C PRO A 71 -2.43 9.13 1.91
N THR A 72 -2.50 10.39 2.35
CA THR A 72 -2.62 10.70 3.77
C THR A 72 -3.82 9.98 4.38
N GLU A 73 -4.96 10.01 3.69
CA GLU A 73 -6.17 9.36 4.17
C GLU A 73 -5.87 7.95 4.64
N ALA A 74 -5.20 7.17 3.80
CA ALA A 74 -4.85 5.79 4.13
C ALA A 74 -3.93 5.74 5.35
N ILE A 75 -2.95 6.63 5.38
CA ILE A 75 -2.00 6.69 6.50
C ILE A 75 -2.72 6.95 7.81
N GLU A 76 -3.67 7.88 7.78
CA GLU A 76 -4.43 8.22 8.98
C GLU A 76 -5.24 7.03 9.47
N ALA A 77 -5.79 6.27 8.53
CA ALA A 77 -6.60 5.10 8.86
C ALA A 77 -5.72 3.97 9.39
N TRP A 78 -4.80 3.51 8.56
CA TRP A 78 -3.90 2.43 8.95
C TRP A 78 -3.25 2.71 10.31
N ILE A 79 -3.06 3.99 10.61
CA ILE A 79 -2.46 4.39 11.88
C ILE A 79 -3.51 4.46 12.99
N ASN A 80 -4.55 5.26 12.75
CA ASN A 80 -5.62 5.41 13.73
C ASN A 80 -5.93 4.08 14.41
N PHE A 81 -5.91 3.01 13.63
CA PHE A 81 -6.19 1.67 14.15
C PHE A 81 -5.57 1.49 15.53
N ASN A 82 -4.26 1.70 15.62
CA ASN A 82 -3.54 1.55 16.88
C ASN A 82 -2.69 2.80 17.17
N LYS A 83 -3.20 3.96 16.77
CA LYS A 83 -2.48 5.21 16.99
C LYS A 83 -1.96 5.29 18.42
N GLU A 84 -2.66 4.64 19.34
CA GLU A 84 -2.25 4.64 20.75
C GLU A 84 -0.73 4.67 20.87
N GLU A 85 -0.05 3.93 19.99
CA GLU A 85 1.41 3.87 20.01
C GLU A 85 1.97 4.01 18.60
N ARG A 86 1.27 3.44 17.63
CA ARG A 86 1.70 3.49 16.24
C ARG A 86 1.98 4.93 15.82
N GLU A 87 1.48 5.88 16.60
CA GLU A 87 1.68 7.29 16.30
C GLU A 87 3.06 7.53 15.68
N ALA A 88 4.10 7.11 16.38
CA ALA A 88 5.47 7.28 15.89
C ALA A 88 5.56 6.98 14.40
N PHE A 89 4.97 5.86 13.98
CA PHE A 89 4.99 5.47 12.58
C PHE A 89 4.22 6.47 11.72
N ALA A 90 3.19 7.07 12.31
CA ALA A 90 2.36 8.04 11.61
C ALA A 90 3.20 9.25 11.18
N GLU A 91 3.91 9.84 12.13
CA GLU A 91 4.75 11.01 11.85
C GLU A 91 5.82 10.67 10.83
N SER A 92 6.61 9.64 11.13
CA SER A 92 7.69 9.21 10.23
C SER A 92 7.14 8.85 8.86
N LEU A 93 6.00 8.18 8.84
CA LEU A 93 5.36 7.77 7.58
C LEU A 93 5.03 8.98 6.72
N ARG A 94 4.41 9.99 7.33
CA ARG A 94 4.05 11.20 6.61
C ARG A 94 5.28 11.83 5.95
N THR A 95 6.35 11.97 6.72
CA THR A 95 7.59 12.55 6.21
C THR A 95 8.11 11.78 5.00
N SER A 96 8.07 10.46 5.10
CA SER A 96 8.55 9.60 4.01
C SER A 96 7.56 9.62 2.85
N LEU A 97 6.29 9.83 3.15
CA LEU A 97 5.26 9.87 2.12
C LEU A 97 5.79 10.48 0.83
N LYS A 98 5.40 9.90 -0.29
CA LYS A 98 5.84 10.39 -1.60
C LYS A 98 4.64 10.65 -2.51
N GLU A 99 4.69 11.77 -3.23
CA GLU A 99 3.61 12.13 -4.15
C GLU A 99 4.11 12.18 -5.58
N ILE A 100 3.33 11.61 -6.50
CA ILE A 100 3.69 11.59 -7.90
C ILE A 100 2.54 12.08 -8.78
N GLY A 101 2.85 12.38 -10.03
CA GLY A 101 1.82 12.87 -10.95
C GLY A 101 1.94 14.36 -11.21
N GLU A 102 2.35 14.70 -12.43
CA GLU A 102 2.51 16.11 -12.81
C GLU A 102 1.26 16.90 -12.44
N ASN A 103 0.13 16.53 -13.01
CA ASN A 103 -1.14 17.21 -12.76
C ASN A 103 -1.27 17.53 -11.27
N VAL A 104 -1.88 18.68 -10.97
CA VAL A 104 -2.08 19.11 -9.60
C VAL A 104 -3.51 19.62 -9.38
N HIS A 105 -4.04 19.38 -8.19
CA HIS A 105 -5.39 19.81 -7.85
C HIS A 105 -5.38 21.23 -7.29
N GLY A 1 -14.40 -8.36 -20.47
CA GLY A 1 -13.76 -8.39 -19.17
C GLY A 1 -12.48 -9.20 -19.17
N SER A 2 -12.59 -10.49 -18.87
CA SER A 2 -11.43 -11.38 -18.83
C SER A 2 -11.68 -12.63 -19.66
N SER A 3 -10.97 -12.75 -20.77
CA SER A 3 -11.11 -13.89 -21.66
C SER A 3 -10.10 -14.98 -21.30
N GLY A 4 -10.42 -15.76 -20.28
CA GLY A 4 -9.54 -16.83 -19.86
C GLY A 4 -8.17 -16.32 -19.44
N SER A 5 -8.15 -15.49 -18.39
CA SER A 5 -6.91 -14.92 -17.89
C SER A 5 -7.02 -14.59 -16.41
N SER A 6 -5.88 -14.34 -15.77
CA SER A 6 -5.85 -14.01 -14.35
C SER A 6 -4.53 -13.35 -13.98
N GLY A 7 -4.58 -12.47 -12.97
CA GLY A 7 -3.38 -11.79 -12.54
C GLY A 7 -3.46 -11.35 -11.08
N VAL A 8 -3.19 -10.08 -10.83
CA VAL A 8 -3.24 -9.55 -9.47
C VAL A 8 -4.25 -8.41 -9.36
N GLN A 9 -5.38 -8.70 -8.72
CA GLN A 9 -6.43 -7.71 -8.54
C GLN A 9 -6.22 -6.91 -7.26
N VAL A 10 -6.32 -5.59 -7.38
CA VAL A 10 -6.15 -4.70 -6.22
C VAL A 10 -6.71 -5.32 -4.96
N GLY A 11 -7.75 -6.16 -5.12
CA GLY A 11 -8.37 -6.80 -3.98
C GLY A 11 -7.44 -7.78 -3.29
N ASN A 12 -6.79 -8.63 -4.08
CA ASN A 12 -5.86 -9.63 -3.53
C ASN A 12 -4.43 -9.14 -3.63
N CYS A 13 -4.24 -7.98 -4.27
CA CYS A 13 -2.91 -7.41 -4.44
C CYS A 13 -2.12 -7.47 -3.13
N LEU A 14 -2.78 -7.13 -2.03
CA LEU A 14 -2.14 -7.15 -0.72
C LEU A 14 -1.74 -8.56 -0.34
N GLN A 15 -2.72 -9.45 -0.25
CA GLN A 15 -2.48 -10.84 0.12
C GLN A 15 -1.31 -11.41 -0.68
N VAL A 16 -1.35 -11.23 -2.00
CA VAL A 16 -0.30 -11.74 -2.87
C VAL A 16 1.06 -11.15 -2.50
N MET A 17 1.23 -9.85 -2.77
CA MET A 17 2.48 -9.17 -2.45
C MET A 17 2.98 -9.56 -1.06
N TRP A 18 2.06 -9.63 -0.10
CA TRP A 18 2.41 -9.99 1.26
C TRP A 18 3.24 -11.27 1.30
N LEU A 19 2.61 -12.39 0.93
CA LEU A 19 3.29 -13.67 0.91
C LEU A 19 4.59 -13.59 0.11
N ALA A 20 4.53 -12.95 -1.05
CA ALA A 20 5.70 -12.80 -1.90
C ALA A 20 6.89 -12.26 -1.11
N ASP A 21 6.68 -11.14 -0.43
CA ASP A 21 7.73 -10.52 0.36
C ASP A 21 8.26 -11.48 1.41
N ARG A 22 7.37 -12.26 2.00
CA ARG A 22 7.75 -13.24 3.02
C ARG A 22 8.53 -14.39 2.41
N HIS A 23 8.37 -14.59 1.10
CA HIS A 23 9.06 -15.65 0.40
C HIS A 23 10.12 -15.09 -0.54
N SER A 24 10.62 -13.90 -0.21
CA SER A 24 11.64 -13.25 -1.03
C SER A 24 11.28 -13.36 -2.51
N ASP A 25 10.05 -12.99 -2.85
CA ASP A 25 9.60 -13.05 -4.23
C ASP A 25 9.44 -11.63 -4.80
N PRO A 26 10.47 -11.16 -5.51
CA PRO A 26 10.47 -9.83 -6.13
C PRO A 26 9.50 -9.73 -7.30
N GLU A 27 9.48 -10.76 -8.13
CA GLU A 27 8.60 -10.78 -9.30
C GLU A 27 7.16 -10.45 -8.88
N LEU A 28 6.60 -11.28 -8.01
CA LEU A 28 5.22 -11.08 -7.55
C LEU A 28 5.14 -9.83 -6.65
N TYR A 29 5.82 -9.88 -5.52
CA TYR A 29 5.82 -8.76 -4.58
C TYR A 29 5.84 -7.43 -5.33
N THR A 30 6.79 -7.28 -6.24
CA THR A 30 6.91 -6.05 -7.02
C THR A 30 5.64 -5.78 -7.83
N ALA A 31 5.17 -6.80 -8.54
CA ALA A 31 3.96 -6.66 -9.35
C ALA A 31 2.81 -6.11 -8.53
N ALA A 32 2.36 -6.88 -7.54
CA ALA A 32 1.27 -6.48 -6.67
C ALA A 32 1.55 -5.12 -6.05
N LYS A 33 2.76 -4.94 -5.54
CA LYS A 33 3.15 -3.69 -4.90
C LYS A 33 2.73 -2.50 -5.76
N HIS A 34 3.03 -2.56 -7.05
CA HIS A 34 2.67 -1.49 -7.98
C HIS A 34 1.16 -1.34 -8.08
N CYS A 35 0.47 -2.46 -8.25
CA CYS A 35 -0.98 -2.46 -8.37
C CYS A 35 -1.63 -1.75 -7.18
N ALA A 36 -1.00 -1.89 -6.01
CA ALA A 36 -1.51 -1.27 -4.79
C ALA A 36 -1.32 0.24 -4.83
N LYS A 37 -0.07 0.68 -4.81
CA LYS A 37 0.24 2.10 -4.86
C LYS A 37 -0.67 2.84 -5.83
N THR A 38 -1.03 2.17 -6.92
CA THR A 38 -1.90 2.75 -7.93
C THR A 38 -3.35 2.76 -7.46
N HIS A 39 -3.79 1.65 -6.88
CA HIS A 39 -5.16 1.53 -6.40
C HIS A 39 -5.19 1.50 -4.87
N LEU A 40 -4.50 2.45 -4.24
CA LEU A 40 -4.45 2.52 -2.79
C LEU A 40 -5.84 2.71 -2.20
N ALA A 41 -6.48 3.81 -2.57
CA ALA A 41 -7.82 4.11 -2.09
C ALA A 41 -8.65 2.84 -1.94
N GLN A 42 -8.52 1.94 -2.90
CA GLN A 42 -9.26 0.68 -2.88
C GLN A 42 -8.84 -0.17 -1.69
N LEU A 43 -7.54 -0.23 -1.43
CA LEU A 43 -7.01 -1.00 -0.32
C LEU A 43 -7.26 -0.30 1.02
N GLN A 44 -6.93 0.99 1.07
CA GLN A 44 -7.11 1.78 2.28
C GLN A 44 -8.58 1.74 2.73
N ASN A 45 -9.48 1.53 1.78
CA ASN A 45 -10.91 1.46 2.08
C ASN A 45 -11.29 0.08 2.60
N THR A 46 -10.38 -0.88 2.44
CA THR A 46 -10.62 -2.24 2.89
C THR A 46 -10.01 -2.50 4.26
N GLU A 47 -10.28 -3.67 4.81
CA GLU A 47 -9.76 -4.03 6.12
C GLU A 47 -8.32 -4.55 6.02
N GLU A 48 -8.13 -5.58 5.21
CA GLU A 48 -6.81 -6.16 5.02
C GLU A 48 -5.73 -5.09 5.08
N PHE A 49 -5.80 -4.13 4.16
CA PHE A 49 -4.83 -3.05 4.11
C PHE A 49 -4.54 -2.52 5.50
N LEU A 50 -5.59 -2.15 6.23
CA LEU A 50 -5.45 -1.63 7.57
C LEU A 50 -4.85 -2.67 8.51
N HIS A 51 -5.00 -3.94 8.14
CA HIS A 51 -4.48 -5.04 8.94
C HIS A 51 -3.02 -5.33 8.60
N LEU A 52 -2.55 -4.74 7.50
CA LEU A 52 -1.19 -4.93 7.05
C LEU A 52 -0.20 -4.31 8.04
N PRO A 53 1.04 -4.84 8.06
CA PRO A 53 2.09 -4.35 8.95
C PRO A 53 2.59 -2.97 8.56
N HIS A 54 3.68 -2.54 9.18
CA HIS A 54 4.25 -1.24 8.89
C HIS A 54 5.32 -1.34 7.80
N ARG A 55 6.03 -2.46 7.78
CA ARG A 55 7.08 -2.68 6.78
C ARG A 55 6.52 -2.60 5.37
N LEU A 56 5.54 -3.46 5.08
CA LEU A 56 4.92 -3.48 3.76
C LEU A 56 4.36 -2.11 3.40
N LEU A 57 3.39 -1.64 4.18
CA LEU A 57 2.78 -0.34 3.94
C LEU A 57 3.83 0.70 3.59
N THR A 58 4.86 0.79 4.43
CA THR A 58 5.94 1.75 4.21
C THR A 58 6.48 1.66 2.79
N ASP A 59 6.86 0.44 2.39
CA ASP A 59 7.40 0.21 1.06
C ASP A 59 6.47 0.80 -0.01
N ILE A 60 5.25 0.30 -0.06
CA ILE A 60 4.27 0.77 -1.03
C ILE A 60 4.35 2.28 -1.20
N ILE A 61 4.11 3.00 -0.12
CA ILE A 61 4.15 4.46 -0.15
C ILE A 61 5.56 4.96 -0.50
N SER A 62 6.56 4.20 -0.11
CA SER A 62 7.95 4.57 -0.38
C SER A 62 8.23 4.53 -1.89
N ASP A 63 7.47 3.71 -2.60
CA ASP A 63 7.64 3.58 -4.05
C ASP A 63 6.85 4.67 -4.79
N GLY A 64 6.54 5.74 -4.08
CA GLY A 64 5.79 6.83 -4.68
C GLY A 64 4.32 6.51 -4.85
N VAL A 65 3.46 7.46 -4.54
CA VAL A 65 2.02 7.27 -4.67
C VAL A 65 1.38 8.40 -5.47
N PRO A 66 0.54 8.02 -6.44
CA PRO A 66 -0.15 8.99 -7.30
C PRO A 66 -1.22 9.78 -6.54
N CYS A 67 -1.01 11.09 -6.44
CA CYS A 67 -1.95 11.96 -5.74
C CYS A 67 -3.38 11.48 -5.94
N SER A 68 -3.65 10.90 -7.11
CA SER A 68 -4.99 10.41 -7.42
C SER A 68 -5.58 9.66 -6.24
N GLN A 69 -4.80 8.75 -5.67
CA GLN A 69 -5.25 7.96 -4.53
C GLN A 69 -4.82 8.60 -3.22
N ASN A 70 -5.74 9.35 -2.61
CA ASN A 70 -5.46 10.03 -1.34
C ASN A 70 -4.57 9.17 -0.46
N PRO A 71 -3.26 9.47 -0.46
CA PRO A 71 -2.28 8.73 0.34
C PRO A 71 -2.42 9.00 1.83
N THR A 72 -2.51 10.27 2.19
CA THR A 72 -2.66 10.66 3.59
C THR A 72 -3.83 9.92 4.24
N GLU A 73 -4.98 9.94 3.58
CA GLU A 73 -6.17 9.27 4.09
C GLU A 73 -5.83 7.88 4.64
N ALA A 74 -5.23 7.06 3.78
CA ALA A 74 -4.85 5.71 4.17
C ALA A 74 -3.94 5.72 5.40
N ILE A 75 -2.98 6.64 5.39
CA ILE A 75 -2.04 6.76 6.51
C ILE A 75 -2.78 6.99 7.83
N GLU A 76 -3.63 8.02 7.85
CA GLU A 76 -4.39 8.35 9.04
C GLU A 76 -5.18 7.13 9.54
N ALA A 77 -5.72 6.36 8.60
CA ALA A 77 -6.49 5.17 8.94
C ALA A 77 -5.58 4.07 9.47
N TRP A 78 -4.76 3.51 8.59
CA TRP A 78 -3.85 2.43 8.97
C TRP A 78 -3.18 2.75 10.31
N ILE A 79 -3.12 4.03 10.66
CA ILE A 79 -2.51 4.45 11.91
C ILE A 79 -3.53 4.46 13.04
N ASN A 80 -4.58 5.26 12.88
CA ASN A 80 -5.62 5.36 13.88
C ASN A 80 -5.91 4.01 14.53
N PHE A 81 -5.87 2.96 13.71
CA PHE A 81 -6.11 1.61 14.20
C PHE A 81 -5.43 1.37 15.54
N ASN A 82 -4.13 1.65 15.58
CA ASN A 82 -3.36 1.48 16.81
C ASN A 82 -2.52 2.72 17.11
N LYS A 83 -3.09 3.89 16.82
CA LYS A 83 -2.40 5.16 17.06
C LYS A 83 -1.70 5.14 18.42
N GLU A 84 -2.28 4.42 19.37
CA GLU A 84 -1.70 4.33 20.71
C GLU A 84 -0.18 4.31 20.64
N GLU A 85 0.36 3.42 19.81
CA GLU A 85 1.81 3.29 19.67
C GLU A 85 2.23 3.59 18.23
N ARG A 86 1.44 3.11 17.28
CA ARG A 86 1.73 3.32 15.87
C ARG A 86 2.00 4.80 15.58
N GLU A 87 1.54 5.66 16.47
CA GLU A 87 1.74 7.10 16.32
C GLU A 87 3.10 7.40 15.70
N ALA A 88 4.16 6.88 16.31
CA ALA A 88 5.51 7.08 15.81
C ALA A 88 5.59 6.83 14.31
N PHE A 89 5.04 5.71 13.87
CA PHE A 89 5.04 5.35 12.45
C PHE A 89 4.25 6.37 11.64
N ALA A 90 3.25 6.97 12.26
CA ALA A 90 2.41 7.96 11.60
C ALA A 90 3.23 9.18 11.19
N GLU A 91 3.92 9.77 12.15
CA GLU A 91 4.74 10.95 11.89
C GLU A 91 5.86 10.63 10.90
N SER A 92 6.52 9.49 11.11
CA SER A 92 7.61 9.06 10.24
C SER A 92 7.10 8.72 8.85
N LEU A 93 5.92 8.11 8.79
CA LEU A 93 5.32 7.74 7.51
C LEU A 93 4.91 8.97 6.72
N ARG A 94 4.35 9.95 7.41
CA ARG A 94 3.91 11.19 6.77
C ARG A 94 5.10 11.94 6.19
N THR A 95 6.19 12.00 6.95
CA THR A 95 7.40 12.70 6.51
C THR A 95 7.97 12.05 5.24
N SER A 96 8.04 10.72 5.26
CA SER A 96 8.58 9.98 4.12
C SER A 96 7.59 9.97 2.97
N LEU A 97 6.30 9.99 3.30
CA LEU A 97 5.25 9.98 2.29
C LEU A 97 5.67 10.76 1.05
N LYS A 98 5.44 10.17 -0.12
CA LYS A 98 5.79 10.81 -1.39
C LYS A 98 4.58 10.88 -2.31
N GLU A 99 4.69 11.70 -3.35
CA GLU A 99 3.61 11.87 -4.32
C GLU A 99 4.15 11.89 -5.75
N ILE A 100 3.29 11.54 -6.70
CA ILE A 100 3.69 11.53 -8.11
C ILE A 100 2.55 12.01 -9.01
N GLY A 101 2.89 12.44 -10.21
CA GLY A 101 1.89 12.92 -11.14
C GLY A 101 2.36 14.10 -11.95
N GLU A 102 1.74 14.31 -13.11
CA GLU A 102 2.11 15.43 -13.98
C GLU A 102 1.09 15.60 -15.10
N ASN A 103 0.58 16.82 -15.23
CA ASN A 103 -0.42 17.13 -16.26
C ASN A 103 -1.66 16.26 -16.08
N VAL A 104 -2.11 16.13 -14.83
CA VAL A 104 -3.29 15.33 -14.52
C VAL A 104 -4.45 16.21 -14.08
N HIS A 105 -5.66 15.84 -14.50
CA HIS A 105 -6.86 16.61 -14.14
C HIS A 105 -8.12 15.86 -14.56
N GLY A 1 -2.29 -2.59 -26.45
CA GLY A 1 -3.48 -3.02 -27.16
C GLY A 1 -4.37 -3.91 -26.32
N SER A 2 -3.93 -5.14 -26.08
CA SER A 2 -4.69 -6.09 -25.28
C SER A 2 -3.77 -7.10 -24.60
N SER A 3 -3.62 -6.96 -23.28
CA SER A 3 -2.76 -7.86 -22.52
C SER A 3 -3.50 -8.40 -21.30
N GLY A 4 -3.18 -9.63 -20.92
CA GLY A 4 -3.82 -10.25 -19.77
C GLY A 4 -2.82 -10.81 -18.78
N SER A 5 -2.92 -10.36 -17.54
CA SER A 5 -2.01 -10.81 -16.49
C SER A 5 -2.78 -11.30 -15.26
N SER A 6 -3.86 -12.04 -15.52
CA SER A 6 -4.69 -12.56 -14.44
C SER A 6 -3.83 -13.18 -13.34
N GLY A 7 -3.98 -12.65 -12.12
CA GLY A 7 -3.22 -13.16 -11.00
C GLY A 7 -3.22 -12.21 -9.81
N VAL A 8 -3.12 -10.92 -10.09
CA VAL A 8 -3.12 -9.91 -9.03
C VAL A 8 -4.09 -8.78 -9.35
N GLN A 9 -4.79 -8.30 -8.33
CA GLN A 9 -5.76 -7.22 -8.50
C GLN A 9 -5.90 -6.41 -7.22
N VAL A 10 -6.12 -5.11 -7.37
CA VAL A 10 -6.28 -4.23 -6.22
C VAL A 10 -7.02 -4.93 -5.08
N GLY A 11 -7.92 -5.83 -5.45
CA GLY A 11 -8.70 -6.55 -4.45
C GLY A 11 -7.84 -7.53 -3.66
N ASN A 12 -6.99 -8.27 -4.37
CA ASN A 12 -6.12 -9.25 -3.73
C ASN A 12 -4.65 -8.93 -4.00
N CYS A 13 -4.32 -7.65 -4.01
CA CYS A 13 -2.95 -7.21 -4.26
C CYS A 13 -2.12 -7.27 -2.99
N LEU A 14 -2.75 -6.94 -1.86
CA LEU A 14 -2.07 -6.95 -0.57
C LEU A 14 -1.72 -8.37 -0.16
N GLN A 15 -2.72 -9.24 -0.11
CA GLN A 15 -2.51 -10.63 0.28
C GLN A 15 -1.34 -11.23 -0.50
N VAL A 16 -1.41 -11.15 -1.82
CA VAL A 16 -0.35 -11.68 -2.67
C VAL A 16 1.01 -11.07 -2.33
N MET A 17 1.18 -9.80 -2.66
CA MET A 17 2.43 -9.10 -2.38
C MET A 17 2.97 -9.48 -1.00
N TRP A 18 2.08 -9.54 -0.02
CA TRP A 18 2.46 -9.91 1.34
C TRP A 18 3.27 -11.21 1.36
N LEU A 19 2.61 -12.30 1.01
CA LEU A 19 3.26 -13.60 0.98
C LEU A 19 4.54 -13.56 0.14
N ALA A 20 4.44 -13.00 -1.05
CA ALA A 20 5.58 -12.90 -1.94
C ALA A 20 6.81 -12.38 -1.19
N ASP A 21 6.68 -11.20 -0.60
CA ASP A 21 7.78 -10.60 0.14
C ASP A 21 8.30 -11.55 1.21
N ARG A 22 7.39 -12.28 1.85
CA ARG A 22 7.76 -13.23 2.89
C ARG A 22 8.55 -14.39 2.31
N HIS A 23 8.32 -14.67 1.03
CA HIS A 23 9.01 -15.76 0.35
C HIS A 23 10.06 -15.22 -0.62
N SER A 24 10.56 -14.02 -0.35
CA SER A 24 11.56 -13.40 -1.20
C SER A 24 11.14 -13.45 -2.66
N ASP A 25 9.89 -13.07 -2.92
CA ASP A 25 9.35 -13.07 -4.28
C ASP A 25 9.29 -11.65 -4.83
N PRO A 26 10.34 -11.26 -5.58
CA PRO A 26 10.43 -9.93 -6.18
C PRO A 26 9.43 -9.75 -7.32
N GLU A 27 9.41 -10.71 -8.24
CA GLU A 27 8.49 -10.65 -9.38
C GLU A 27 7.06 -10.38 -8.92
N LEU A 28 6.57 -11.22 -8.02
CA LEU A 28 5.21 -11.07 -7.50
C LEU A 28 5.11 -9.86 -6.58
N TYR A 29 5.82 -9.92 -5.46
CA TYR A 29 5.81 -8.82 -4.50
C TYR A 29 5.83 -7.46 -5.20
N THR A 30 6.78 -7.30 -6.12
CA THR A 30 6.90 -6.05 -6.86
C THR A 30 5.64 -5.75 -7.65
N ALA A 31 5.18 -6.74 -8.42
CA ALA A 31 3.96 -6.58 -9.22
C ALA A 31 2.82 -6.04 -8.37
N ALA A 32 2.35 -6.85 -7.42
CA ALA A 32 1.26 -6.45 -6.56
C ALA A 32 1.53 -5.10 -5.91
N LYS A 33 2.77 -4.91 -5.47
CA LYS A 33 3.16 -3.65 -4.83
C LYS A 33 2.78 -2.45 -5.70
N HIS A 34 3.16 -2.51 -6.97
CA HIS A 34 2.85 -1.43 -7.90
C HIS A 34 1.34 -1.21 -8.01
N CYS A 35 0.60 -2.30 -8.18
CA CYS A 35 -0.85 -2.23 -8.30
C CYS A 35 -1.47 -1.68 -7.02
N ALA A 36 -0.74 -1.80 -5.91
CA ALA A 36 -1.21 -1.32 -4.62
C ALA A 36 -1.05 0.19 -4.50
N LYS A 37 0.17 0.66 -4.76
CA LYS A 37 0.47 2.09 -4.68
C LYS A 37 -0.44 2.89 -5.61
N THR A 38 -0.80 2.28 -6.74
CA THR A 38 -1.67 2.94 -7.71
C THR A 38 -3.12 2.94 -7.24
N HIS A 39 -3.59 1.78 -6.79
CA HIS A 39 -4.96 1.64 -6.31
C HIS A 39 -4.99 1.47 -4.79
N LEU A 40 -4.10 2.16 -4.10
CA LEU A 40 -4.02 2.07 -2.65
C LEU A 40 -5.38 2.36 -2.02
N ALA A 41 -6.04 3.41 -2.50
CA ALA A 41 -7.36 3.79 -1.99
C ALA A 41 -8.24 2.57 -1.80
N GLN A 42 -8.56 1.90 -2.90
CA GLN A 42 -9.40 0.71 -2.85
C GLN A 42 -8.97 -0.22 -1.73
N LEU A 43 -7.73 -0.08 -1.29
CA LEU A 43 -7.20 -0.90 -0.21
C LEU A 43 -7.38 -0.24 1.14
N GLN A 44 -7.11 1.07 1.20
CA GLN A 44 -7.25 1.82 2.44
C GLN A 44 -8.65 1.67 3.01
N ASN A 45 -9.62 1.41 2.13
CA ASN A 45 -11.00 1.25 2.55
C ASN A 45 -11.26 -0.18 3.03
N THR A 46 -10.38 -1.09 2.65
CA THR A 46 -10.51 -2.49 3.03
C THR A 46 -9.84 -2.76 4.38
N GLU A 47 -10.21 -3.87 5.00
CA GLU A 47 -9.65 -4.24 6.30
C GLU A 47 -8.21 -4.72 6.15
N GLU A 48 -8.01 -5.72 5.30
CA GLU A 48 -6.67 -6.26 5.07
C GLU A 48 -5.60 -5.17 5.15
N PHE A 49 -5.73 -4.18 4.27
CA PHE A 49 -4.78 -3.07 4.24
C PHE A 49 -4.48 -2.57 5.65
N LEU A 50 -5.53 -2.26 6.39
CA LEU A 50 -5.39 -1.76 7.76
C LEU A 50 -4.73 -2.82 8.65
N HIS A 51 -4.85 -4.08 8.24
CA HIS A 51 -4.28 -5.19 9.01
C HIS A 51 -2.83 -5.42 8.62
N LEU A 52 -2.41 -4.80 7.52
CA LEU A 52 -1.04 -4.94 7.04
C LEU A 52 -0.06 -4.25 8.00
N PRO A 53 1.18 -4.75 8.02
CA PRO A 53 2.24 -4.19 8.88
C PRO A 53 2.70 -2.81 8.42
N HIS A 54 3.80 -2.33 8.98
CA HIS A 54 4.35 -1.03 8.63
C HIS A 54 5.38 -1.15 7.51
N ARG A 55 6.18 -2.21 7.57
CA ARG A 55 7.21 -2.44 6.57
C ARG A 55 6.61 -2.44 5.17
N LEU A 56 5.64 -3.33 4.95
CA LEU A 56 4.98 -3.43 3.65
C LEU A 56 4.27 -2.13 3.29
N LEU A 57 3.56 -1.57 4.26
CA LEU A 57 2.83 -0.33 4.06
C LEU A 57 3.77 0.79 3.61
N THR A 58 4.66 1.20 4.50
CA THR A 58 5.62 2.26 4.19
C THR A 58 6.27 2.04 2.84
N ASP A 59 6.52 0.77 2.51
CA ASP A 59 7.14 0.42 1.23
C ASP A 59 6.26 0.87 0.06
N ILE A 60 5.04 0.35 0.01
CA ILE A 60 4.10 0.69 -1.05
C ILE A 60 4.08 2.20 -1.28
N ILE A 61 3.96 2.96 -0.20
CA ILE A 61 3.92 4.42 -0.28
C ILE A 61 5.29 4.99 -0.59
N SER A 62 6.34 4.31 -0.11
CA SER A 62 7.70 4.75 -0.34
C SER A 62 8.02 4.78 -1.84
N ASP A 63 7.35 3.93 -2.60
CA ASP A 63 7.56 3.85 -4.04
C ASP A 63 6.80 4.97 -4.76
N GLY A 64 6.32 5.94 -3.98
CA GLY A 64 5.58 7.05 -4.57
C GLY A 64 4.15 6.69 -4.88
N VAL A 65 3.22 7.58 -4.53
CA VAL A 65 1.80 7.35 -4.76
C VAL A 65 1.23 8.41 -5.69
N PRO A 66 0.37 7.99 -6.63
CA PRO A 66 -0.27 8.89 -7.60
C PRO A 66 -1.30 9.80 -6.93
N CYS A 67 -1.13 11.10 -7.11
CA CYS A 67 -2.05 12.07 -6.53
C CYS A 67 -3.48 11.55 -6.54
N SER A 68 -3.82 10.81 -7.59
CA SER A 68 -5.16 10.25 -7.73
C SER A 68 -5.64 9.65 -6.42
N GLN A 69 -4.91 8.66 -5.93
CA GLN A 69 -5.26 8.00 -4.67
C GLN A 69 -4.68 8.75 -3.47
N ASN A 70 -5.55 9.24 -2.60
CA ASN A 70 -5.12 9.99 -1.42
C ASN A 70 -4.24 9.12 -0.53
N PRO A 71 -2.94 9.46 -0.48
CA PRO A 71 -1.96 8.73 0.34
C PRO A 71 -2.18 8.94 1.83
N THR A 72 -2.29 10.20 2.24
CA THR A 72 -2.50 10.52 3.64
C THR A 72 -3.71 9.78 4.21
N GLU A 73 -4.86 9.96 3.57
CA GLU A 73 -6.08 9.29 4.01
C GLU A 73 -5.79 7.88 4.51
N ALA A 74 -5.08 7.10 3.69
CA ALA A 74 -4.73 5.74 4.05
C ALA A 74 -3.86 5.70 5.30
N ILE A 75 -2.87 6.59 5.34
CA ILE A 75 -1.95 6.66 6.48
C ILE A 75 -2.71 6.95 7.77
N GLU A 76 -3.62 7.92 7.71
CA GLU A 76 -4.41 8.29 8.87
C GLU A 76 -5.19 7.10 9.41
N ALA A 77 -5.82 6.35 8.51
CA ALA A 77 -6.60 5.18 8.89
C ALA A 77 -5.70 4.08 9.43
N TRP A 78 -4.85 3.53 8.56
CA TRP A 78 -3.95 2.46 8.95
C TRP A 78 -3.32 2.74 10.31
N ILE A 79 -3.11 4.03 10.60
CA ILE A 79 -2.53 4.43 11.88
C ILE A 79 -3.58 4.51 12.97
N ASN A 80 -4.71 5.12 12.64
CA ASN A 80 -5.81 5.27 13.60
C ASN A 80 -6.12 3.93 14.27
N PHE A 81 -5.95 2.85 13.53
CA PHE A 81 -6.21 1.51 14.06
C PHE A 81 -5.69 1.38 15.49
N ASN A 82 -4.39 1.54 15.66
CA ASN A 82 -3.77 1.44 16.97
C ASN A 82 -2.79 2.59 17.20
N LYS A 83 -3.25 3.81 16.96
CA LYS A 83 -2.42 4.99 17.15
C LYS A 83 -1.78 4.99 18.53
N GLU A 84 -2.44 4.34 19.48
CA GLU A 84 -1.93 4.27 20.85
C GLU A 84 -0.41 4.21 20.86
N GLU A 85 0.16 3.48 19.90
CA GLU A 85 1.61 3.35 19.80
C GLU A 85 2.08 3.59 18.38
N ARG A 86 1.30 3.13 17.41
CA ARG A 86 1.64 3.29 16.00
C ARG A 86 1.98 4.75 15.69
N GLU A 87 1.54 5.66 16.56
CA GLU A 87 1.79 7.07 16.38
C GLU A 87 3.17 7.31 15.76
N ALA A 88 4.18 6.68 16.33
CA ALA A 88 5.55 6.82 15.83
C ALA A 88 5.60 6.60 14.32
N PHE A 89 4.99 5.52 13.86
CA PHE A 89 4.97 5.21 12.43
C PHE A 89 4.18 6.26 11.66
N ALA A 90 3.24 6.91 12.34
CA ALA A 90 2.42 7.94 11.71
C ALA A 90 3.26 9.13 11.28
N GLU A 91 4.05 9.66 12.21
CA GLU A 91 4.91 10.80 11.92
C GLU A 91 5.97 10.43 10.89
N SER A 92 6.60 9.28 11.07
CA SER A 92 7.64 8.83 10.16
C SER A 92 7.07 8.55 8.78
N LEU A 93 5.90 7.93 8.74
CA LEU A 93 5.24 7.61 7.48
C LEU A 93 4.93 8.87 6.68
N ARG A 94 4.43 9.90 7.38
CA ARG A 94 4.09 11.16 6.74
C ARG A 94 5.34 11.80 6.12
N THR A 95 6.44 11.80 6.88
CA THR A 95 7.69 12.38 6.40
C THR A 95 8.15 11.71 5.11
N SER A 96 8.07 10.39 5.08
CA SER A 96 8.48 9.63 3.91
C SER A 96 7.45 9.74 2.79
N LEU A 97 6.19 9.88 3.17
CA LEU A 97 5.11 10.01 2.20
C LEU A 97 5.55 10.81 0.98
N LYS A 98 5.22 10.31 -0.20
CA LYS A 98 5.59 10.98 -1.44
C LYS A 98 4.45 10.91 -2.45
N GLU A 99 4.52 11.76 -3.48
CA GLU A 99 3.49 11.80 -4.51
C GLU A 99 4.11 11.83 -5.90
N ILE A 100 3.34 11.44 -6.90
CA ILE A 100 3.82 11.43 -8.29
C ILE A 100 2.75 11.96 -9.24
N GLY A 101 3.22 12.58 -10.33
CA GLY A 101 2.29 13.13 -11.31
C GLY A 101 1.54 14.34 -10.79
N GLU A 102 1.69 15.46 -11.48
CA GLU A 102 1.02 16.70 -11.09
C GLU A 102 -0.42 16.73 -11.58
N ASN A 103 -1.37 16.51 -10.67
CA ASN A 103 -2.77 16.51 -11.03
C ASN A 103 -3.52 17.65 -10.32
N VAL A 104 -4.58 18.14 -10.95
CA VAL A 104 -5.37 19.23 -10.38
C VAL A 104 -6.68 18.71 -9.80
N HIS A 105 -7.21 19.41 -8.82
CA HIS A 105 -8.47 19.03 -8.18
C HIS A 105 -9.52 20.12 -8.37
N GLY A 1 -19.02 -19.98 -2.72
CA GLY A 1 -18.80 -20.25 -4.13
C GLY A 1 -17.36 -20.02 -4.55
N SER A 2 -17.03 -20.40 -5.78
CA SER A 2 -15.68 -20.24 -6.29
C SER A 2 -15.62 -19.14 -7.35
N SER A 3 -14.41 -18.77 -7.74
CA SER A 3 -14.22 -17.73 -8.75
C SER A 3 -12.94 -17.98 -9.55
N GLY A 4 -12.71 -17.14 -10.56
CA GLY A 4 -11.53 -17.29 -11.39
C GLY A 4 -10.74 -16.00 -11.50
N SER A 5 -9.96 -15.70 -10.46
CA SER A 5 -9.15 -14.49 -10.44
C SER A 5 -7.91 -14.65 -11.31
N SER A 6 -7.91 -14.00 -12.47
CA SER A 6 -6.78 -14.07 -13.39
C SER A 6 -5.69 -13.08 -12.99
N GLY A 7 -4.47 -13.57 -12.86
CA GLY A 7 -3.36 -12.72 -12.49
C GLY A 7 -3.58 -12.02 -11.16
N VAL A 8 -2.90 -10.90 -10.95
CA VAL A 8 -3.03 -10.13 -9.71
C VAL A 8 -4.09 -9.05 -9.85
N GLN A 9 -4.71 -8.70 -8.73
CA GLN A 9 -5.75 -7.67 -8.71
C GLN A 9 -5.67 -6.84 -7.44
N VAL A 10 -5.89 -5.54 -7.57
CA VAL A 10 -5.85 -4.64 -6.42
C VAL A 10 -6.55 -5.25 -5.22
N GLY A 11 -7.68 -5.90 -5.47
CA GLY A 11 -8.42 -6.52 -4.39
C GLY A 11 -7.63 -7.61 -3.69
N ASN A 12 -6.91 -8.42 -4.46
CA ASN A 12 -6.12 -9.51 -3.91
C ASN A 12 -4.63 -9.24 -4.12
N CYS A 13 -4.27 -7.96 -4.23
CA CYS A 13 -2.88 -7.58 -4.44
C CYS A 13 -2.10 -7.60 -3.12
N LEU A 14 -2.78 -7.22 -2.05
CA LEU A 14 -2.15 -7.20 -0.73
C LEU A 14 -1.71 -8.59 -0.30
N GLN A 15 -2.67 -9.50 -0.16
CA GLN A 15 -2.38 -10.87 0.24
C GLN A 15 -1.22 -11.43 -0.57
N VAL A 16 -1.31 -11.29 -1.89
CA VAL A 16 -0.26 -11.79 -2.78
C VAL A 16 1.08 -11.15 -2.47
N MET A 17 1.21 -9.86 -2.79
CA MET A 17 2.44 -9.13 -2.54
C MET A 17 3.01 -9.46 -1.15
N TRP A 18 2.11 -9.58 -0.18
CA TRP A 18 2.50 -9.88 1.19
C TRP A 18 3.37 -11.14 1.24
N LEU A 19 2.75 -12.29 0.94
CA LEU A 19 3.46 -13.56 0.95
C LEU A 19 4.74 -13.48 0.11
N ALA A 20 4.60 -12.98 -1.11
CA ALA A 20 5.74 -12.85 -2.01
C ALA A 20 6.97 -12.32 -1.27
N ASP A 21 6.85 -11.12 -0.71
CA ASP A 21 7.94 -10.51 0.04
C ASP A 21 8.47 -11.46 1.11
N ARG A 22 7.54 -12.09 1.83
CA ARG A 22 7.92 -13.02 2.90
C ARG A 22 8.70 -14.20 2.33
N HIS A 23 8.52 -14.48 1.04
CA HIS A 23 9.21 -15.58 0.39
C HIS A 23 10.28 -15.06 -0.58
N SER A 24 10.70 -13.81 -0.37
CA SER A 24 11.71 -13.19 -1.21
C SER A 24 11.30 -13.26 -2.69
N ASP A 25 10.05 -12.92 -2.96
CA ASP A 25 9.53 -12.95 -4.32
C ASP A 25 9.40 -11.53 -4.88
N PRO A 26 10.45 -11.08 -5.58
CA PRO A 26 10.48 -9.74 -6.18
C PRO A 26 9.50 -9.60 -7.34
N GLU A 27 9.52 -10.57 -8.25
CA GLU A 27 8.63 -10.56 -9.41
C GLU A 27 7.20 -10.30 -8.99
N LEU A 28 6.67 -11.17 -8.12
CA LEU A 28 5.30 -11.04 -7.64
C LEU A 28 5.16 -9.83 -6.72
N TYR A 29 5.88 -9.87 -5.59
CA TYR A 29 5.84 -8.79 -4.62
C TYR A 29 5.81 -7.43 -5.32
N THR A 30 6.78 -7.20 -6.20
CA THR A 30 6.87 -5.95 -6.93
C THR A 30 5.60 -5.70 -7.74
N ALA A 31 5.18 -6.70 -8.50
CA ALA A 31 3.97 -6.58 -9.32
C ALA A 31 2.78 -6.14 -8.47
N ALA A 32 2.32 -7.01 -7.58
CA ALA A 32 1.19 -6.71 -6.72
C ALA A 32 1.40 -5.38 -5.99
N LYS A 33 2.63 -5.12 -5.58
CA LYS A 33 2.95 -3.89 -4.87
C LYS A 33 2.59 -2.67 -5.72
N HIS A 34 3.03 -2.67 -6.97
CA HIS A 34 2.74 -1.57 -7.88
C HIS A 34 1.23 -1.34 -8.00
N CYS A 35 0.49 -2.42 -8.22
CA CYS A 35 -0.96 -2.34 -8.35
C CYS A 35 -1.58 -1.76 -7.09
N ALA A 36 -0.94 -1.97 -5.96
CA ALA A 36 -1.43 -1.47 -4.68
C ALA A 36 -1.35 0.05 -4.62
N LYS A 37 -0.17 0.59 -4.91
CA LYS A 37 0.05 2.02 -4.89
C LYS A 37 -0.91 2.73 -5.84
N THR A 38 -1.15 2.13 -6.99
CA THR A 38 -2.05 2.70 -7.99
C THR A 38 -3.48 2.76 -7.47
N HIS A 39 -3.91 1.68 -6.81
CA HIS A 39 -5.26 1.61 -6.26
C HIS A 39 -5.23 1.58 -4.74
N LEU A 40 -4.29 2.33 -4.15
CA LEU A 40 -4.15 2.39 -2.70
C LEU A 40 -5.51 2.53 -2.03
N ALA A 41 -6.30 3.50 -2.48
CA ALA A 41 -7.63 3.73 -1.92
C ALA A 41 -8.39 2.43 -1.78
N GLN A 42 -8.58 1.73 -2.89
CA GLN A 42 -9.29 0.47 -2.90
C GLN A 42 -8.84 -0.44 -1.76
N LEU A 43 -7.64 -0.16 -1.24
CA LEU A 43 -7.09 -0.94 -0.15
C LEU A 43 -7.29 -0.23 1.18
N GLN A 44 -7.06 1.09 1.19
CA GLN A 44 -7.21 1.88 2.40
C GLN A 44 -8.65 1.84 2.90
N ASN A 45 -9.55 1.31 2.07
CA ASN A 45 -10.96 1.21 2.42
C ASN A 45 -11.30 -0.20 2.88
N THR A 46 -10.34 -1.11 2.76
CA THR A 46 -10.54 -2.49 3.16
C THR A 46 -9.93 -2.77 4.53
N GLU A 47 -10.37 -3.85 5.17
CA GLU A 47 -9.87 -4.22 6.49
C GLU A 47 -8.47 -4.81 6.38
N GLU A 48 -8.18 -5.45 5.24
CA GLU A 48 -6.88 -6.06 5.02
C GLU A 48 -5.76 -5.02 5.14
N PHE A 49 -5.82 -4.01 4.29
CA PHE A 49 -4.81 -2.94 4.30
C PHE A 49 -4.51 -2.49 5.73
N LEU A 50 -5.56 -2.12 6.46
CA LEU A 50 -5.41 -1.66 7.83
C LEU A 50 -4.81 -2.76 8.71
N HIS A 51 -5.02 -4.01 8.31
CA HIS A 51 -4.49 -5.14 9.06
C HIS A 51 -3.04 -5.42 8.67
N LEU A 52 -2.60 -4.82 7.57
CA LEU A 52 -1.23 -5.00 7.11
C LEU A 52 -0.23 -4.37 8.07
N PRO A 53 1.01 -4.89 8.07
CA PRO A 53 2.07 -4.39 8.94
C PRO A 53 2.56 -3.01 8.52
N HIS A 54 3.71 -2.61 9.05
CA HIS A 54 4.28 -1.30 8.73
C HIS A 54 5.24 -1.41 7.55
N ARG A 55 6.03 -2.48 7.53
CA ARG A 55 6.99 -2.70 6.46
C ARG A 55 6.30 -2.68 5.10
N LEU A 56 5.25 -3.48 4.96
CA LEU A 56 4.50 -3.56 3.71
C LEU A 56 3.93 -2.19 3.34
N LEU A 57 3.26 -1.55 4.28
CA LEU A 57 2.67 -0.25 4.05
C LEU A 57 3.74 0.77 3.66
N THR A 58 4.65 1.05 4.59
CA THR A 58 5.73 2.00 4.33
C THR A 58 6.35 1.78 2.96
N ASP A 59 6.37 0.53 2.52
CA ASP A 59 6.95 0.18 1.23
C ASP A 59 6.10 0.74 0.09
N ILE A 60 4.82 0.37 0.08
CA ILE A 60 3.90 0.85 -0.96
C ILE A 60 4.00 2.35 -1.13
N ILE A 61 4.00 3.08 -0.02
CA ILE A 61 4.09 4.54 -0.07
C ILE A 61 5.50 4.98 -0.43
N SER A 62 6.49 4.16 -0.08
CA SER A 62 7.88 4.48 -0.36
C SER A 62 8.14 4.50 -1.87
N ASP A 63 7.36 3.71 -2.61
CA ASP A 63 7.48 3.65 -4.06
C ASP A 63 6.73 4.78 -4.74
N GLY A 64 6.29 5.75 -3.93
CA GLY A 64 5.55 6.88 -4.47
C GLY A 64 4.11 6.54 -4.77
N VAL A 65 3.20 7.43 -4.37
CA VAL A 65 1.78 7.22 -4.59
C VAL A 65 1.19 8.32 -5.47
N PRO A 66 0.32 7.93 -6.41
CA PRO A 66 -0.33 8.87 -7.33
C PRO A 66 -1.34 9.76 -6.62
N CYS A 67 -1.13 11.08 -6.71
CA CYS A 67 -2.02 12.03 -6.07
C CYS A 67 -3.47 11.57 -6.18
N SER A 68 -3.81 10.93 -7.29
CA SER A 68 -5.16 10.44 -7.52
C SER A 68 -5.70 9.75 -6.28
N GLN A 69 -4.96 8.76 -5.79
CA GLN A 69 -5.36 8.01 -4.61
C GLN A 69 -4.87 8.69 -3.34
N ASN A 70 -5.76 9.39 -2.66
CA ASN A 70 -5.42 10.09 -1.42
C ASN A 70 -4.50 9.23 -0.56
N PRO A 71 -3.20 9.54 -0.57
CA PRO A 71 -2.19 8.81 0.20
C PRO A 71 -2.33 9.07 1.70
N THR A 72 -2.40 10.34 2.08
CA THR A 72 -2.53 10.72 3.47
C THR A 72 -3.71 10.02 4.13
N GLU A 73 -4.88 10.11 3.50
CA GLU A 73 -6.08 9.49 4.01
C GLU A 73 -5.79 8.08 4.54
N ALA A 74 -5.23 7.25 3.67
CA ALA A 74 -4.89 5.88 4.04
C ALA A 74 -3.96 5.85 5.26
N ILE A 75 -2.96 6.73 5.26
CA ILE A 75 -2.01 6.80 6.36
C ILE A 75 -2.72 7.10 7.67
N GLU A 76 -3.61 8.09 7.66
CA GLU A 76 -4.36 8.47 8.85
C GLU A 76 -5.15 7.29 9.40
N ALA A 77 -5.75 6.52 8.49
CA ALA A 77 -6.54 5.36 8.88
C ALA A 77 -5.66 4.25 9.43
N TRP A 78 -4.85 3.67 8.55
CA TRP A 78 -3.95 2.59 8.95
C TRP A 78 -3.31 2.88 10.30
N ILE A 79 -3.09 4.16 10.58
CA ILE A 79 -2.47 4.58 11.82
C ILE A 79 -3.51 4.68 12.94
N ASN A 80 -4.59 5.42 12.68
CA ASN A 80 -5.65 5.59 13.65
C ASN A 80 -5.95 4.28 14.37
N PHE A 81 -5.82 3.17 13.65
CA PHE A 81 -6.07 1.85 14.21
C PHE A 81 -5.56 1.76 15.65
N ASN A 82 -4.26 1.96 15.81
CA ASN A 82 -3.65 1.90 17.13
C ASN A 82 -2.74 3.10 17.36
N LYS A 83 -3.18 4.27 16.91
CA LYS A 83 -2.42 5.50 17.06
C LYS A 83 -1.65 5.50 18.38
N GLU A 84 -2.28 4.99 19.43
CA GLU A 84 -1.65 4.93 20.74
C GLU A 84 -0.17 4.61 20.62
N GLU A 85 0.14 3.58 19.83
CA GLU A 85 1.53 3.17 19.63
C GLU A 85 1.97 3.41 18.19
N ARG A 86 1.05 3.21 17.26
CA ARG A 86 1.33 3.39 15.84
C ARG A 86 1.84 4.80 15.57
N GLU A 87 1.57 5.71 16.50
CA GLU A 87 2.00 7.10 16.36
C GLU A 87 3.35 7.18 15.66
N ALA A 88 4.37 6.58 16.28
CA ALA A 88 5.71 6.59 15.71
C ALA A 88 5.67 6.34 14.20
N PHE A 89 4.91 5.36 13.78
CA PHE A 89 4.78 5.02 12.37
C PHE A 89 4.17 6.18 11.59
N ALA A 90 3.27 6.91 12.25
CA ALA A 90 2.60 8.05 11.61
C ALA A 90 3.62 9.14 11.26
N GLU A 91 4.29 9.67 12.27
CA GLU A 91 5.28 10.72 12.06
C GLU A 91 6.27 10.33 10.97
N SER A 92 6.82 9.12 11.10
CA SER A 92 7.78 8.62 10.13
C SER A 92 7.14 8.44 8.75
N LEU A 93 5.93 7.90 8.75
CA LEU A 93 5.20 7.66 7.50
C LEU A 93 4.87 8.99 6.81
N ARG A 94 4.63 10.02 7.61
CA ARG A 94 4.30 11.33 7.08
C ARG A 94 5.50 11.93 6.33
N THR A 95 6.60 12.15 7.05
CA THR A 95 7.80 12.71 6.46
C THR A 95 8.34 11.80 5.36
N SER A 96 7.97 10.53 5.41
CA SER A 96 8.43 9.57 4.41
C SER A 96 7.45 9.50 3.23
N LEU A 97 6.23 9.97 3.45
CA LEU A 97 5.21 9.95 2.41
C LEU A 97 5.70 10.70 1.17
N LYS A 98 5.50 10.09 0.00
CA LYS A 98 5.91 10.69 -1.25
C LYS A 98 4.75 10.70 -2.26
N GLU A 99 4.72 11.73 -3.10
CA GLU A 99 3.66 11.85 -4.10
C GLU A 99 4.26 11.85 -5.51
N ILE A 100 3.44 11.46 -6.49
CA ILE A 100 3.89 11.42 -7.87
C ILE A 100 2.80 11.95 -8.82
N GLY A 101 3.15 12.09 -10.09
CA GLY A 101 2.20 12.57 -11.07
C GLY A 101 1.78 14.00 -10.81
N GLU A 102 2.76 14.91 -10.79
CA GLU A 102 2.49 16.33 -10.55
C GLU A 102 2.09 17.03 -11.83
N ASN A 103 0.80 17.32 -11.97
CA ASN A 103 0.28 17.99 -13.16
C ASN A 103 -0.04 19.45 -12.86
N VAL A 104 0.91 20.34 -13.14
CA VAL A 104 0.73 21.76 -12.91
C VAL A 104 -0.31 22.34 -13.85
N HIS A 105 -1.26 23.08 -13.29
CA HIS A 105 -2.33 23.70 -14.08
C HIS A 105 -1.99 25.14 -14.40
N GLY A 1 3.77 -14.13 -27.38
CA GLY A 1 3.43 -15.20 -26.45
C GLY A 1 1.95 -15.31 -26.20
N SER A 2 1.53 -15.02 -24.97
CA SER A 2 0.12 -15.09 -24.60
C SER A 2 -0.49 -13.70 -24.52
N SER A 3 -1.61 -13.51 -25.20
CA SER A 3 -2.30 -12.22 -25.22
C SER A 3 -3.42 -12.20 -24.19
N GLY A 4 -3.49 -11.12 -23.42
CA GLY A 4 -4.53 -10.99 -22.41
C GLY A 4 -4.54 -12.15 -21.44
N SER A 5 -4.07 -11.91 -20.22
CA SER A 5 -4.02 -12.95 -19.20
C SER A 5 -4.31 -12.37 -17.82
N SER A 6 -4.90 -13.19 -16.95
CA SER A 6 -5.23 -12.75 -15.61
C SER A 6 -3.98 -12.71 -14.73
N GLY A 7 -4.11 -12.10 -13.55
CA GLY A 7 -2.99 -12.00 -12.64
C GLY A 7 -3.37 -11.35 -11.32
N VAL A 8 -2.59 -10.38 -10.90
CA VAL A 8 -2.84 -9.68 -9.64
C VAL A 8 -3.96 -8.65 -9.80
N GLN A 9 -4.75 -8.47 -8.75
CA GLN A 9 -5.85 -7.51 -8.78
C GLN A 9 -5.89 -6.69 -7.50
N VAL A 10 -6.17 -5.40 -7.64
CA VAL A 10 -6.24 -4.50 -6.50
C VAL A 10 -6.97 -5.16 -5.32
N GLY A 11 -8.04 -5.88 -5.63
CA GLY A 11 -8.81 -6.55 -4.59
C GLY A 11 -8.01 -7.64 -3.89
N ASN A 12 -7.18 -8.35 -4.67
CA ASN A 12 -6.36 -9.42 -4.12
C ASN A 12 -4.88 -9.16 -4.37
N CYS A 13 -4.49 -7.89 -4.32
CA CYS A 13 -3.11 -7.51 -4.54
C CYS A 13 -2.32 -7.52 -3.24
N LEU A 14 -2.98 -7.10 -2.16
CA LEU A 14 -2.34 -7.07 -0.84
C LEU A 14 -1.93 -8.46 -0.40
N GLN A 15 -2.88 -9.38 -0.41
CA GLN A 15 -2.63 -10.76 0.00
C GLN A 15 -1.48 -11.36 -0.81
N VAL A 16 -1.53 -11.16 -2.13
CA VAL A 16 -0.48 -11.69 -3.01
C VAL A 16 0.88 -11.09 -2.66
N MET A 17 1.00 -9.78 -2.83
CA MET A 17 2.25 -9.09 -2.53
C MET A 17 2.78 -9.48 -1.16
N TRP A 18 1.88 -9.54 -0.17
CA TRP A 18 2.25 -9.90 1.19
C TRP A 18 3.05 -11.19 1.20
N LEU A 19 2.42 -12.29 0.80
CA LEU A 19 3.08 -13.58 0.77
C LEU A 19 4.39 -13.51 -0.02
N ALA A 20 4.34 -12.90 -1.19
CA ALA A 20 5.51 -12.77 -2.03
C ALA A 20 6.69 -12.19 -1.26
N ASP A 21 6.46 -11.04 -0.63
CA ASP A 21 7.50 -10.38 0.16
C ASP A 21 8.09 -11.34 1.19
N ARG A 22 7.22 -12.11 1.83
CA ARG A 22 7.66 -13.07 2.84
C ARG A 22 8.54 -14.15 2.23
N HIS A 23 8.22 -14.54 0.99
CA HIS A 23 8.99 -15.56 0.29
C HIS A 23 10.07 -14.93 -0.58
N SER A 24 10.51 -13.75 -0.19
CA SER A 24 11.54 -13.04 -0.94
C SER A 24 11.27 -13.10 -2.44
N ASP A 25 10.00 -12.95 -2.81
CA ASP A 25 9.61 -12.99 -4.22
C ASP A 25 9.40 -11.57 -4.76
N PRO A 26 10.42 -11.05 -5.45
CA PRO A 26 10.37 -9.70 -6.04
C PRO A 26 9.39 -9.62 -7.21
N GLU A 27 9.40 -10.64 -8.06
CA GLU A 27 8.53 -10.68 -9.22
C GLU A 27 7.08 -10.39 -8.81
N LEU A 28 6.53 -11.24 -7.95
CA LEU A 28 5.16 -11.07 -7.49
C LEU A 28 5.02 -9.83 -6.62
N TYR A 29 5.75 -9.81 -5.50
CA TYR A 29 5.71 -8.67 -4.59
C TYR A 29 5.71 -7.35 -5.35
N THR A 30 6.69 -7.18 -6.23
CA THR A 30 6.81 -5.96 -7.02
C THR A 30 5.52 -5.70 -7.80
N ALA A 31 5.08 -6.69 -8.55
CA ALA A 31 3.85 -6.56 -9.35
C ALA A 31 2.68 -6.12 -8.48
N ALA A 32 2.24 -7.00 -7.59
CA ALA A 32 1.13 -6.69 -6.70
C ALA A 32 1.33 -5.34 -6.01
N LYS A 33 2.55 -5.08 -5.58
CA LYS A 33 2.88 -3.82 -4.92
C LYS A 33 2.56 -2.63 -5.81
N HIS A 34 3.00 -2.71 -7.06
CA HIS A 34 2.76 -1.65 -8.03
C HIS A 34 1.26 -1.33 -8.13
N CYS A 35 0.46 -2.37 -8.26
CA CYS A 35 -0.99 -2.21 -8.39
C CYS A 35 -1.57 -1.63 -7.11
N ALA A 36 -0.90 -1.89 -5.99
CA ALA A 36 -1.36 -1.38 -4.70
C ALA A 36 -1.14 0.12 -4.58
N LYS A 37 0.08 0.56 -4.90
CA LYS A 37 0.43 1.98 -4.83
C LYS A 37 -0.48 2.80 -5.73
N THR A 38 -0.74 2.29 -6.93
CA THR A 38 -1.60 2.98 -7.89
C THR A 38 -3.05 2.98 -7.44
N HIS A 39 -3.45 1.90 -6.78
CA HIS A 39 -4.82 1.78 -6.28
C HIS A 39 -4.83 1.55 -4.77
N LEU A 40 -4.12 2.40 -4.05
CA LEU A 40 -4.05 2.30 -2.59
C LEU A 40 -5.43 2.49 -1.96
N ALA A 41 -6.13 3.53 -2.41
CA ALA A 41 -7.46 3.82 -1.89
C ALA A 41 -8.31 2.56 -1.82
N GLN A 42 -8.52 1.92 -2.96
CA GLN A 42 -9.31 0.69 -3.02
C GLN A 42 -8.92 -0.27 -1.91
N LEU A 43 -7.72 -0.08 -1.37
CA LEU A 43 -7.22 -0.93 -0.30
C LEU A 43 -7.36 -0.24 1.06
N GLN A 44 -7.23 1.08 1.05
CA GLN A 44 -7.35 1.85 2.28
C GLN A 44 -8.73 1.70 2.91
N ASN A 45 -9.71 1.37 2.06
CA ASN A 45 -11.08 1.19 2.53
C ASN A 45 -11.34 -0.26 2.93
N THR A 46 -10.27 -1.07 2.91
CA THR A 46 -10.38 -2.47 3.27
C THR A 46 -9.72 -2.74 4.63
N GLU A 47 -10.14 -3.83 5.28
CA GLU A 47 -9.59 -4.19 6.57
C GLU A 47 -8.15 -4.71 6.43
N GLU A 48 -7.97 -5.70 5.57
CA GLU A 48 -6.66 -6.28 5.35
C GLU A 48 -5.58 -5.20 5.33
N PHE A 49 -5.71 -4.25 4.42
CA PHE A 49 -4.76 -3.15 4.30
C PHE A 49 -4.39 -2.59 5.67
N LEU A 50 -5.42 -2.35 6.50
CA LEU A 50 -5.21 -1.82 7.83
C LEU A 50 -4.56 -2.85 8.74
N HIS A 51 -4.73 -4.13 8.39
CA HIS A 51 -4.15 -5.22 9.18
C HIS A 51 -2.70 -5.46 8.79
N LEU A 52 -2.28 -4.86 7.68
CA LEU A 52 -0.92 -5.01 7.20
C LEU A 52 0.07 -4.34 8.15
N PRO A 53 1.31 -4.85 8.18
CA PRO A 53 2.37 -4.32 9.04
C PRO A 53 2.83 -2.93 8.60
N HIS A 54 3.99 -2.52 9.10
CA HIS A 54 4.55 -1.22 8.75
C HIS A 54 5.53 -1.33 7.58
N ARG A 55 6.30 -2.42 7.56
CA ARG A 55 7.27 -2.65 6.51
C ARG A 55 6.59 -2.63 5.14
N LEU A 56 5.52 -3.40 4.99
CA LEU A 56 4.78 -3.47 3.74
C LEU A 56 4.12 -2.14 3.42
N LEU A 57 3.47 -1.55 4.42
CA LEU A 57 2.80 -0.27 4.24
C LEU A 57 3.77 0.80 3.78
N THR A 58 4.77 1.09 4.61
CA THR A 58 5.77 2.10 4.28
C THR A 58 6.37 1.85 2.90
N ASP A 59 6.55 0.58 2.56
CA ASP A 59 7.12 0.20 1.27
C ASP A 59 6.23 0.70 0.12
N ILE A 60 4.99 0.22 0.11
CA ILE A 60 4.04 0.62 -0.94
C ILE A 60 4.08 2.12 -1.17
N ILE A 61 3.98 2.89 -0.10
CA ILE A 61 4.00 4.34 -0.18
C ILE A 61 5.40 4.84 -0.54
N SER A 62 6.42 4.10 -0.12
CA SER A 62 7.80 4.47 -0.38
C SER A 62 8.09 4.45 -1.88
N ASP A 63 7.38 3.59 -2.61
CA ASP A 63 7.55 3.48 -4.05
C ASP A 63 6.84 4.62 -4.77
N GLY A 64 6.37 5.60 -4.01
CA GLY A 64 5.67 6.73 -4.60
C GLY A 64 4.23 6.41 -4.93
N VAL A 65 3.32 7.33 -4.59
CA VAL A 65 1.91 7.13 -4.85
C VAL A 65 1.36 8.25 -5.74
N PRO A 66 0.61 7.85 -6.78
CA PRO A 66 0.01 8.80 -7.73
C PRO A 66 -1.11 9.62 -7.10
N CYS A 67 -1.00 10.94 -7.21
CA CYS A 67 -2.00 11.84 -6.65
C CYS A 67 -3.40 11.23 -6.75
N SER A 68 -3.65 10.52 -7.83
CA SER A 68 -4.95 9.88 -8.04
C SER A 68 -5.54 9.39 -6.73
N GLN A 69 -4.83 8.46 -6.08
CA GLN A 69 -5.28 7.91 -4.80
C GLN A 69 -4.84 8.79 -3.64
N ASN A 70 -5.56 8.71 -2.53
CA ASN A 70 -5.24 9.49 -1.35
C ASN A 70 -4.28 8.73 -0.44
N PRO A 71 -3.02 9.18 -0.39
CA PRO A 71 -1.98 8.57 0.44
C PRO A 71 -2.22 8.78 1.93
N THR A 72 -2.44 10.04 2.31
CA THR A 72 -2.69 10.39 3.69
C THR A 72 -3.85 9.60 4.27
N GLU A 73 -5.02 9.73 3.65
CA GLU A 73 -6.21 9.03 4.11
C GLU A 73 -5.86 7.61 4.57
N ALA A 74 -5.13 6.89 3.73
CA ALA A 74 -4.72 5.53 4.05
C ALA A 74 -3.83 5.49 5.29
N ILE A 75 -2.93 6.46 5.40
CA ILE A 75 -2.03 6.55 6.53
C ILE A 75 -2.79 6.82 7.83
N GLU A 76 -3.61 7.87 7.81
CA GLU A 76 -4.40 8.24 8.98
C GLU A 76 -5.20 7.05 9.50
N ALA A 77 -5.72 6.26 8.58
CA ALA A 77 -6.51 5.08 8.95
C ALA A 77 -5.62 3.98 9.48
N TRP A 78 -4.71 3.48 8.65
CA TRP A 78 -3.80 2.42 9.05
C TRP A 78 -3.12 2.76 10.37
N ILE A 79 -3.02 4.05 10.67
CA ILE A 79 -2.39 4.48 11.90
C ILE A 79 -3.41 4.60 13.03
N ASN A 80 -4.43 5.42 12.82
CA ASN A 80 -5.48 5.61 13.81
C ASN A 80 -5.84 4.29 14.48
N PHE A 81 -5.84 3.21 13.69
CA PHE A 81 -6.17 1.88 14.21
C PHE A 81 -5.59 1.69 15.61
N ASN A 82 -4.28 1.84 15.72
CA ASN A 82 -3.61 1.67 17.01
C ASN A 82 -2.72 2.88 17.32
N LYS A 83 -3.21 4.06 16.99
CA LYS A 83 -2.47 5.30 17.23
C LYS A 83 -1.72 5.22 18.56
N GLU A 84 -2.25 4.44 19.49
CA GLU A 84 -1.62 4.28 20.80
C GLU A 84 -0.11 4.34 20.69
N GLU A 85 0.47 3.36 20.00
CA GLU A 85 1.91 3.30 19.82
C GLU A 85 2.29 3.49 18.35
N ARG A 86 1.34 3.19 17.46
CA ARG A 86 1.57 3.32 16.03
C ARG A 86 1.79 4.79 15.65
N GLU A 87 1.62 5.68 16.62
CA GLU A 87 1.79 7.11 16.39
C GLU A 87 3.14 7.39 15.74
N ALA A 88 4.20 6.87 16.34
CA ALA A 88 5.55 7.07 15.84
C ALA A 88 5.60 6.83 14.32
N PHE A 89 4.99 5.74 13.88
CA PHE A 89 4.98 5.40 12.46
C PHE A 89 4.20 6.45 11.66
N ALA A 90 3.23 7.09 12.32
CA ALA A 90 2.42 8.10 11.67
C ALA A 90 3.26 9.32 11.28
N GLU A 91 3.94 9.89 12.28
CA GLU A 91 4.78 11.06 12.06
C GLU A 91 5.85 10.76 11.01
N SER A 92 6.49 9.61 11.14
CA SER A 92 7.54 9.20 10.21
C SER A 92 6.96 8.92 8.83
N LEU A 93 5.80 8.26 8.81
CA LEU A 93 5.14 7.92 7.55
C LEU A 93 4.70 9.18 6.81
N ARG A 94 4.36 10.22 7.57
CA ARG A 94 3.92 11.48 6.98
C ARG A 94 5.08 12.21 6.32
N THR A 95 6.18 12.34 7.04
CA THR A 95 7.37 13.01 6.52
C THR A 95 7.97 12.24 5.34
N SER A 96 7.94 10.92 5.43
CA SER A 96 8.48 10.07 4.37
C SER A 96 7.54 10.04 3.17
N LEU A 97 6.24 10.12 3.44
CA LEU A 97 5.24 10.09 2.38
C LEU A 97 5.72 10.88 1.16
N LYS A 98 5.54 10.30 -0.02
CA LYS A 98 5.95 10.95 -1.27
C LYS A 98 4.86 10.83 -2.33
N GLU A 99 4.68 11.88 -3.10
CA GLU A 99 3.66 11.90 -4.15
C GLU A 99 4.32 11.95 -5.53
N ILE A 100 3.58 11.51 -6.54
CA ILE A 100 4.08 11.50 -7.91
C ILE A 100 3.01 11.95 -8.89
N GLY A 101 3.45 12.57 -9.99
CA GLY A 101 2.51 13.05 -10.99
C GLY A 101 2.53 14.56 -11.14
N GLU A 102 1.79 15.06 -12.11
CA GLU A 102 1.72 16.50 -12.36
C GLU A 102 0.70 17.16 -11.44
N ASN A 103 1.19 17.98 -10.52
CA ASN A 103 0.32 18.68 -9.58
C ASN A 103 -0.52 19.74 -10.28
N VAL A 104 -1.81 19.78 -9.97
CA VAL A 104 -2.71 20.75 -10.58
C VAL A 104 -3.55 21.45 -9.52
N HIS A 105 -3.60 22.78 -9.59
CA HIS A 105 -4.37 23.57 -8.64
C HIS A 105 -5.72 22.92 -8.35
N GLY A 1 11.69 -23.03 -22.13
CA GLY A 1 11.01 -22.30 -21.08
C GLY A 1 10.15 -21.18 -21.64
N SER A 2 8.83 -21.32 -21.51
CA SER A 2 7.90 -20.32 -22.00
C SER A 2 6.79 -20.08 -20.99
N SER A 3 6.83 -18.91 -20.35
CA SER A 3 5.83 -18.55 -19.36
C SER A 3 5.20 -17.20 -19.68
N GLY A 4 4.18 -16.82 -18.90
CA GLY A 4 3.51 -15.55 -19.12
C GLY A 4 2.08 -15.56 -18.63
N SER A 5 1.90 -15.34 -17.33
CA SER A 5 0.57 -15.33 -16.74
C SER A 5 0.43 -14.20 -15.72
N SER A 6 -0.64 -13.43 -15.84
CA SER A 6 -0.88 -12.32 -14.93
C SER A 6 -2.29 -12.40 -14.34
N GLY A 7 -2.51 -11.63 -13.27
CA GLY A 7 -3.82 -11.63 -12.62
C GLY A 7 -3.73 -11.24 -11.16
N VAL A 8 -3.69 -9.94 -10.90
CA VAL A 8 -3.61 -9.43 -9.53
C VAL A 8 -4.62 -8.32 -9.30
N GLN A 9 -5.74 -8.67 -8.66
CA GLN A 9 -6.78 -7.70 -8.37
C GLN A 9 -6.46 -6.90 -7.13
N VAL A 10 -6.60 -5.58 -7.22
CA VAL A 10 -6.32 -4.69 -6.10
C VAL A 10 -6.81 -5.30 -4.78
N GLY A 11 -7.82 -6.15 -4.87
CA GLY A 11 -8.36 -6.78 -3.69
C GLY A 11 -7.42 -7.77 -3.07
N ASN A 12 -6.81 -8.61 -3.90
CA ASN A 12 -5.86 -9.61 -3.44
C ASN A 12 -4.43 -9.12 -3.56
N CYS A 13 -4.25 -7.99 -4.24
CA CYS A 13 -2.93 -7.41 -4.43
C CYS A 13 -2.13 -7.46 -3.14
N LEU A 14 -2.75 -7.06 -2.04
CA LEU A 14 -2.09 -7.06 -0.74
C LEU A 14 -1.70 -8.47 -0.33
N GLN A 15 -2.70 -9.35 -0.22
CA GLN A 15 -2.46 -10.73 0.18
C GLN A 15 -1.32 -11.34 -0.64
N VAL A 16 -1.40 -11.19 -1.96
CA VAL A 16 -0.37 -11.72 -2.85
C VAL A 16 1.00 -11.14 -2.52
N MET A 17 1.18 -9.86 -2.82
CA MET A 17 2.44 -9.18 -2.55
C MET A 17 2.97 -9.56 -1.17
N TRP A 18 2.09 -9.57 -0.18
CA TRP A 18 2.47 -9.90 1.19
C TRP A 18 3.28 -11.20 1.22
N LEU A 19 2.61 -12.31 0.93
CA LEU A 19 3.26 -13.61 0.92
C LEU A 19 4.53 -13.59 0.07
N ALA A 20 4.43 -12.98 -1.11
CA ALA A 20 5.57 -12.88 -2.01
C ALA A 20 6.80 -12.33 -1.30
N ASP A 21 6.64 -11.15 -0.70
CA ASP A 21 7.74 -10.51 0.02
C ASP A 21 8.29 -11.44 1.10
N ARG A 22 7.41 -12.22 1.71
CA ARG A 22 7.81 -13.15 2.76
C ARG A 22 8.61 -14.31 2.19
N HIS A 23 8.32 -14.67 0.94
CA HIS A 23 9.01 -15.77 0.28
C HIS A 23 10.10 -15.23 -0.65
N SER A 24 10.60 -14.04 -0.35
CA SER A 24 11.64 -13.42 -1.16
C SER A 24 11.29 -13.50 -2.64
N ASP A 25 10.03 -13.28 -2.96
CA ASP A 25 9.56 -13.32 -4.34
C ASP A 25 9.40 -11.91 -4.91
N PRO A 26 10.41 -11.46 -5.67
CA PRO A 26 10.41 -10.13 -6.28
C PRO A 26 9.39 -10.02 -7.41
N GLU A 27 9.36 -11.03 -8.29
CA GLU A 27 8.42 -11.04 -9.41
C GLU A 27 7.02 -10.70 -8.94
N LEU A 28 6.46 -11.56 -8.10
CA LEU A 28 5.10 -11.35 -7.58
C LEU A 28 5.03 -10.08 -6.74
N TYR A 29 5.76 -10.08 -5.63
CA TYR A 29 5.78 -8.92 -4.74
C TYR A 29 5.73 -7.62 -5.53
N THR A 30 6.69 -7.45 -6.42
CA THR A 30 6.77 -6.24 -7.25
C THR A 30 5.46 -6.01 -8.00
N ALA A 31 5.00 -7.05 -8.71
CA ALA A 31 3.77 -6.96 -9.46
C ALA A 31 2.64 -6.38 -8.63
N ALA A 32 2.19 -7.14 -7.64
CA ALA A 32 1.11 -6.70 -6.76
C ALA A 32 1.44 -5.34 -6.14
N LYS A 33 2.66 -5.20 -5.65
CA LYS A 33 3.10 -3.95 -5.03
C LYS A 33 2.76 -2.76 -5.92
N HIS A 34 3.11 -2.86 -7.19
CA HIS A 34 2.85 -1.78 -8.14
C HIS A 34 1.35 -1.52 -8.25
N CYS A 35 0.57 -2.58 -8.41
CA CYS A 35 -0.87 -2.46 -8.52
C CYS A 35 -1.47 -1.84 -7.27
N ALA A 36 -0.77 -2.00 -6.15
CA ALA A 36 -1.23 -1.45 -4.88
C ALA A 36 -1.00 0.06 -4.80
N LYS A 37 0.25 0.47 -4.98
CA LYS A 37 0.60 1.89 -4.95
C LYS A 37 -0.29 2.70 -5.89
N THR A 38 -0.63 2.10 -7.02
CA THR A 38 -1.48 2.77 -8.01
C THR A 38 -2.94 2.80 -7.55
N HIS A 39 -3.40 1.69 -6.97
CA HIS A 39 -4.76 1.60 -6.49
C HIS A 39 -4.79 1.44 -4.98
N LEU A 40 -4.00 2.24 -4.28
CA LEU A 40 -3.93 2.18 -2.83
C LEU A 40 -5.31 2.43 -2.20
N ALA A 41 -6.03 3.40 -2.75
CA ALA A 41 -7.36 3.72 -2.26
C ALA A 41 -8.21 2.47 -2.08
N GLN A 42 -8.35 1.69 -3.16
CA GLN A 42 -9.13 0.47 -3.12
C GLN A 42 -8.69 -0.42 -1.96
N LEU A 43 -7.51 -0.15 -1.42
CA LEU A 43 -6.98 -0.92 -0.30
C LEU A 43 -7.22 -0.21 1.02
N GLN A 44 -7.01 1.10 1.03
CA GLN A 44 -7.21 1.90 2.24
C GLN A 44 -8.63 1.75 2.76
N ASN A 45 -9.56 1.42 1.87
CA ASN A 45 -10.96 1.25 2.24
C ASN A 45 -11.21 -0.17 2.75
N THR A 46 -10.27 -1.06 2.49
CA THR A 46 -10.39 -2.45 2.91
C THR A 46 -9.74 -2.66 4.28
N GLU A 47 -10.11 -3.75 4.94
CA GLU A 47 -9.57 -4.08 6.25
C GLU A 47 -8.13 -4.57 6.14
N GLU A 48 -7.92 -5.59 5.32
CA GLU A 48 -6.59 -6.15 5.13
C GLU A 48 -5.52 -5.07 5.19
N PHE A 49 -5.60 -4.13 4.26
CA PHE A 49 -4.64 -3.02 4.20
C PHE A 49 -4.36 -2.47 5.59
N LEU A 50 -5.42 -2.13 6.31
CA LEU A 50 -5.29 -1.59 7.66
C LEU A 50 -4.70 -2.62 8.60
N HIS A 51 -4.83 -3.89 8.25
CA HIS A 51 -4.30 -4.98 9.07
C HIS A 51 -2.86 -5.29 8.69
N LEU A 52 -2.42 -4.74 7.55
CA LEU A 52 -1.06 -4.95 7.09
C LEU A 52 -0.04 -4.31 8.02
N PRO A 53 1.18 -4.86 8.05
CA PRO A 53 2.26 -4.35 8.90
C PRO A 53 2.77 -3.00 8.41
N HIS A 54 3.95 -2.61 8.91
CA HIS A 54 4.56 -1.35 8.53
C HIS A 54 5.50 -1.51 7.33
N ARG A 55 6.26 -2.60 7.35
CA ARG A 55 7.21 -2.88 6.27
C ARG A 55 6.49 -2.90 4.92
N LEU A 56 5.40 -3.66 4.85
CA LEU A 56 4.64 -3.76 3.61
C LEU A 56 4.07 -2.41 3.20
N LEU A 57 3.33 -1.78 4.11
CA LEU A 57 2.73 -0.48 3.84
C LEU A 57 3.80 0.56 3.54
N THR A 58 4.64 0.85 4.53
CA THR A 58 5.70 1.83 4.37
C THR A 58 6.38 1.69 3.01
N ASP A 59 6.56 0.45 2.57
CA ASP A 59 7.19 0.18 1.28
C ASP A 59 6.37 0.79 0.15
N ILE A 60 5.13 0.34 0.01
CA ILE A 60 4.25 0.84 -1.03
C ILE A 60 4.32 2.35 -1.15
N ILE A 61 4.23 3.03 0.00
CA ILE A 61 4.30 4.49 0.03
C ILE A 61 5.71 4.98 -0.23
N SER A 62 6.70 4.17 0.14
CA SER A 62 8.10 4.53 -0.06
C SER A 62 8.44 4.59 -1.54
N ASP A 63 7.69 3.85 -2.35
CA ASP A 63 7.91 3.82 -3.78
C ASP A 63 7.24 5.01 -4.47
N GLY A 64 6.18 5.52 -3.84
CA GLY A 64 5.47 6.65 -4.41
C GLY A 64 3.98 6.41 -4.52
N VAL A 65 3.20 7.48 -4.47
CA VAL A 65 1.74 7.37 -4.56
C VAL A 65 1.16 8.54 -5.36
N PRO A 66 0.29 8.21 -6.32
CA PRO A 66 -0.36 9.21 -7.17
C PRO A 66 -1.37 10.06 -6.40
N CYS A 67 -1.14 11.37 -6.37
CA CYS A 67 -2.03 12.28 -5.66
C CYS A 67 -3.47 11.82 -5.76
N SER A 68 -3.86 11.33 -6.94
CA SER A 68 -5.23 10.86 -7.15
C SER A 68 -5.70 10.01 -5.97
N GLN A 69 -4.93 8.98 -5.66
CA GLN A 69 -5.28 8.09 -4.55
C GLN A 69 -4.89 8.71 -3.21
N ASN A 70 -5.84 9.38 -2.58
CA ASN A 70 -5.60 10.02 -1.29
C ASN A 70 -4.66 9.19 -0.43
N PRO A 71 -3.38 9.56 -0.43
CA PRO A 71 -2.35 8.86 0.34
C PRO A 71 -2.51 9.07 1.85
N THR A 72 -2.63 10.33 2.25
CA THR A 72 -2.80 10.66 3.67
C THR A 72 -3.97 9.90 4.28
N GLU A 73 -5.09 9.87 3.56
CA GLU A 73 -6.29 9.19 4.02
C GLU A 73 -5.94 7.78 4.53
N ALA A 74 -5.26 7.02 3.68
CA ALA A 74 -4.87 5.66 4.02
C ALA A 74 -3.97 5.64 5.25
N ILE A 75 -3.04 6.59 5.31
CA ILE A 75 -2.11 6.70 6.42
C ILE A 75 -2.85 6.94 7.73
N GLU A 76 -3.84 7.82 7.70
CA GLU A 76 -4.62 8.16 8.89
C GLU A 76 -5.33 6.91 9.42
N ALA A 77 -5.95 6.15 8.52
CA ALA A 77 -6.67 4.94 8.90
C ALA A 77 -5.71 3.89 9.42
N TRP A 78 -4.84 3.39 8.55
CA TRP A 78 -3.87 2.37 8.92
C TRP A 78 -3.24 2.69 10.28
N ILE A 79 -3.05 3.97 10.55
CA ILE A 79 -2.46 4.40 11.82
C ILE A 79 -3.49 4.37 12.94
N ASN A 80 -4.62 5.03 12.72
CA ASN A 80 -5.69 5.07 13.72
C ASN A 80 -5.86 3.70 14.38
N PHE A 81 -5.70 2.64 13.60
CA PHE A 81 -5.83 1.28 14.11
C PHE A 81 -5.21 1.17 15.51
N ASN A 82 -3.95 1.57 15.63
CA ASN A 82 -3.24 1.51 16.89
C ASN A 82 -2.53 2.83 17.18
N LYS A 83 -3.11 3.92 16.71
CA LYS A 83 -2.52 5.25 16.92
C LYS A 83 -1.95 5.37 18.32
N GLU A 84 -2.63 4.79 19.30
CA GLU A 84 -2.18 4.84 20.68
C GLU A 84 -0.65 4.77 20.76
N GLU A 85 -0.07 3.91 19.93
CA GLU A 85 1.38 3.75 19.90
C GLU A 85 1.93 3.95 18.50
N ARG A 86 1.18 3.52 17.50
CA ARG A 86 1.58 3.65 16.11
C ARG A 86 1.85 5.11 15.76
N GLU A 87 1.40 6.01 16.64
CA GLU A 87 1.60 7.44 16.42
C GLU A 87 2.97 7.73 15.82
N ALA A 88 4.01 7.22 16.48
CA ALA A 88 5.38 7.42 16.01
C ALA A 88 5.50 7.12 14.52
N PHE A 89 4.89 6.02 14.09
CA PHE A 89 4.92 5.63 12.68
C PHE A 89 4.19 6.65 11.82
N ALA A 90 3.13 7.23 12.36
CA ALA A 90 2.34 8.23 11.64
C ALA A 90 3.20 9.42 11.26
N GLU A 91 3.94 9.95 12.22
CA GLU A 91 4.80 11.10 11.99
C GLU A 91 5.89 10.77 10.98
N SER A 92 6.66 9.73 11.26
CA SER A 92 7.75 9.30 10.39
C SER A 92 7.22 8.97 9.00
N LEU A 93 6.04 8.34 8.96
CA LEU A 93 5.42 7.96 7.69
C LEU A 93 5.06 9.19 6.87
N ARG A 94 4.45 10.17 7.52
CA ARG A 94 4.05 11.41 6.84
C ARG A 94 5.25 12.07 6.17
N THR A 95 6.37 12.15 6.90
CA THR A 95 7.58 12.76 6.38
C THR A 95 8.12 11.97 5.19
N SER A 96 8.01 10.65 5.26
CA SER A 96 8.50 9.79 4.19
C SER A 96 7.55 9.82 2.99
N LEU A 97 6.27 10.04 3.27
CA LEU A 97 5.26 10.09 2.23
C LEU A 97 5.77 10.84 1.00
N LYS A 98 5.55 10.26 -0.18
CA LYS A 98 5.99 10.88 -1.42
C LYS A 98 4.84 10.96 -2.42
N GLU A 99 4.70 12.12 -3.07
CA GLU A 99 3.64 12.32 -4.05
C GLU A 99 4.22 12.34 -5.46
N ILE A 100 3.42 11.87 -6.42
CA ILE A 100 3.85 11.83 -7.82
C ILE A 100 2.78 12.40 -8.74
N GLY A 101 1.52 12.24 -8.34
CA GLY A 101 0.42 12.73 -9.14
C GLY A 101 0.47 14.24 -9.31
N GLU A 102 -0.22 14.74 -10.33
CA GLU A 102 -0.25 16.17 -10.61
C GLU A 102 -1.64 16.74 -10.38
N ASN A 103 -1.75 17.69 -9.47
CA ASN A 103 -3.03 18.32 -9.15
C ASN A 103 -3.72 18.79 -10.42
N VAL A 104 -4.98 18.42 -10.57
CA VAL A 104 -5.77 18.81 -11.74
C VAL A 104 -6.65 20.02 -11.44
N HIS A 105 -6.05 21.03 -10.80
CA HIS A 105 -6.78 22.24 -10.46
C HIS A 105 -7.41 22.86 -11.69
N GLY A 1 7.45 -21.52 -19.60
CA GLY A 1 6.55 -22.53 -19.07
C GLY A 1 5.46 -21.95 -18.19
N SER A 2 5.18 -22.60 -17.07
CA SER A 2 4.14 -22.14 -16.16
C SER A 2 4.46 -22.55 -14.73
N SER A 3 3.90 -21.81 -13.77
CA SER A 3 4.12 -22.10 -12.36
C SER A 3 2.81 -22.38 -11.64
N GLY A 4 1.81 -21.55 -11.90
CA GLY A 4 0.52 -21.71 -11.26
C GLY A 4 -0.29 -20.43 -11.22
N SER A 5 -0.41 -19.86 -10.03
CA SER A 5 -1.16 -18.62 -9.85
C SER A 5 -0.65 -17.54 -10.80
N SER A 6 -1.58 -16.80 -11.40
CA SER A 6 -1.23 -15.74 -12.33
C SER A 6 -2.34 -14.69 -12.41
N GLY A 7 -1.98 -13.48 -12.82
CA GLY A 7 -2.95 -12.41 -12.92
C GLY A 7 -3.31 -11.82 -11.57
N VAL A 8 -2.69 -10.70 -11.24
CA VAL A 8 -2.95 -10.03 -9.96
C VAL A 8 -4.05 -8.98 -10.11
N GLN A 9 -4.69 -8.65 -9.00
CA GLN A 9 -5.75 -7.66 -9.00
C GLN A 9 -5.72 -6.82 -7.73
N VAL A 10 -5.97 -5.52 -7.89
CA VAL A 10 -5.96 -4.60 -6.75
C VAL A 10 -6.73 -5.18 -5.57
N GLY A 11 -7.80 -5.91 -5.87
CA GLY A 11 -8.61 -6.51 -4.82
C GLY A 11 -7.81 -7.49 -3.97
N ASN A 12 -7.06 -8.36 -4.63
CA ASN A 12 -6.25 -9.35 -3.93
C ASN A 12 -4.76 -9.06 -4.10
N CYS A 13 -4.44 -7.83 -4.48
CA CYS A 13 -3.06 -7.43 -4.68
C CYS A 13 -2.28 -7.48 -3.37
N LEU A 14 -2.87 -6.92 -2.32
CA LEU A 14 -2.24 -6.90 -1.01
C LEU A 14 -1.88 -8.32 -0.55
N GLN A 15 -2.85 -9.22 -0.61
CA GLN A 15 -2.64 -10.61 -0.21
C GLN A 15 -1.45 -11.21 -0.96
N VAL A 16 -1.47 -11.09 -2.27
CA VAL A 16 -0.38 -11.63 -3.10
C VAL A 16 0.96 -11.02 -2.71
N MET A 17 1.09 -9.71 -2.86
CA MET A 17 2.32 -9.02 -2.52
C MET A 17 2.79 -9.40 -1.12
N TRP A 18 1.86 -9.40 -0.16
CA TRP A 18 2.17 -9.75 1.21
C TRP A 18 2.98 -11.04 1.28
N LEU A 19 2.36 -12.14 0.88
CA LEU A 19 3.03 -13.45 0.89
C LEU A 19 4.37 -13.38 0.15
N ALA A 20 4.42 -12.57 -0.89
CA ALA A 20 5.64 -12.42 -1.68
C ALA A 20 6.78 -11.89 -0.81
N ASP A 21 6.65 -10.64 -0.37
CA ASP A 21 7.67 -10.01 0.46
C ASP A 21 7.93 -10.83 1.72
N ARG A 22 6.94 -11.64 2.10
CA ARG A 22 7.07 -12.48 3.29
C ARG A 22 7.69 -13.83 2.93
N HIS A 23 7.68 -14.16 1.64
CA HIS A 23 8.25 -15.43 1.18
C HIS A 23 9.47 -15.18 0.29
N SER A 24 10.09 -14.01 0.45
CA SER A 24 11.25 -13.65 -0.34
C SER A 24 10.95 -13.77 -1.83
N ASP A 25 9.88 -13.12 -2.27
CA ASP A 25 9.48 -13.15 -3.67
C ASP A 25 9.40 -11.74 -4.25
N PRO A 26 10.49 -11.30 -4.88
CA PRO A 26 10.58 -9.97 -5.49
C PRO A 26 9.70 -9.84 -6.72
N GLU A 27 9.73 -10.85 -7.58
CA GLU A 27 8.94 -10.86 -8.81
C GLU A 27 7.49 -10.52 -8.50
N LEU A 28 6.84 -11.37 -7.72
CA LEU A 28 5.44 -11.16 -7.36
C LEU A 28 5.27 -9.90 -6.52
N TYR A 29 5.97 -9.85 -5.38
CA TYR A 29 5.89 -8.68 -4.50
C TYR A 29 5.92 -7.39 -5.30
N THR A 30 6.91 -7.24 -6.17
CA THR A 30 7.04 -6.06 -6.99
C THR A 30 5.77 -5.79 -7.80
N ALA A 31 5.34 -6.79 -8.55
CA ALA A 31 4.13 -6.67 -9.36
C ALA A 31 2.95 -6.25 -8.51
N ALA A 32 2.48 -7.16 -7.67
CA ALA A 32 1.35 -6.87 -6.79
C ALA A 32 1.52 -5.54 -6.08
N LYS A 33 2.71 -5.30 -5.56
CA LYS A 33 3.00 -4.06 -4.85
C LYS A 33 2.69 -2.85 -5.72
N HIS A 34 3.20 -2.86 -6.95
CA HIS A 34 2.95 -1.75 -7.88
C HIS A 34 1.46 -1.48 -8.02
N CYS A 35 0.68 -2.55 -8.14
CA CYS A 35 -0.77 -2.43 -8.28
C CYS A 35 -1.40 -1.80 -7.04
N ALA A 36 -0.78 -2.05 -5.89
CA ALA A 36 -1.27 -1.50 -4.63
C ALA A 36 -1.00 -0.01 -4.54
N LYS A 37 0.26 0.38 -4.63
CA LYS A 37 0.65 1.78 -4.57
C LYS A 37 -0.19 2.63 -5.52
N THR A 38 -0.45 2.09 -6.70
CA THR A 38 -1.24 2.80 -7.71
C THR A 38 -2.71 2.87 -7.29
N HIS A 39 -3.21 1.79 -6.70
CA HIS A 39 -4.59 1.73 -6.26
C HIS A 39 -4.67 1.48 -4.75
N LEU A 40 -4.02 2.34 -3.98
CA LEU A 40 -4.01 2.21 -2.53
C LEU A 40 -5.42 2.44 -1.96
N ALA A 41 -6.07 3.49 -2.42
CA ALA A 41 -7.42 3.82 -1.97
C ALA A 41 -8.30 2.58 -1.94
N GLN A 42 -8.47 1.95 -3.10
CA GLN A 42 -9.29 0.75 -3.20
C GLN A 42 -8.98 -0.22 -2.06
N LEU A 43 -7.81 -0.07 -1.47
CA LEU A 43 -7.39 -0.94 -0.37
C LEU A 43 -7.55 -0.24 0.97
N GLN A 44 -7.38 1.09 0.96
CA GLN A 44 -7.51 1.87 2.18
C GLN A 44 -8.89 1.71 2.79
N ASN A 45 -9.89 1.46 1.94
CA ASN A 45 -11.27 1.29 2.40
C ASN A 45 -11.53 -0.17 2.75
N THR A 46 -10.47 -0.95 2.89
CA THR A 46 -10.59 -2.36 3.22
C THR A 46 -9.85 -2.70 4.50
N GLU A 47 -10.29 -3.76 5.18
CA GLU A 47 -9.66 -4.18 6.43
C GLU A 47 -8.24 -4.67 6.17
N GLU A 48 -8.09 -5.64 5.29
CA GLU A 48 -6.78 -6.19 4.96
C GLU A 48 -5.71 -5.11 5.02
N PHE A 49 -5.78 -4.16 4.10
CA PHE A 49 -4.82 -3.06 4.06
C PHE A 49 -4.44 -2.61 5.46
N LEU A 50 -5.44 -2.25 6.25
CA LEU A 50 -5.21 -1.79 7.62
C LEU A 50 -4.56 -2.88 8.46
N HIS A 51 -4.91 -4.13 8.17
CA HIS A 51 -4.34 -5.27 8.89
C HIS A 51 -2.88 -5.48 8.52
N LEU A 52 -2.46 -4.90 7.39
CA LEU A 52 -1.10 -5.03 6.93
C LEU A 52 -0.13 -4.34 7.89
N PRO A 53 1.12 -4.82 7.93
CA PRO A 53 2.16 -4.26 8.79
C PRO A 53 2.61 -2.88 8.34
N HIS A 54 3.72 -2.40 8.91
CA HIS A 54 4.25 -1.10 8.56
C HIS A 54 5.30 -1.21 7.45
N ARG A 55 6.09 -2.29 7.49
CA ARG A 55 7.12 -2.51 6.50
C ARG A 55 6.53 -2.56 5.10
N LEU A 56 5.44 -3.32 4.94
CA LEU A 56 4.78 -3.45 3.65
C LEU A 56 4.11 -2.14 3.24
N LEU A 57 3.43 -1.51 4.18
CA LEU A 57 2.75 -0.25 3.94
C LEU A 57 3.75 0.83 3.50
N THR A 58 4.70 1.13 4.39
CA THR A 58 5.71 2.13 4.11
C THR A 58 6.36 1.90 2.74
N ASP A 59 6.67 0.64 2.45
CA ASP A 59 7.29 0.29 1.17
C ASP A 59 6.46 0.81 0.00
N ILE A 60 5.18 0.46 -0.01
CA ILE A 60 4.28 0.90 -1.07
C ILE A 60 4.36 2.41 -1.29
N ILE A 61 4.19 3.15 -0.20
CA ILE A 61 4.26 4.61 -0.27
C ILE A 61 5.66 5.09 -0.60
N SER A 62 6.66 4.31 -0.18
CA SER A 62 8.05 4.66 -0.44
C SER A 62 8.32 4.76 -1.94
N ASP A 63 7.72 3.86 -2.71
CA ASP A 63 7.89 3.84 -4.15
C ASP A 63 7.20 5.04 -4.79
N GLY A 64 6.10 5.48 -4.17
CA GLY A 64 5.36 6.62 -4.70
C GLY A 64 3.87 6.35 -4.75
N VAL A 65 3.08 7.42 -4.66
CA VAL A 65 1.63 7.31 -4.69
C VAL A 65 1.00 8.48 -5.45
N PRO A 66 0.08 8.16 -6.37
CA PRO A 66 -0.61 9.17 -7.17
C PRO A 66 -1.58 10.00 -6.35
N CYS A 67 -1.35 11.30 -6.32
CA CYS A 67 -2.20 12.22 -5.57
C CYS A 67 -3.66 11.76 -5.60
N SER A 68 -4.15 11.46 -6.80
CA SER A 68 -5.53 11.01 -6.97
C SER A 68 -5.94 10.09 -5.83
N GLN A 69 -5.08 9.12 -5.53
CA GLN A 69 -5.35 8.16 -4.46
C GLN A 69 -4.94 8.73 -3.10
N ASN A 70 -5.85 9.48 -2.47
CA ASN A 70 -5.58 10.08 -1.18
C ASN A 70 -4.67 9.17 -0.34
N PRO A 71 -3.37 9.46 -0.37
CA PRO A 71 -2.37 8.69 0.39
C PRO A 71 -2.48 8.91 1.89
N THR A 72 -2.52 10.17 2.31
CA THR A 72 -2.63 10.51 3.72
C THR A 72 -3.80 9.77 4.37
N GLU A 73 -4.97 9.84 3.74
CA GLU A 73 -6.16 9.19 4.26
C GLU A 73 -5.84 7.78 4.74
N ALA A 74 -5.16 7.01 3.88
CA ALA A 74 -4.79 5.64 4.23
C ALA A 74 -3.85 5.60 5.43
N ILE A 75 -2.89 6.52 5.45
CA ILE A 75 -1.93 6.60 6.54
C ILE A 75 -2.63 6.89 7.87
N GLU A 76 -3.59 7.81 7.83
CA GLU A 76 -4.33 8.18 9.03
C GLU A 76 -5.12 6.99 9.58
N ALA A 77 -5.78 6.26 8.68
CA ALA A 77 -6.57 5.11 9.06
C ALA A 77 -5.67 3.97 9.56
N TRP A 78 -4.83 3.46 8.67
CA TRP A 78 -3.92 2.37 9.01
C TRP A 78 -3.26 2.62 10.37
N ILE A 79 -2.96 3.88 10.65
CA ILE A 79 -2.33 4.25 11.91
C ILE A 79 -3.36 4.32 13.04
N ASN A 80 -4.45 5.04 12.80
CA ASN A 80 -5.51 5.18 13.79
C ASN A 80 -5.75 3.86 14.51
N PHE A 81 -5.73 2.76 13.75
CA PHE A 81 -5.95 1.43 14.32
C PHE A 81 -5.29 1.30 15.68
N ASN A 82 -3.98 1.51 15.73
CA ASN A 82 -3.23 1.42 16.97
C ASN A 82 -2.30 2.63 17.14
N LYS A 83 -2.79 3.79 16.75
CA LYS A 83 -2.01 5.02 16.86
C LYS A 83 -1.36 5.13 18.24
N GLU A 84 -2.11 4.76 19.27
CA GLU A 84 -1.60 4.81 20.64
C GLU A 84 -0.11 4.51 20.67
N GLU A 85 0.34 3.62 19.79
CA GLU A 85 1.74 3.23 19.73
C GLU A 85 2.30 3.44 18.31
N ARG A 86 1.51 3.05 17.32
CA ARG A 86 1.92 3.19 15.92
C ARG A 86 2.20 4.65 15.58
N GLU A 87 1.80 5.56 16.49
CA GLU A 87 2.01 6.99 16.28
C GLU A 87 3.36 7.25 15.64
N ALA A 88 4.42 6.75 16.25
CA ALA A 88 5.78 6.94 15.74
C ALA A 88 5.82 6.69 14.23
N PHE A 89 5.24 5.58 13.80
CA PHE A 89 5.21 5.22 12.38
C PHE A 89 4.37 6.21 11.59
N ALA A 90 3.41 6.84 12.27
CA ALA A 90 2.54 7.81 11.62
C ALA A 90 3.32 9.05 11.16
N GLU A 91 4.10 9.61 12.08
CA GLU A 91 4.91 10.78 11.77
C GLU A 91 5.97 10.46 10.73
N SER A 92 6.74 9.40 10.97
CA SER A 92 7.79 8.99 10.06
C SER A 92 7.22 8.67 8.68
N LEU A 93 6.08 7.97 8.66
CA LEU A 93 5.44 7.60 7.41
C LEU A 93 5.05 8.83 6.60
N ARG A 94 4.40 9.78 7.27
CA ARG A 94 3.98 11.02 6.62
C ARG A 94 5.15 11.69 5.91
N THR A 95 6.26 11.84 6.62
CA THR A 95 7.45 12.46 6.07
C THR A 95 7.93 11.73 4.81
N SER A 96 7.93 10.41 4.87
CA SER A 96 8.37 9.59 3.74
C SER A 96 7.36 9.69 2.59
N LEU A 97 6.09 9.85 2.94
CA LEU A 97 5.03 9.95 1.94
C LEU A 97 5.54 10.68 0.69
N LYS A 98 5.21 10.13 -0.48
CA LYS A 98 5.63 10.72 -1.74
C LYS A 98 4.44 10.88 -2.69
N GLU A 99 4.31 12.07 -3.28
CA GLU A 99 3.22 12.34 -4.20
C GLU A 99 3.72 12.37 -5.64
N ILE A 100 2.91 11.83 -6.55
CA ILE A 100 3.28 11.79 -7.96
C ILE A 100 2.09 12.15 -8.84
N GLY A 101 2.35 12.32 -10.14
CA GLY A 101 1.29 12.68 -11.06
C GLY A 101 1.08 14.18 -11.17
N GLU A 102 0.72 14.65 -12.36
CA GLU A 102 0.49 16.06 -12.58
C GLU A 102 -0.44 16.63 -11.52
N ASN A 103 -0.66 17.95 -11.59
CA ASN A 103 -1.54 18.62 -10.63
C ASN A 103 -2.10 19.91 -11.23
N VAL A 104 -3.06 20.51 -10.53
CA VAL A 104 -3.69 21.75 -10.98
C VAL A 104 -3.99 22.67 -9.81
N HIS A 105 -3.61 23.93 -9.95
CA HIS A 105 -3.84 24.93 -8.91
C HIS A 105 -5.23 24.76 -8.29
N GLY A 1 -20.52 -17.27 -7.43
CA GLY A 1 -19.53 -17.13 -8.48
C GLY A 1 -18.26 -17.92 -8.20
N SER A 2 -17.61 -17.62 -7.08
CA SER A 2 -16.38 -18.31 -6.70
C SER A 2 -15.54 -18.63 -7.93
N SER A 3 -15.46 -17.67 -8.85
CA SER A 3 -14.69 -17.84 -10.07
C SER A 3 -13.18 -17.82 -9.78
N GLY A 4 -12.41 -18.46 -10.65
CA GLY A 4 -10.97 -18.50 -10.47
C GLY A 4 -10.30 -17.22 -10.92
N SER A 5 -9.76 -16.46 -9.97
CA SER A 5 -9.08 -15.20 -10.28
C SER A 5 -7.66 -15.45 -10.76
N SER A 6 -7.41 -15.19 -12.03
CA SER A 6 -6.09 -15.39 -12.62
C SER A 6 -5.28 -14.10 -12.56
N GLY A 7 -4.04 -14.22 -12.09
CA GLY A 7 -3.16 -13.06 -11.98
C GLY A 7 -3.37 -12.30 -10.68
N VAL A 8 -3.07 -11.01 -10.71
CA VAL A 8 -3.22 -10.16 -9.53
C VAL A 8 -4.21 -9.04 -9.78
N GLN A 9 -4.89 -8.60 -8.73
CA GLN A 9 -5.87 -7.53 -8.83
C GLN A 9 -5.90 -6.70 -7.56
N VAL A 10 -6.08 -5.39 -7.72
CA VAL A 10 -6.13 -4.47 -6.58
C VAL A 10 -6.79 -5.14 -5.38
N GLY A 11 -7.98 -5.69 -5.60
CA GLY A 11 -8.71 -6.35 -4.52
C GLY A 11 -7.85 -7.37 -3.78
N ASN A 12 -7.17 -8.21 -4.54
CA ASN A 12 -6.31 -9.24 -3.96
C ASN A 12 -4.84 -8.96 -4.24
N CYS A 13 -4.49 -7.68 -4.28
CA CYS A 13 -3.11 -7.27 -4.54
C CYS A 13 -2.27 -7.32 -3.27
N LEU A 14 -2.91 -7.06 -2.14
CA LEU A 14 -2.22 -7.07 -0.85
C LEU A 14 -1.85 -8.48 -0.45
N GLN A 15 -2.84 -9.37 -0.42
CA GLN A 15 -2.61 -10.76 -0.06
C GLN A 15 -1.45 -11.35 -0.85
N VAL A 16 -1.47 -11.14 -2.17
CA VAL A 16 -0.42 -11.64 -3.03
C VAL A 16 0.94 -11.04 -2.67
N MET A 17 1.07 -9.74 -2.91
CA MET A 17 2.32 -9.04 -2.61
C MET A 17 2.84 -9.42 -1.23
N TRP A 18 1.93 -9.50 -0.27
CA TRP A 18 2.30 -9.85 1.10
C TRP A 18 3.08 -11.15 1.14
N LEU A 19 2.45 -12.24 0.71
CA LEU A 19 3.09 -13.55 0.69
C LEU A 19 4.42 -13.48 -0.04
N ALA A 20 4.46 -12.73 -1.14
CA ALA A 20 5.68 -12.59 -1.93
C ALA A 20 6.82 -12.04 -1.07
N ASP A 21 6.70 -10.78 -0.66
CA ASP A 21 7.71 -10.13 0.16
C ASP A 21 8.00 -10.95 1.41
N ARG A 22 7.02 -11.73 1.84
CA ARG A 22 7.16 -12.56 3.03
C ARG A 22 7.76 -13.91 2.68
N HIS A 23 7.78 -14.23 1.38
CA HIS A 23 8.33 -15.50 0.92
C HIS A 23 9.54 -15.26 0.02
N SER A 24 10.18 -14.11 0.18
CA SER A 24 11.35 -13.76 -0.62
C SER A 24 11.03 -13.85 -2.11
N ASP A 25 9.93 -13.22 -2.51
CA ASP A 25 9.51 -13.22 -3.90
C ASP A 25 9.42 -11.81 -4.44
N PRO A 26 10.51 -11.36 -5.09
CA PRO A 26 10.58 -10.01 -5.68
C PRO A 26 9.67 -9.85 -6.89
N GLU A 27 9.70 -10.84 -7.78
CA GLU A 27 8.88 -10.80 -8.99
C GLU A 27 7.43 -10.46 -8.64
N LEU A 28 6.77 -11.36 -7.91
CA LEU A 28 5.39 -11.15 -7.52
C LEU A 28 5.25 -9.89 -6.67
N TYR A 29 5.95 -9.86 -5.54
CA TYR A 29 5.90 -8.73 -4.64
C TYR A 29 5.89 -7.41 -5.42
N THR A 30 6.82 -7.28 -6.34
CA THR A 30 6.92 -6.07 -7.16
C THR A 30 5.63 -5.81 -7.92
N ALA A 31 5.17 -6.80 -8.68
CA ALA A 31 3.95 -6.68 -9.44
C ALA A 31 2.79 -6.23 -8.56
N ALA A 32 2.34 -7.12 -7.68
CA ALA A 32 1.24 -6.81 -6.76
C ALA A 32 1.44 -5.45 -6.11
N LYS A 33 2.65 -5.20 -5.61
CA LYS A 33 2.97 -3.94 -4.96
C LYS A 33 2.57 -2.75 -5.83
N HIS A 34 3.02 -2.78 -7.08
CA HIS A 34 2.71 -1.70 -8.02
C HIS A 34 1.19 -1.49 -8.11
N CYS A 35 0.45 -2.59 -8.18
CA CYS A 35 -1.01 -2.51 -8.27
C CYS A 35 -1.60 -1.87 -7.03
N ALA A 36 -0.91 -2.01 -5.90
CA ALA A 36 -1.36 -1.44 -4.65
C ALA A 36 -1.07 0.06 -4.58
N LYS A 37 0.19 0.41 -4.75
CA LYS A 37 0.60 1.82 -4.70
C LYS A 37 -0.29 2.67 -5.59
N THR A 38 -0.62 2.14 -6.77
CA THR A 38 -1.48 2.85 -7.72
C THR A 38 -2.91 2.90 -7.24
N HIS A 39 -3.44 1.75 -6.83
CA HIS A 39 -4.81 1.66 -6.33
C HIS A 39 -4.84 1.42 -4.83
N LEU A 40 -4.07 2.22 -4.10
CA LEU A 40 -4.00 2.09 -2.64
C LEU A 40 -5.36 2.37 -2.02
N ALA A 41 -6.03 3.41 -2.50
CA ALA A 41 -7.34 3.78 -1.98
C ALA A 41 -8.23 2.56 -1.80
N GLN A 42 -8.54 1.89 -2.90
CA GLN A 42 -9.37 0.70 -2.86
C GLN A 42 -8.93 -0.24 -1.75
N LEU A 43 -7.69 -0.09 -1.30
CA LEU A 43 -7.15 -0.92 -0.24
C LEU A 43 -7.34 -0.25 1.12
N GLN A 44 -7.07 1.05 1.18
CA GLN A 44 -7.21 1.80 2.42
C GLN A 44 -8.62 1.65 2.99
N ASN A 45 -9.59 1.35 2.13
CA ASN A 45 -10.97 1.18 2.55
C ASN A 45 -11.21 -0.25 3.03
N THR A 46 -10.31 -1.16 2.65
CA THR A 46 -10.43 -2.56 3.03
C THR A 46 -9.71 -2.83 4.34
N GLU A 47 -10.08 -3.92 5.01
CA GLU A 47 -9.47 -4.29 6.27
C GLU A 47 -8.05 -4.81 6.07
N GLU A 48 -7.91 -5.78 5.16
CA GLU A 48 -6.60 -6.36 4.87
C GLU A 48 -5.50 -5.30 4.95
N PHE A 49 -5.62 -4.27 4.13
CA PHE A 49 -4.64 -3.19 4.10
C PHE A 49 -4.32 -2.72 5.52
N LEU A 50 -5.37 -2.41 6.28
CA LEU A 50 -5.20 -1.94 7.65
C LEU A 50 -4.57 -3.02 8.52
N HIS A 51 -4.74 -4.28 8.12
CA HIS A 51 -4.18 -5.41 8.87
C HIS A 51 -2.71 -5.61 8.52
N LEU A 52 -2.28 -5.02 7.40
CA LEU A 52 -0.91 -5.14 6.96
C LEU A 52 0.05 -4.45 7.93
N PRO A 53 1.29 -4.93 7.99
CA PRO A 53 2.32 -4.37 8.88
C PRO A 53 2.76 -2.98 8.45
N HIS A 54 3.82 -2.48 9.07
CA HIS A 54 4.36 -1.16 8.75
C HIS A 54 5.36 -1.24 7.60
N ARG A 55 6.14 -2.32 7.58
CA ARG A 55 7.14 -2.52 6.54
C ARG A 55 6.50 -2.51 5.16
N LEU A 56 5.60 -3.46 4.92
CA LEU A 56 4.91 -3.57 3.64
C LEU A 56 4.23 -2.25 3.27
N LEU A 57 3.61 -1.62 4.27
CA LEU A 57 2.92 -0.35 4.06
C LEU A 57 3.89 0.72 3.57
N THR A 58 4.90 1.01 4.38
CA THR A 58 5.90 2.01 4.04
C THR A 58 6.46 1.77 2.64
N ASP A 59 6.48 0.51 2.23
CA ASP A 59 6.98 0.15 0.91
C ASP A 59 6.08 0.68 -0.20
N ILE A 60 4.79 0.37 -0.09
CA ILE A 60 3.82 0.82 -1.08
C ILE A 60 3.88 2.33 -1.26
N ILE A 61 3.92 3.06 -0.15
CA ILE A 61 3.99 4.52 -0.19
C ILE A 61 5.38 4.99 -0.57
N SER A 62 6.39 4.21 -0.20
CA SER A 62 7.77 4.55 -0.51
C SER A 62 8.02 4.52 -2.01
N ASP A 63 7.26 3.69 -2.71
CA ASP A 63 7.40 3.55 -4.16
C ASP A 63 6.63 4.66 -4.88
N GLY A 64 6.29 5.72 -4.14
CA GLY A 64 5.56 6.82 -4.74
C GLY A 64 4.09 6.51 -4.91
N VAL A 65 3.23 7.49 -4.64
CA VAL A 65 1.79 7.31 -4.78
C VAL A 65 1.17 8.46 -5.55
N PRO A 66 0.30 8.13 -6.51
CA PRO A 66 -0.40 9.12 -7.34
C PRO A 66 -1.43 9.93 -6.55
N CYS A 67 -1.23 11.25 -6.50
CA CYS A 67 -2.14 12.12 -5.77
C CYS A 67 -3.57 11.60 -5.86
N SER A 68 -3.99 11.20 -7.06
CA SER A 68 -5.34 10.69 -7.26
C SER A 68 -5.79 9.84 -6.09
N GLN A 69 -4.94 8.89 -5.69
CA GLN A 69 -5.26 8.01 -4.58
C GLN A 69 -4.80 8.61 -3.25
N ASN A 70 -5.66 9.43 -2.64
CA ASN A 70 -5.33 10.07 -1.38
C ASN A 70 -4.48 9.16 -0.51
N PRO A 71 -3.15 9.40 -0.51
CA PRO A 71 -2.20 8.61 0.28
C PRO A 71 -2.35 8.86 1.77
N THR A 72 -2.35 10.14 2.16
CA THR A 72 -2.48 10.51 3.56
C THR A 72 -3.64 9.79 4.22
N GLU A 73 -4.81 9.84 3.58
CA GLU A 73 -5.99 9.20 4.10
C GLU A 73 -5.69 7.80 4.60
N ALA A 74 -5.03 7.00 3.75
CA ALA A 74 -4.65 5.65 4.11
C ALA A 74 -3.75 5.62 5.34
N ILE A 75 -2.79 6.54 5.38
CA ILE A 75 -1.86 6.62 6.49
C ILE A 75 -2.59 6.90 7.80
N GLU A 76 -3.58 7.79 7.74
CA GLU A 76 -4.35 8.14 8.93
C GLU A 76 -5.16 6.95 9.43
N ALA A 77 -5.68 6.15 8.48
CA ALA A 77 -6.46 4.98 8.83
C ALA A 77 -5.58 3.87 9.38
N TRP A 78 -4.65 3.40 8.56
CA TRP A 78 -3.74 2.33 8.96
C TRP A 78 -3.15 2.62 10.34
N ILE A 79 -2.86 3.89 10.61
CA ILE A 79 -2.30 4.29 11.89
C ILE A 79 -3.37 4.39 12.96
N ASN A 80 -4.42 5.15 12.67
CA ASN A 80 -5.53 5.32 13.60
C ASN A 80 -5.82 4.02 14.35
N PHE A 81 -5.78 2.91 13.62
CA PHE A 81 -6.05 1.61 14.21
C PHE A 81 -5.43 1.50 15.60
N ASN A 82 -4.12 1.71 15.68
CA ASN A 82 -3.40 1.63 16.94
C ASN A 82 -2.47 2.83 17.12
N LYS A 83 -3.01 4.02 16.88
CA LYS A 83 -2.23 5.25 17.02
C LYS A 83 -1.65 5.38 18.42
N GLU A 84 -2.36 4.84 19.40
CA GLU A 84 -1.91 4.89 20.79
C GLU A 84 -0.39 4.67 20.88
N GLU A 85 0.13 3.84 20.00
CA GLU A 85 1.57 3.55 19.97
C GLU A 85 2.13 3.70 18.56
N ARG A 86 1.36 3.26 17.58
CA ARG A 86 1.79 3.35 16.18
C ARG A 86 2.00 4.81 15.77
N GLU A 87 1.55 5.73 16.61
CA GLU A 87 1.68 7.16 16.34
C GLU A 87 3.06 7.46 15.74
N ALA A 88 4.10 7.00 16.41
CA ALA A 88 5.47 7.22 15.95
C ALA A 88 5.59 6.92 14.46
N PHE A 89 5.02 5.79 14.04
CA PHE A 89 5.07 5.39 12.63
C PHE A 89 4.27 6.35 11.76
N ALA A 90 3.29 7.02 12.36
CA ALA A 90 2.46 7.96 11.63
C ALA A 90 3.26 9.20 11.22
N GLU A 91 3.91 9.82 12.20
CA GLU A 91 4.71 11.01 11.94
C GLU A 91 5.83 10.71 10.96
N SER A 92 6.56 9.63 11.23
CA SER A 92 7.68 9.22 10.37
C SER A 92 7.18 8.88 8.97
N LEU A 93 6.08 8.14 8.90
CA LEU A 93 5.51 7.74 7.62
C LEU A 93 5.10 8.95 6.80
N ARG A 94 4.44 9.91 7.45
CA ARG A 94 4.01 11.13 6.78
C ARG A 94 5.19 11.85 6.12
N THR A 95 6.25 12.03 6.89
CA THR A 95 7.44 12.70 6.39
C THR A 95 7.99 12.02 5.14
N SER A 96 8.03 10.68 5.18
CA SER A 96 8.52 9.90 4.06
C SER A 96 7.53 9.94 2.89
N LEU A 97 6.25 9.99 3.21
CA LEU A 97 5.21 10.03 2.19
C LEU A 97 5.66 10.81 0.98
N LYS A 98 5.45 10.26 -0.21
CA LYS A 98 5.83 10.91 -1.46
C LYS A 98 4.66 10.98 -2.43
N GLU A 99 4.49 12.12 -3.08
CA GLU A 99 3.41 12.31 -4.04
C GLU A 99 3.95 12.38 -5.46
N ILE A 100 3.16 11.87 -6.40
CA ILE A 100 3.56 11.88 -7.80
C ILE A 100 2.40 12.28 -8.71
N GLY A 101 2.70 13.03 -9.76
CA GLY A 101 1.67 13.46 -10.69
C GLY A 101 1.32 14.93 -10.51
N GLU A 102 0.03 15.20 -10.33
CA GLU A 102 -0.44 16.57 -10.16
C GLU A 102 0.09 17.16 -8.85
N ASN A 103 1.22 17.84 -8.93
CA ASN A 103 1.83 18.45 -7.75
C ASN A 103 0.82 19.31 -7.00
N VAL A 104 0.18 20.24 -7.71
CA VAL A 104 -0.81 21.12 -7.12
C VAL A 104 -2.12 20.38 -6.85
N HIS A 105 -2.28 19.91 -5.61
CA HIS A 105 -3.49 19.18 -5.23
C HIS A 105 -3.99 18.31 -6.37
#